data_5VVC
#
_entry.id   5VVC
#
_cell.length_a   59.330
_cell.length_b   152.620
_cell.length_c   108.740
_cell.angle_alpha   90.00
_cell.angle_beta   90.57
_cell.angle_gamma   90.00
#
_symmetry.space_group_name_H-M   'P 1 21 1'
#
loop_
_entity.id
_entity.type
_entity.pdbx_description
1 polymer 'Nitric oxide synthase, endothelial'
2 non-polymer 'PROTOPORPHYRIN IX CONTAINING FE'
3 non-polymer 5,6,7,8-TETRAHYDROBIOPTERIN
4 non-polymer 4-(2-{[(2-amino-4-methylquinolin-7-yl)methyl]amino}ethyl)-2-methylbenzonitrile
5 non-polymer 2-[BIS-(2-HYDROXY-ETHYL)-AMINO]-2-HYDROXYMETHYL-PROPANE-1,3-DIOL
6 non-polymer 'ZINC ION'
7 non-polymer GLYCEROL
8 non-polymer 'CHLORIDE ION'
9 non-polymer 'GADOLINIUM ATOM'
10 water water
#
_entity_poly.entity_id   1
_entity_poly.type   'polypeptide(L)'
_entity_poly.pdbx_seq_one_letter_code
;APASLLPPAPEHSPPSSPLTQPPEGPKFPRVKNWEVGSITYDTLSAQAQQDGPCTPRRCLGSLVFPRKLQGRPSPGPPAP
EQLLSQARDFINQYYSSIKRSGSQAHEQRLQEVEAEVAATGTYQLRESELVFGAKQAWRNAPRCVGRIQWGKLQVFDARD
CRSAQEMFTYICNHIKYATNRGNLRSAITVFPQRCPGRGDFRIWNSQLVRYAGYRQQDGSVRGDPANVEITELCIQHGWT
PGNGRFDVLPLLLQAPDEPPELFLLPPELVLEVPLEHPTLEWFAALGLRWYALPAVSNMLLEIGGLEFPAAPFSGWYMST
EIGTRNLCDPHRYNILEDVAVCMDLDTRTTSSLWKDKAAVEINVAVLHSYQLAKVTIVDHHAATASFMKHLENEQKARGG
CPADWAWIVPPISGSLTPVFHQEMVNYFLSPAFRYQPDPW
;
_entity_poly.pdbx_strand_id   A,B,C,D
#
loop_
_chem_comp.id
_chem_comp.type
_chem_comp.name
_chem_comp.formula
9OJ non-polymer 4-(2-{[(2-amino-4-methylquinolin-7-yl)methyl]amino}ethyl)-2-methylbenzonitrile 'C21 H22 N4'
BTB non-polymer 2-[BIS-(2-HYDROXY-ETHYL)-AMINO]-2-HYDROXYMETHYL-PROPANE-1,3-DIOL 'C8 H19 N O5'
CL non-polymer 'CHLORIDE ION' 'Cl -1'
GD non-polymer 'GADOLINIUM ATOM' Gd
GOL non-polymer GLYCEROL 'C3 H8 O3'
H4B non-polymer 5,6,7,8-TETRAHYDROBIOPTERIN 'C9 H15 N5 O3'
HEM non-polymer 'PROTOPORPHYRIN IX CONTAINING FE' 'C34 H32 Fe N4 O4'
ZN non-polymer 'ZINC ION' 'Zn 2'
#
# COMPACT_ATOMS: atom_id res chain seq x y z
N PHE A 28 -43.51 -22.73 -12.30
CA PHE A 28 -42.76 -21.51 -12.59
C PHE A 28 -41.71 -21.21 -11.52
N PRO A 29 -40.43 -21.52 -11.81
CA PRO A 29 -39.34 -21.42 -10.84
C PRO A 29 -39.24 -20.06 -10.14
N ARG A 30 -39.29 -20.08 -8.82
CA ARG A 30 -39.02 -18.90 -8.00
C ARG A 30 -37.50 -18.67 -8.03
N VAL A 31 -37.08 -17.56 -8.63
CA VAL A 31 -35.67 -17.18 -8.66
C VAL A 31 -35.43 -16.00 -7.73
N LYS A 32 -34.44 -16.11 -6.85
CA LYS A 32 -34.15 -15.05 -5.90
C LYS A 32 -32.79 -14.38 -6.16
N ASN A 33 -32.71 -13.08 -5.90
CA ASN A 33 -31.40 -12.44 -5.80
C ASN A 33 -31.10 -12.17 -4.34
N TRP A 34 -29.92 -12.60 -3.90
CA TRP A 34 -29.60 -12.58 -2.47
C TRP A 34 -28.81 -11.36 -2.03
N GLU A 35 -28.52 -10.46 -2.96
CA GLU A 35 -27.73 -9.29 -2.62
C GLU A 35 -28.69 -8.17 -2.30
N VAL A 36 -29.86 -8.26 -2.91
CA VAL A 36 -30.84 -7.20 -2.83
C VAL A 36 -32.14 -7.72 -2.22
N GLY A 37 -32.38 -9.04 -2.36
CA GLY A 37 -33.56 -9.68 -1.80
C GLY A 37 -34.76 -9.75 -2.72
N SER A 38 -34.56 -9.43 -4.00
CA SER A 38 -35.66 -9.39 -4.96
C SER A 38 -36.06 -10.78 -5.44
N ILE A 39 -37.27 -10.92 -5.95
CA ILE A 39 -37.78 -12.22 -6.40
C ILE A 39 -38.47 -12.09 -7.76
N THR A 40 -38.16 -13.02 -8.66
CA THR A 40 -38.83 -13.08 -9.96
C THR A 40 -39.25 -14.51 -10.28
N TYR A 41 -40.08 -14.68 -11.30
CA TYR A 41 -40.44 -16.00 -11.76
C TYR A 41 -40.04 -16.20 -13.22
N ASP A 42 -39.42 -17.34 -13.51
CA ASP A 42 -39.02 -17.68 -14.88
C ASP A 42 -40.14 -18.42 -15.61
N THR A 43 -41.04 -17.65 -16.23
CA THR A 43 -42.12 -18.22 -17.03
C THR A 43 -41.63 -18.68 -18.40
N LEU A 44 -40.46 -18.19 -18.82
CA LEU A 44 -39.93 -18.54 -20.13
C LEU A 44 -39.44 -19.98 -20.17
N SER A 45 -38.97 -20.46 -19.02
CA SER A 45 -38.49 -21.83 -18.88
C SER A 45 -39.57 -22.80 -19.31
N ALA A 46 -40.82 -22.41 -19.10
CA ALA A 46 -41.97 -23.24 -19.43
C ALA A 46 -41.97 -23.66 -20.89
N GLN A 47 -41.52 -22.77 -21.77
CA GLN A 47 -41.54 -23.03 -23.19
C GLN A 47 -40.24 -23.65 -23.70
N ALA A 48 -39.46 -24.20 -22.78
CA ALA A 48 -38.21 -24.89 -23.12
C ALA A 48 -38.50 -26.22 -23.79
N GLN A 49 -37.64 -26.61 -24.72
CA GLN A 49 -37.82 -27.86 -25.43
C GLN A 49 -36.67 -28.86 -25.21
N GLN A 50 -35.65 -28.77 -26.07
CA GLN A 50 -34.57 -29.75 -26.14
C GLN A 50 -33.96 -30.13 -24.77
N ASP A 51 -34.58 -31.13 -24.13
CA ASP A 51 -34.24 -31.57 -22.78
C ASP A 51 -32.76 -31.59 -22.42
N GLY A 52 -32.43 -31.01 -21.27
CA GLY A 52 -31.07 -30.99 -20.77
C GLY A 52 -30.63 -32.31 -20.16
N PRO A 53 -29.58 -32.27 -19.33
CA PRO A 53 -28.96 -33.49 -18.77
C PRO A 53 -29.44 -33.85 -17.37
N CYS A 54 -30.01 -32.89 -16.66
CA CYS A 54 -30.34 -33.06 -15.26
C CYS A 54 -31.65 -33.80 -15.05
N THR A 55 -31.73 -34.52 -13.92
CA THR A 55 -32.93 -35.27 -13.52
C THR A 55 -33.26 -34.92 -12.07
N PRO A 56 -34.46 -35.27 -11.59
CA PRO A 56 -34.77 -35.01 -10.17
C PRO A 56 -33.77 -35.68 -9.21
N ARG A 57 -33.12 -36.76 -9.64
CA ARG A 57 -32.21 -37.48 -8.76
C ARG A 57 -30.73 -37.01 -8.76
N ARG A 58 -30.31 -36.27 -9.78
CA ARG A 58 -28.93 -35.78 -9.83
C ARG A 58 -28.76 -34.59 -10.77
N CYS A 59 -28.03 -33.58 -10.32
CA CYS A 59 -27.79 -32.40 -11.13
C CYS A 59 -26.43 -32.51 -11.79
N LEU A 60 -26.41 -32.25 -13.09
CA LEU A 60 -25.18 -32.30 -13.87
C LEU A 60 -24.96 -30.97 -14.56
N GLY A 61 -25.44 -29.90 -13.96
CA GLY A 61 -25.33 -28.57 -14.54
C GLY A 61 -23.90 -28.10 -14.71
N SER A 62 -22.96 -28.83 -14.12
CA SER A 62 -21.56 -28.46 -14.13
C SER A 62 -20.80 -29.19 -15.23
N LEU A 63 -21.52 -29.95 -16.05
CA LEU A 63 -20.91 -30.62 -17.21
C LEU A 63 -20.62 -29.61 -18.33
N VAL A 64 -19.53 -29.82 -19.07
CA VAL A 64 -19.19 -28.92 -20.17
C VAL A 64 -20.03 -29.25 -21.40
N PHE A 65 -20.12 -30.54 -21.72
CA PHE A 65 -21.02 -31.02 -22.77
C PHE A 65 -22.28 -31.61 -22.15
N PRO A 66 -23.40 -30.84 -22.15
CA PRO A 66 -24.69 -31.30 -21.62
C PRO A 66 -25.26 -32.46 -22.44
N ARG A 67 -25.71 -32.16 -23.65
CA ARG A 67 -26.25 -33.16 -24.55
C ARG A 67 -25.14 -33.72 -25.43
N LYS A 68 -24.75 -34.97 -25.19
CA LYS A 68 -23.66 -35.60 -25.93
C LYS A 68 -23.98 -35.77 -27.42
N LEU A 69 -22.92 -35.78 -28.23
CA LEU A 69 -23.03 -35.70 -29.68
C LEU A 69 -22.96 -37.09 -30.33
N ALA A 79 -40.70 -38.88 -42.43
CA ALA A 79 -39.62 -38.89 -41.44
C ALA A 79 -38.97 -37.52 -41.17
N PRO A 80 -38.76 -36.70 -42.21
CA PRO A 80 -38.34 -35.33 -41.89
C PRO A 80 -39.53 -34.42 -41.57
N GLU A 81 -40.52 -34.94 -40.84
CA GLU A 81 -41.66 -34.12 -40.44
C GLU A 81 -41.31 -33.37 -39.16
N GLN A 82 -40.15 -33.69 -38.62
CA GLN A 82 -39.58 -32.97 -37.48
C GLN A 82 -39.06 -31.62 -37.95
N LEU A 83 -38.74 -31.54 -39.24
CA LEU A 83 -38.22 -30.32 -39.81
C LEU A 83 -39.30 -29.24 -39.80
N LEU A 84 -40.53 -29.62 -40.15
CA LEU A 84 -41.63 -28.68 -40.26
C LEU A 84 -42.05 -28.10 -38.92
N SER A 85 -42.17 -28.97 -37.92
CA SER A 85 -42.60 -28.53 -36.59
C SER A 85 -41.62 -27.52 -35.99
N GLN A 86 -40.32 -27.78 -36.14
CA GLN A 86 -39.31 -26.82 -35.71
C GLN A 86 -39.40 -25.54 -36.53
N ALA A 87 -39.82 -25.68 -37.78
CA ALA A 87 -39.85 -24.56 -38.73
C ALA A 87 -41.01 -23.61 -38.49
N ARG A 88 -42.19 -24.16 -38.24
CA ARG A 88 -43.36 -23.32 -37.98
C ARG A 88 -43.16 -22.52 -36.68
N ASP A 89 -42.55 -23.15 -35.69
CA ASP A 89 -42.27 -22.51 -34.40
C ASP A 89 -41.40 -21.26 -34.55
N PHE A 90 -40.32 -21.38 -35.31
CA PHE A 90 -39.44 -20.24 -35.54
C PHE A 90 -40.14 -19.13 -36.30
N ILE A 91 -40.90 -19.50 -37.33
CA ILE A 91 -41.65 -18.54 -38.14
C ILE A 91 -42.67 -17.77 -37.32
N ASN A 92 -43.37 -18.48 -36.44
CA ASN A 92 -44.35 -17.87 -35.55
C ASN A 92 -43.72 -16.84 -34.63
N GLN A 93 -42.59 -17.17 -34.01
CA GLN A 93 -41.91 -16.23 -33.14
C GLN A 93 -41.26 -15.09 -33.96
N TYR A 94 -41.05 -15.32 -35.25
CA TYR A 94 -40.53 -14.27 -36.13
C TYR A 94 -41.54 -13.16 -36.28
N TYR A 95 -42.77 -13.54 -36.63
CA TYR A 95 -43.83 -12.56 -36.83
C TYR A 95 -44.30 -11.97 -35.50
N SER A 96 -44.25 -12.80 -34.45
CA SER A 96 -44.49 -12.35 -33.08
C SER A 96 -43.64 -11.15 -32.78
N SER A 97 -42.35 -11.26 -33.10
CA SER A 97 -41.37 -10.19 -32.83
C SER A 97 -41.56 -8.91 -33.64
N ILE A 98 -42.30 -8.98 -34.74
CA ILE A 98 -42.56 -7.78 -35.53
C ILE A 98 -44.03 -7.36 -35.44
N LYS A 99 -44.72 -7.95 -34.47
CA LYS A 99 -46.16 -7.71 -34.23
C LYS A 99 -47.07 -8.42 -35.23
N ARG A 100 -46.60 -8.55 -36.47
CA ARG A 100 -47.46 -9.04 -37.55
C ARG A 100 -47.80 -10.54 -37.48
N SER A 101 -48.12 -11.01 -36.27
CA SER A 101 -48.69 -12.35 -36.12
C SER A 101 -50.20 -12.23 -36.33
N GLY A 102 -50.79 -13.27 -36.92
CA GLY A 102 -52.19 -13.21 -37.30
C GLY A 102 -52.38 -12.39 -38.56
N SER A 103 -52.98 -13.01 -39.57
CA SER A 103 -53.26 -12.37 -40.85
C SER A 103 -51.99 -11.88 -41.55
N GLN A 104 -52.16 -11.21 -42.70
CA GLN A 104 -51.04 -10.62 -43.43
C GLN A 104 -50.11 -11.76 -43.95
N ALA A 105 -48.86 -11.44 -44.22
CA ALA A 105 -47.90 -12.39 -44.75
C ALA A 105 -47.56 -13.50 -43.78
N HIS A 106 -47.96 -13.35 -42.52
CA HIS A 106 -47.74 -14.40 -41.51
C HIS A 106 -48.46 -15.66 -41.94
N GLU A 107 -49.78 -15.54 -42.10
CA GLU A 107 -50.62 -16.58 -42.67
C GLU A 107 -49.91 -17.12 -43.90
N GLN A 108 -49.62 -16.22 -44.83
CA GLN A 108 -48.96 -16.53 -46.09
C GLN A 108 -47.63 -17.30 -45.97
N ARG A 109 -46.72 -16.79 -45.14
CA ARG A 109 -45.36 -17.35 -45.00
C ARG A 109 -45.36 -18.81 -44.53
N LEU A 110 -46.40 -19.22 -43.82
CA LEU A 110 -46.46 -20.60 -43.35
C LEU A 110 -46.59 -21.57 -44.53
N GLN A 111 -47.28 -21.12 -45.57
CA GLN A 111 -47.51 -21.97 -46.74
C GLN A 111 -46.25 -22.18 -47.56
N GLU A 112 -45.52 -21.10 -47.81
CA GLU A 112 -44.28 -21.17 -48.57
C GLU A 112 -43.31 -22.19 -47.99
N VAL A 113 -43.02 -22.08 -46.69
CA VAL A 113 -42.17 -23.04 -46.00
C VAL A 113 -42.77 -24.44 -46.15
N GLU A 114 -44.08 -24.57 -45.91
CA GLU A 114 -44.77 -25.84 -46.05
C GLU A 114 -44.49 -26.43 -47.44
N ALA A 115 -44.83 -25.67 -48.48
CA ALA A 115 -44.66 -26.10 -49.86
C ALA A 115 -43.20 -26.40 -50.21
N GLU A 116 -42.31 -25.50 -49.81
CA GLU A 116 -40.86 -25.68 -49.99
C GLU A 116 -40.38 -27.05 -49.51
N VAL A 117 -40.64 -27.36 -48.24
CA VAL A 117 -40.27 -28.64 -47.64
C VAL A 117 -41.02 -29.82 -48.28
N ALA A 118 -42.31 -29.62 -48.54
CA ALA A 118 -43.10 -30.64 -49.21
C ALA A 118 -42.45 -31.04 -50.53
N ALA A 119 -42.07 -30.05 -51.33
CA ALA A 119 -41.39 -30.29 -52.61
C ALA A 119 -39.96 -30.78 -52.43
N THR A 120 -39.13 -29.96 -51.78
CA THR A 120 -37.68 -30.20 -51.76
C THR A 120 -37.21 -31.13 -50.66
N GLY A 121 -37.73 -30.93 -49.45
CA GLY A 121 -37.31 -31.71 -48.31
C GLY A 121 -36.77 -30.79 -47.24
N THR A 122 -35.95 -29.83 -47.66
CA THR A 122 -35.46 -28.77 -46.79
C THR A 122 -36.18 -27.48 -47.16
N TYR A 123 -35.82 -26.37 -46.52
CA TYR A 123 -36.37 -25.08 -46.92
C TYR A 123 -35.34 -23.94 -46.81
N GLN A 124 -35.61 -22.83 -47.48
CA GLN A 124 -34.71 -21.66 -47.39
C GLN A 124 -35.30 -20.56 -46.50
N LEU A 125 -34.45 -19.95 -45.69
CA LEU A 125 -34.86 -18.84 -44.85
C LEU A 125 -34.76 -17.53 -45.62
N ARG A 126 -35.80 -16.70 -45.53
CA ARG A 126 -35.71 -15.32 -45.99
C ARG A 126 -34.56 -14.65 -45.26
N GLU A 127 -33.93 -13.67 -45.91
CA GLU A 127 -32.73 -13.04 -45.35
C GLU A 127 -33.01 -12.38 -43.99
N SER A 128 -34.17 -11.75 -43.86
CA SER A 128 -34.52 -11.07 -42.62
C SER A 128 -34.72 -12.07 -41.49
N GLU A 129 -35.23 -13.24 -41.86
CA GLU A 129 -35.42 -14.35 -40.92
C GLU A 129 -34.08 -14.83 -40.39
N LEU A 130 -33.13 -15.03 -41.31
CA LEU A 130 -31.80 -15.52 -40.94
C LEU A 130 -31.12 -14.54 -39.99
N VAL A 131 -31.46 -13.26 -40.08
CA VAL A 131 -30.87 -12.24 -39.22
C VAL A 131 -31.58 -12.27 -37.87
N PHE A 132 -32.89 -12.48 -37.92
CA PHE A 132 -33.66 -12.61 -36.70
C PHE A 132 -33.20 -13.83 -35.90
N GLY A 133 -33.07 -14.96 -36.59
CA GLY A 133 -32.67 -16.21 -35.96
C GLY A 133 -31.28 -16.16 -35.34
N ALA A 134 -30.32 -15.62 -36.09
CA ALA A 134 -28.94 -15.53 -35.63
C ALA A 134 -28.87 -14.74 -34.33
N LYS A 135 -29.66 -13.66 -34.24
CA LYS A 135 -29.69 -12.83 -33.05
C LYS A 135 -30.37 -13.54 -31.89
N GLN A 136 -31.40 -14.31 -32.22
CA GLN A 136 -32.14 -15.05 -31.21
C GLN A 136 -31.24 -16.11 -30.60
N ALA A 137 -30.52 -16.82 -31.45
CA ALA A 137 -29.58 -17.84 -30.99
C ALA A 137 -28.56 -17.27 -30.01
N TRP A 138 -28.06 -16.08 -30.30
CA TRP A 138 -27.20 -15.35 -29.36
C TRP A 138 -27.96 -15.08 -28.07
N ARG A 139 -29.18 -14.57 -28.19
CA ARG A 139 -30.02 -14.18 -27.05
C ARG A 139 -30.40 -15.38 -26.15
N ASN A 140 -30.24 -16.59 -26.68
CA ASN A 140 -30.63 -17.82 -26.06
C ASN A 140 -29.46 -18.64 -25.54
N ALA A 141 -28.25 -18.13 -25.77
CA ALA A 141 -27.03 -18.80 -25.35
C ALA A 141 -26.81 -18.61 -23.84
N PRO A 142 -27.03 -19.68 -23.06
CA PRO A 142 -27.08 -19.52 -21.60
C PRO A 142 -25.73 -19.15 -21.02
N ARG A 143 -24.65 -19.63 -21.63
CA ARG A 143 -23.30 -19.45 -21.11
C ARG A 143 -22.61 -18.14 -21.53
N CYS A 144 -23.31 -17.31 -22.30
CA CYS A 144 -22.74 -16.04 -22.73
C CYS A 144 -23.18 -14.87 -21.84
N VAL A 145 -22.19 -14.13 -21.31
CA VAL A 145 -22.42 -12.98 -20.44
C VAL A 145 -22.49 -11.64 -21.19
N GLY A 146 -22.31 -11.68 -22.52
CA GLY A 146 -22.33 -10.47 -23.30
C GLY A 146 -23.67 -10.19 -23.95
N ARG A 147 -24.69 -10.93 -23.55
CA ARG A 147 -25.97 -10.86 -24.24
C ARG A 147 -26.68 -9.50 -24.19
N ILE A 148 -26.18 -8.55 -23.39
CA ILE A 148 -26.80 -7.23 -23.35
C ILE A 148 -26.65 -6.58 -24.74
N GLN A 149 -25.76 -7.17 -25.54
CA GLN A 149 -25.41 -6.67 -26.86
C GLN A 149 -26.14 -7.42 -27.95
N TRP A 150 -26.99 -8.36 -27.56
CA TRP A 150 -27.51 -9.33 -28.51
C TRP A 150 -28.23 -8.68 -29.68
N GLY A 151 -28.72 -7.47 -29.49
CA GLY A 151 -29.48 -6.79 -30.53
C GLY A 151 -28.63 -6.18 -31.65
N LYS A 152 -27.38 -5.91 -31.34
CA LYS A 152 -26.47 -5.29 -32.27
C LYS A 152 -25.53 -6.38 -32.74
N LEU A 153 -25.83 -6.95 -33.91
CA LEU A 153 -25.05 -8.04 -34.47
C LEU A 153 -25.10 -7.96 -35.99
N GLN A 154 -23.93 -8.04 -36.63
CA GLN A 154 -23.88 -7.94 -38.08
C GLN A 154 -23.82 -9.32 -38.73
N VAL A 155 -24.87 -9.65 -39.48
CA VAL A 155 -24.95 -10.95 -40.15
C VAL A 155 -24.53 -10.85 -41.61
N PHE A 156 -23.60 -11.71 -42.01
CA PHE A 156 -23.14 -11.77 -43.39
C PHE A 156 -23.58 -13.06 -44.04
N ASP A 157 -24.48 -12.95 -45.01
CA ASP A 157 -25.10 -14.10 -45.66
C ASP A 157 -24.22 -14.71 -46.77
N ALA A 158 -23.58 -15.83 -46.44
CA ALA A 158 -22.74 -16.54 -47.39
C ALA A 158 -23.34 -17.87 -47.79
N ARG A 159 -24.66 -17.92 -47.92
CA ARG A 159 -25.34 -19.15 -48.31
C ARG A 159 -25.10 -19.46 -49.78
N ASP A 160 -24.58 -18.49 -50.51
CA ASP A 160 -24.21 -18.71 -51.90
C ASP A 160 -22.71 -18.99 -52.03
N CYS A 161 -22.08 -19.37 -50.92
CA CYS A 161 -20.69 -19.82 -50.94
C CYS A 161 -20.65 -21.21 -51.56
N ARG A 162 -19.55 -21.52 -52.24
CA ARG A 162 -19.49 -22.76 -52.98
C ARG A 162 -18.09 -23.38 -53.03
N SER A 163 -17.08 -22.65 -52.57
CA SER A 163 -15.70 -23.15 -52.61
C SER A 163 -14.94 -22.87 -51.32
N ALA A 164 -13.86 -23.61 -51.12
CA ALA A 164 -12.96 -23.38 -49.99
C ALA A 164 -12.27 -22.04 -50.14
N GLN A 165 -11.90 -21.72 -51.37
CA GLN A 165 -11.34 -20.43 -51.68
C GLN A 165 -12.37 -19.34 -51.41
N GLU A 166 -13.63 -19.69 -51.67
CA GLU A 166 -14.74 -18.78 -51.44
C GLU A 166 -15.01 -18.59 -49.94
N MET A 167 -14.98 -19.68 -49.19
CA MET A 167 -15.11 -19.61 -47.73
C MET A 167 -14.05 -18.68 -47.19
N PHE A 168 -12.83 -18.88 -47.67
CA PHE A 168 -11.69 -18.15 -47.16
C PHE A 168 -11.89 -16.64 -47.22
N THR A 169 -12.37 -16.16 -48.35
CA THR A 169 -12.54 -14.72 -48.53
C THR A 169 -13.63 -14.18 -47.63
N TYR A 170 -14.74 -14.92 -47.56
CA TYR A 170 -15.84 -14.63 -46.64
C TYR A 170 -15.34 -14.49 -45.21
N ILE A 171 -14.46 -15.39 -44.82
CA ILE A 171 -13.88 -15.37 -43.50
C ILE A 171 -13.08 -14.10 -43.36
N CYS A 172 -12.42 -13.73 -44.45
CA CYS A 172 -11.50 -12.60 -44.42
C CYS A 172 -12.16 -11.21 -44.44
N ASN A 173 -13.37 -11.11 -44.99
CA ASN A 173 -14.19 -9.91 -44.82
C ASN A 173 -14.63 -9.79 -43.36
N HIS A 174 -15.24 -10.86 -42.85
CA HIS A 174 -15.63 -10.95 -41.45
C HIS A 174 -14.56 -10.44 -40.50
N ILE A 175 -13.41 -11.12 -40.50
CA ILE A 175 -12.29 -10.73 -39.65
C ILE A 175 -11.97 -9.25 -39.81
N LYS A 176 -11.97 -8.78 -41.06
CA LYS A 176 -11.75 -7.36 -41.33
C LYS A 176 -12.87 -6.49 -40.77
N TYR A 177 -14.13 -6.83 -41.03
CA TYR A 177 -15.24 -6.06 -40.48
C TYR A 177 -15.24 -6.13 -38.95
N ALA A 178 -15.05 -7.33 -38.42
CA ALA A 178 -15.10 -7.53 -36.98
C ALA A 178 -13.99 -6.73 -36.31
N THR A 179 -12.75 -6.98 -36.72
CA THR A 179 -11.61 -6.31 -36.11
C THR A 179 -11.73 -4.79 -36.19
N ASN A 180 -11.91 -4.27 -37.41
CA ASN A 180 -12.17 -2.85 -37.61
C ASN A 180 -11.13 -1.98 -36.88
N ARG A 181 -9.86 -2.36 -36.98
CA ARG A 181 -8.76 -1.59 -36.43
C ARG A 181 -8.87 -1.50 -34.89
N GLY A 182 -9.48 -2.52 -34.29
CA GLY A 182 -9.56 -2.58 -32.85
C GLY A 182 -10.80 -1.94 -32.25
N ASN A 183 -11.69 -1.45 -33.11
CA ASN A 183 -13.01 -1.04 -32.64
C ASN A 183 -13.98 -2.19 -32.92
N LEU A 184 -13.91 -3.21 -32.08
CA LEU A 184 -14.51 -4.51 -32.42
C LEU A 184 -16.03 -4.49 -32.58
N ARG A 185 -16.51 -5.29 -33.52
CA ARG A 185 -17.92 -5.28 -33.85
C ARG A 185 -18.44 -6.71 -34.00
N SER A 186 -19.45 -7.07 -33.21
CA SER A 186 -20.00 -8.42 -33.24
C SER A 186 -20.45 -8.77 -34.66
N ALA A 187 -20.00 -9.93 -35.13
CA ALA A 187 -20.38 -10.39 -36.46
C ALA A 187 -20.56 -11.91 -36.48
N ILE A 188 -21.51 -12.36 -37.28
CA ILE A 188 -21.59 -13.76 -37.63
C ILE A 188 -21.57 -13.89 -39.15
N THR A 189 -20.94 -14.95 -39.65
CA THR A 189 -20.98 -15.26 -41.08
C THR A 189 -21.60 -16.63 -41.26
N VAL A 190 -22.73 -16.69 -41.97
CA VAL A 190 -23.46 -17.95 -42.13
C VAL A 190 -23.22 -18.57 -43.50
N PHE A 191 -22.77 -19.83 -43.50
CA PHE A 191 -22.51 -20.55 -44.73
C PHE A 191 -23.68 -21.52 -44.98
N PRO A 192 -23.75 -22.13 -46.19
CA PRO A 192 -24.92 -22.94 -46.54
C PRO A 192 -25.40 -23.93 -45.49
N GLN A 193 -26.72 -24.03 -45.36
CA GLN A 193 -27.34 -24.99 -44.47
C GLN A 193 -27.06 -26.41 -44.96
N ARG A 194 -26.58 -27.26 -44.06
CA ARG A 194 -26.40 -28.67 -44.35
C ARG A 194 -27.66 -29.22 -45.04
N CYS A 195 -27.46 -29.97 -46.12
CA CYS A 195 -28.58 -30.43 -46.92
C CYS A 195 -28.60 -31.96 -46.94
N PRO A 196 -29.78 -32.55 -47.19
CA PRO A 196 -29.91 -34.01 -47.19
C PRO A 196 -29.05 -34.63 -48.28
N GLY A 197 -28.12 -35.49 -47.87
CA GLY A 197 -27.18 -36.07 -48.82
C GLY A 197 -26.11 -35.05 -49.17
N ARG A 198 -24.89 -35.52 -49.40
CA ARG A 198 -23.73 -34.68 -49.72
C ARG A 198 -23.21 -33.80 -48.56
N GLY A 199 -21.89 -33.66 -48.52
CA GLY A 199 -21.20 -33.18 -47.33
C GLY A 199 -21.42 -31.77 -46.84
N ASP A 200 -20.73 -31.45 -45.74
CA ASP A 200 -20.88 -30.18 -45.02
C ASP A 200 -19.86 -29.14 -45.42
N PHE A 201 -20.17 -27.89 -45.14
CA PHE A 201 -19.17 -26.85 -45.02
C PHE A 201 -18.71 -26.86 -43.58
N ARG A 202 -17.42 -26.75 -43.33
CA ARG A 202 -16.94 -26.78 -41.96
C ARG A 202 -15.55 -26.20 -41.78
N ILE A 203 -15.34 -25.50 -40.67
CA ILE A 203 -14.02 -24.98 -40.32
C ILE A 203 -13.39 -25.87 -39.25
N TRP A 204 -12.13 -26.24 -39.47
CA TRP A 204 -11.45 -27.20 -38.61
C TRP A 204 -10.79 -26.60 -37.36
N ASN A 205 -10.54 -25.31 -37.36
CA ASN A 205 -10.06 -24.66 -36.15
C ASN A 205 -11.27 -24.41 -35.25
N SER A 206 -11.04 -24.35 -33.94
CA SER A 206 -12.11 -24.02 -33.01
C SER A 206 -12.39 -22.52 -33.07
N GLN A 207 -11.33 -21.74 -33.21
CA GLN A 207 -11.44 -20.30 -33.47
C GLN A 207 -10.82 -19.91 -34.82
N LEU A 208 -11.02 -18.66 -35.23
CA LEU A 208 -10.33 -18.16 -36.42
C LEU A 208 -8.87 -17.87 -36.11
N VAL A 209 -8.62 -17.29 -34.94
CA VAL A 209 -7.25 -17.09 -34.49
C VAL A 209 -6.86 -18.06 -33.37
N ARG A 210 -5.83 -18.87 -33.63
CA ARG A 210 -5.36 -19.86 -32.68
C ARG A 210 -3.84 -19.96 -32.72
N TYR A 211 -3.20 -19.95 -31.56
CA TYR A 211 -1.75 -20.11 -31.47
C TYR A 211 -1.35 -21.58 -31.53
N ALA A 212 -0.17 -21.84 -32.08
CA ALA A 212 0.26 -23.23 -32.28
C ALA A 212 0.66 -23.95 -31.00
N GLY A 213 0.54 -25.27 -31.00
CA GLY A 213 0.97 -26.09 -29.88
C GLY A 213 1.85 -27.26 -30.29
N TYR A 214 3.13 -27.18 -29.95
CA TYR A 214 4.10 -28.15 -30.42
C TYR A 214 4.55 -29.12 -29.32
N ARG A 215 4.47 -30.42 -29.58
CA ARG A 215 4.98 -31.43 -28.65
C ARG A 215 6.50 -31.51 -28.72
N GLN A 216 7.08 -32.50 -28.04
CA GLN A 216 8.53 -32.79 -28.12
C GLN A 216 8.99 -34.08 -27.42
N GLN A 217 10.31 -34.15 -27.23
CA GLN A 217 10.96 -35.23 -26.49
C GLN A 217 10.41 -35.29 -25.08
N ASP A 218 10.25 -34.13 -24.46
CA ASP A 218 9.69 -34.04 -23.12
C ASP A 218 8.25 -34.54 -23.09
N GLY A 219 7.56 -34.39 -24.21
CA GLY A 219 6.13 -34.64 -24.24
C GLY A 219 5.39 -33.41 -23.74
N SER A 220 6.16 -32.41 -23.35
CA SER A 220 5.59 -31.11 -22.98
C SER A 220 5.31 -30.32 -24.25
N VAL A 221 4.80 -29.11 -24.09
CA VAL A 221 4.32 -28.35 -25.25
C VAL A 221 4.80 -26.91 -25.25
N ARG A 222 5.48 -26.54 -26.33
CA ARG A 222 5.79 -25.13 -26.59
C ARG A 222 4.59 -24.53 -27.33
N GLY A 223 4.15 -23.36 -26.90
CA GLY A 223 2.93 -22.76 -27.41
C GLY A 223 1.72 -22.98 -26.51
N ASP A 224 0.54 -23.00 -27.13
CA ASP A 224 -0.74 -23.18 -26.45
C ASP A 224 -1.16 -24.64 -26.55
N PRO A 225 -1.23 -25.34 -25.41
CA PRO A 225 -1.59 -26.76 -25.36
C PRO A 225 -3.03 -27.02 -25.78
N ALA A 226 -3.90 -26.03 -25.70
CA ALA A 226 -5.28 -26.23 -26.14
C ALA A 226 -5.36 -26.57 -27.62
N ASN A 227 -4.36 -26.13 -28.39
CA ASN A 227 -4.39 -26.26 -29.83
C ASN A 227 -3.32 -27.19 -30.37
N VAL A 228 -2.96 -28.18 -29.56
CA VAL A 228 -1.90 -29.11 -29.92
C VAL A 228 -2.30 -30.02 -31.07
N GLU A 229 -3.53 -30.52 -31.02
CA GLU A 229 -4.00 -31.48 -32.00
C GLU A 229 -4.32 -30.84 -33.37
N ILE A 230 -4.86 -29.62 -33.34
CA ILE A 230 -5.16 -28.92 -34.57
C ILE A 230 -3.86 -28.45 -35.23
N THR A 231 -2.80 -28.30 -34.42
CA THR A 231 -1.45 -28.07 -34.92
C THR A 231 -0.94 -29.34 -35.59
N GLU A 232 -1.17 -30.47 -34.91
CA GLU A 232 -0.93 -31.79 -35.49
C GLU A 232 -1.60 -31.92 -36.86
N LEU A 233 -2.87 -31.56 -36.93
CA LEU A 233 -3.64 -31.68 -38.17
C LEU A 233 -3.19 -30.69 -39.25
N CYS A 234 -2.68 -29.53 -38.85
CA CYS A 234 -2.21 -28.53 -39.81
C CYS A 234 -0.98 -29.03 -40.53
N ILE A 235 0.04 -29.38 -39.76
CA ILE A 235 1.31 -29.83 -40.32
C ILE A 235 1.15 -31.02 -41.25
N GLN A 236 0.33 -32.00 -40.86
CA GLN A 236 0.16 -33.19 -41.69
C GLN A 236 -0.68 -32.91 -42.95
N HIS A 237 -1.16 -31.67 -43.07
CA HIS A 237 -1.85 -31.23 -44.28
C HIS A 237 -0.98 -30.17 -44.98
N GLY A 238 0.31 -30.21 -44.69
CA GLY A 238 1.28 -29.42 -45.43
C GLY A 238 1.54 -28.02 -44.92
N TRP A 239 1.70 -27.86 -43.61
CA TRP A 239 2.04 -26.56 -43.05
C TRP A 239 3.44 -26.60 -42.47
N THR A 240 4.30 -25.71 -42.94
CA THR A 240 5.62 -25.55 -42.37
C THR A 240 5.48 -24.99 -40.94
N PRO A 241 5.91 -25.77 -39.93
CA PRO A 241 5.78 -25.38 -38.52
C PRO A 241 6.54 -24.09 -38.21
N GLY A 242 6.57 -23.69 -36.96
CA GLY A 242 7.19 -22.41 -36.64
C GLY A 242 8.08 -22.36 -35.41
N ASN A 243 8.58 -21.15 -35.17
CA ASN A 243 9.38 -20.79 -34.00
C ASN A 243 8.83 -21.33 -32.66
N GLY A 244 7.94 -20.58 -32.02
CA GLY A 244 7.56 -20.94 -30.67
C GLY A 244 6.13 -20.76 -30.21
N ARG A 245 5.97 -19.92 -29.19
CA ARG A 245 4.77 -19.95 -28.39
C ARG A 245 3.69 -18.91 -28.66
N PHE A 246 3.76 -18.23 -29.79
CA PHE A 246 2.65 -17.38 -30.23
C PHE A 246 2.53 -17.35 -31.76
N ASP A 247 2.57 -18.52 -32.39
CA ASP A 247 2.54 -18.63 -33.85
C ASP A 247 1.13 -18.86 -34.36
N VAL A 248 0.51 -17.84 -34.96
CA VAL A 248 -0.87 -17.96 -35.47
C VAL A 248 -1.02 -19.13 -36.43
N LEU A 249 -1.86 -20.10 -36.07
CA LEU A 249 -2.09 -21.24 -36.92
C LEU A 249 -2.74 -20.82 -38.24
N PRO A 250 -2.57 -21.63 -39.29
CA PRO A 250 -3.33 -21.38 -40.52
C PRO A 250 -4.71 -22.03 -40.42
N LEU A 251 -5.66 -21.57 -41.22
CA LEU A 251 -6.98 -22.17 -41.21
C LEU A 251 -6.97 -23.50 -41.94
N LEU A 252 -7.99 -24.29 -41.69
CA LEU A 252 -8.21 -25.52 -42.45
C LEU A 252 -9.66 -25.47 -42.90
N LEU A 253 -9.86 -25.33 -44.20
CA LEU A 253 -11.18 -25.06 -44.74
C LEU A 253 -11.72 -26.22 -45.56
N GLN A 254 -12.91 -26.69 -45.18
CA GLN A 254 -13.47 -27.90 -45.75
C GLN A 254 -14.71 -27.56 -46.55
N ALA A 255 -14.57 -27.59 -47.87
CA ALA A 255 -15.72 -27.45 -48.76
C ALA A 255 -16.38 -28.82 -48.82
N PRO A 256 -17.70 -28.86 -49.10
CA PRO A 256 -18.44 -30.13 -49.12
C PRO A 256 -17.72 -31.26 -49.86
N ASP A 257 -17.68 -32.43 -49.21
CA ASP A 257 -17.05 -33.64 -49.74
C ASP A 257 -15.54 -33.55 -49.96
N GLU A 258 -15.09 -32.65 -50.83
CA GLU A 258 -13.66 -32.44 -51.06
C GLU A 258 -12.96 -32.22 -49.71
N PRO A 259 -11.77 -32.83 -49.52
CA PRO A 259 -11.04 -32.77 -48.24
C PRO A 259 -10.57 -31.36 -47.93
N PRO A 260 -10.17 -31.09 -46.67
CA PRO A 260 -9.78 -29.72 -46.28
C PRO A 260 -8.55 -29.24 -47.02
N GLU A 261 -8.36 -27.92 -47.04
CA GLU A 261 -7.14 -27.32 -47.57
C GLU A 261 -6.73 -26.12 -46.74
N LEU A 262 -5.43 -26.02 -46.44
CA LEU A 262 -4.90 -24.92 -45.64
C LEU A 262 -5.13 -23.56 -46.29
N PHE A 263 -5.14 -22.52 -45.47
CA PHE A 263 -5.26 -21.16 -45.98
C PHE A 263 -4.55 -20.20 -45.04
N LEU A 264 -3.31 -19.84 -45.39
CA LEU A 264 -2.52 -18.95 -44.56
C LEU A 264 -3.23 -17.61 -44.33
N LEU A 265 -3.06 -17.06 -43.14
CA LEU A 265 -3.76 -15.84 -42.77
C LEU A 265 -2.84 -14.66 -43.00
N PRO A 266 -3.38 -13.58 -43.59
CA PRO A 266 -2.60 -12.35 -43.78
C PRO A 266 -2.26 -11.70 -42.42
N PRO A 267 -0.96 -11.53 -42.14
CA PRO A 267 -0.46 -10.98 -40.87
C PRO A 267 -1.11 -9.65 -40.46
N GLU A 268 -1.58 -8.86 -41.42
CA GLU A 268 -2.20 -7.57 -41.10
C GLU A 268 -3.66 -7.70 -40.69
N LEU A 269 -4.32 -8.79 -41.10
CA LEU A 269 -5.69 -9.02 -40.69
C LEU A 269 -5.74 -9.51 -39.24
N VAL A 270 -4.80 -10.37 -38.88
CA VAL A 270 -4.73 -10.94 -37.54
C VAL A 270 -4.19 -9.95 -36.54
N LEU A 271 -5.02 -9.02 -36.08
CA LEU A 271 -4.57 -8.03 -35.12
C LEU A 271 -4.26 -8.65 -33.73
N GLU A 272 -3.14 -8.21 -33.15
CA GLU A 272 -2.68 -8.74 -31.88
C GLU A 272 -2.27 -7.61 -30.96
N VAL A 273 -2.18 -7.93 -29.67
CA VAL A 273 -1.81 -6.98 -28.63
C VAL A 273 -0.69 -7.59 -27.80
N PRO A 274 0.50 -6.97 -27.84
CA PRO A 274 1.61 -7.43 -27.00
C PRO A 274 1.30 -7.08 -25.57
N LEU A 275 1.76 -7.88 -24.61
CA LEU A 275 1.33 -7.65 -23.24
C LEU A 275 2.36 -6.96 -22.38
N GLU A 276 1.96 -5.80 -21.85
CA GLU A 276 2.80 -5.05 -20.93
CA GLU A 276 2.79 -5.03 -20.95
C GLU A 276 1.97 -4.66 -19.71
N HIS A 277 2.64 -4.43 -18.59
CA HIS A 277 1.98 -4.03 -17.35
C HIS A 277 2.30 -2.56 -17.08
N PRO A 278 1.34 -1.79 -16.54
CA PRO A 278 1.51 -0.36 -16.29
C PRO A 278 2.61 0.05 -15.32
N THR A 279 3.07 -0.83 -14.44
CA THR A 279 4.04 -0.41 -13.43
C THR A 279 5.12 -1.46 -13.18
N LEU A 280 4.87 -2.68 -13.61
CA LEU A 280 5.86 -3.74 -13.46
C LEU A 280 6.67 -3.82 -14.73
N GLU A 281 7.74 -3.04 -14.74
CA GLU A 281 8.54 -2.78 -15.95
C GLU A 281 9.04 -4.06 -16.64
N TRP A 282 9.14 -5.16 -15.92
CA TRP A 282 9.66 -6.42 -16.48
C TRP A 282 8.62 -7.26 -17.24
N PHE A 283 7.35 -6.91 -17.09
CA PHE A 283 6.30 -7.72 -17.70
C PHE A 283 6.45 -7.88 -19.22
N ALA A 284 6.65 -6.76 -19.93
CA ALA A 284 6.87 -6.81 -21.39
C ALA A 284 7.94 -7.81 -21.82
N ALA A 285 9.06 -7.82 -21.09
CA ALA A 285 10.15 -8.77 -21.35
C ALA A 285 9.70 -10.24 -21.41
N LEU A 286 8.69 -10.58 -20.61
CA LEU A 286 8.14 -11.93 -20.63
C LEU A 286 7.68 -12.32 -22.03
N GLY A 287 7.32 -11.31 -22.83
CA GLY A 287 6.99 -11.54 -24.22
C GLY A 287 5.63 -12.17 -24.41
N LEU A 288 4.65 -11.70 -23.66
CA LEU A 288 3.31 -12.27 -23.74
C LEU A 288 2.50 -11.48 -24.77
N ARG A 289 1.73 -12.18 -25.58
CA ARG A 289 0.80 -11.51 -26.49
C ARG A 289 -0.55 -12.22 -26.47
N TRP A 290 -1.56 -11.61 -27.08
CA TRP A 290 -2.83 -12.30 -27.33
C TRP A 290 -3.59 -11.56 -28.43
N TYR A 291 -4.38 -12.29 -29.20
CA TYR A 291 -5.07 -11.68 -30.34
C TYR A 291 -6.28 -10.84 -29.91
N ALA A 292 -6.86 -10.13 -30.86
CA ALA A 292 -7.90 -9.15 -30.52
C ALA A 292 -9.32 -9.73 -30.67
N LEU A 293 -9.50 -10.58 -31.68
CA LEU A 293 -10.82 -11.11 -32.00
C LEU A 293 -11.04 -12.53 -31.50
N PRO A 294 -11.95 -12.70 -30.52
CA PRO A 294 -12.44 -14.04 -30.17
C PRO A 294 -13.51 -14.41 -31.17
N ALA A 295 -13.28 -15.47 -31.94
CA ALA A 295 -14.14 -15.78 -33.07
C ALA A 295 -14.24 -17.28 -33.24
N VAL A 296 -15.41 -17.82 -32.94
CA VAL A 296 -15.58 -19.26 -32.82
C VAL A 296 -16.10 -19.88 -34.09
N SER A 297 -15.36 -20.86 -34.57
CA SER A 297 -15.56 -21.38 -35.92
C SER A 297 -15.87 -22.85 -35.95
N ASN A 298 -16.42 -23.39 -34.87
CA ASN A 298 -16.77 -24.80 -34.84
C ASN A 298 -18.16 -25.14 -34.31
N MET A 299 -18.87 -24.13 -33.82
CA MET A 299 -20.20 -24.37 -33.27
C MET A 299 -21.27 -24.37 -34.33
N LEU A 300 -22.36 -25.07 -34.07
CA LEU A 300 -23.39 -25.30 -35.09
C LEU A 300 -24.64 -24.48 -34.82
N LEU A 301 -24.96 -23.61 -35.78
CA LEU A 301 -26.11 -22.72 -35.66
C LEU A 301 -27.35 -23.42 -36.15
N GLU A 302 -28.40 -23.37 -35.35
CA GLU A 302 -29.68 -23.98 -35.70
C GLU A 302 -30.77 -22.94 -35.65
N ILE A 303 -31.47 -22.78 -36.77
CA ILE A 303 -32.64 -21.90 -36.84
C ILE A 303 -33.74 -22.68 -37.53
N GLY A 304 -34.96 -22.58 -37.00
CA GLY A 304 -36.14 -23.16 -37.62
C GLY A 304 -35.94 -24.58 -38.14
N GLY A 305 -35.11 -25.34 -37.44
CA GLY A 305 -34.86 -26.72 -37.79
C GLY A 305 -33.83 -26.91 -38.89
N LEU A 306 -32.96 -25.92 -39.08
CA LEU A 306 -31.92 -26.01 -40.10
C LEU A 306 -30.54 -25.94 -39.45
N GLU A 307 -29.63 -26.79 -39.91
CA GLU A 307 -28.33 -26.89 -39.27
C GLU A 307 -27.19 -26.26 -40.07
N PHE A 308 -26.53 -25.28 -39.47
CA PHE A 308 -25.41 -24.62 -40.14
C PHE A 308 -24.08 -24.97 -39.45
N PRO A 309 -23.39 -26.02 -39.95
CA PRO A 309 -22.13 -26.52 -39.35
C PRO A 309 -20.95 -25.54 -39.53
N ALA A 310 -21.13 -24.56 -40.41
CA ALA A 310 -20.17 -23.49 -40.57
C ALA A 310 -20.85 -22.15 -40.39
N ALA A 311 -20.67 -21.53 -39.21
CA ALA A 311 -21.26 -20.22 -38.93
C ALA A 311 -20.46 -19.43 -37.91
N PRO A 312 -19.22 -19.02 -38.27
CA PRO A 312 -18.33 -18.36 -37.33
C PRO A 312 -18.86 -17.04 -36.82
N PHE A 313 -18.87 -16.88 -35.50
CA PHE A 313 -19.27 -15.62 -34.88
C PHE A 313 -18.13 -15.07 -34.03
N SER A 314 -18.07 -13.75 -33.94
CA SER A 314 -17.04 -13.08 -33.17
C SER A 314 -17.66 -11.95 -32.38
N GLY A 315 -17.11 -11.69 -31.18
CA GLY A 315 -17.46 -10.53 -30.39
C GLY A 315 -16.17 -9.88 -29.94
N TRP A 316 -16.16 -9.39 -28.72
CA TRP A 316 -14.89 -8.96 -28.12
C TRP A 316 -14.70 -9.58 -26.74
N TYR A 317 -13.45 -9.68 -26.29
CA TYR A 317 -13.11 -10.43 -25.11
C TYR A 317 -13.55 -9.79 -23.81
N MET A 318 -13.81 -10.62 -22.82
CA MET A 318 -13.80 -10.19 -21.44
C MET A 318 -12.40 -10.49 -20.92
N SER A 319 -11.82 -9.58 -20.15
CA SER A 319 -10.41 -9.73 -19.80
C SER A 319 -10.02 -11.02 -19.07
N THR A 320 -10.85 -11.50 -18.15
CA THR A 320 -10.51 -12.76 -17.46
C THR A 320 -10.33 -13.93 -18.43
N GLU A 321 -11.03 -13.89 -19.55
CA GLU A 321 -10.87 -14.92 -20.57
C GLU A 321 -9.41 -15.10 -20.97
N ILE A 322 -8.74 -13.98 -21.24
CA ILE A 322 -7.35 -13.98 -21.62
C ILE A 322 -6.42 -14.08 -20.41
N GLY A 323 -6.58 -13.16 -19.47
CA GLY A 323 -5.71 -13.11 -18.31
C GLY A 323 -5.83 -14.27 -17.33
N THR A 324 -7.01 -14.87 -17.21
CA THR A 324 -7.11 -15.93 -16.21
C THR A 324 -7.17 -17.31 -16.80
N ARG A 325 -7.98 -17.51 -17.82
CA ARG A 325 -8.05 -18.84 -18.38
C ARG A 325 -6.85 -19.14 -19.28
N ASN A 326 -6.71 -18.40 -20.38
CA ASN A 326 -5.67 -18.69 -21.38
C ASN A 326 -4.22 -18.64 -20.88
N LEU A 327 -3.87 -17.63 -20.08
CA LEU A 327 -2.51 -17.53 -19.59
C LEU A 327 -2.30 -18.23 -18.25
N CYS A 328 -3.35 -18.37 -17.43
CA CYS A 328 -3.11 -18.95 -16.11
C CYS A 328 -3.48 -20.43 -15.91
N ASP A 329 -4.43 -20.95 -16.68
CA ASP A 329 -4.84 -22.35 -16.56
C ASP A 329 -3.61 -23.26 -16.60
N PRO A 330 -3.57 -24.24 -15.70
CA PRO A 330 -2.43 -25.17 -15.60
C PRO A 330 -2.20 -25.91 -16.90
N HIS A 331 -3.24 -26.08 -17.70
CA HIS A 331 -3.14 -26.81 -18.94
C HIS A 331 -3.14 -25.91 -20.18
N ARG A 332 -3.13 -24.60 -19.95
CA ARG A 332 -2.95 -23.65 -21.04
C ARG A 332 -1.52 -23.09 -20.99
N TYR A 333 -1.35 -21.78 -20.91
CA TYR A 333 0.00 -21.24 -20.88
C TYR A 333 0.69 -21.38 -19.52
N ASN A 334 -0.12 -21.50 -18.47
CA ASN A 334 0.37 -21.81 -17.13
C ASN A 334 1.51 -20.89 -16.66
N ILE A 335 1.31 -19.58 -16.80
CA ILE A 335 2.39 -18.63 -16.57
C ILE A 335 2.42 -18.10 -15.16
N LEU A 336 1.48 -18.56 -14.35
CA LEU A 336 1.21 -17.97 -13.05
C LEU A 336 2.43 -17.96 -12.14
N GLU A 337 3.13 -19.09 -12.07
CA GLU A 337 4.34 -19.19 -11.28
C GLU A 337 5.50 -18.28 -11.77
N ASP A 338 5.62 -18.10 -13.08
CA ASP A 338 6.65 -17.24 -13.62
C ASP A 338 6.42 -15.79 -13.26
N VAL A 339 5.16 -15.36 -13.33
CA VAL A 339 4.81 -14.01 -12.94
C VAL A 339 5.05 -13.77 -11.46
N ALA A 340 4.94 -14.83 -10.67
CA ALA A 340 5.00 -14.71 -9.21
C ALA A 340 6.44 -14.59 -8.73
N VAL A 341 7.32 -15.38 -9.33
CA VAL A 341 8.75 -15.21 -9.15
C VAL A 341 9.17 -13.75 -9.41
N CYS A 342 8.90 -13.27 -10.62
CA CYS A 342 9.24 -11.90 -10.97
C CYS A 342 8.65 -10.86 -10.02
N MET A 343 7.53 -11.17 -9.39
CA MET A 343 6.97 -10.26 -8.39
C MET A 343 7.62 -10.49 -7.02
N ASP A 344 8.55 -11.43 -6.97
CA ASP A 344 9.25 -11.77 -5.72
C ASP A 344 8.26 -12.14 -4.62
N LEU A 345 7.32 -13.03 -4.95
CA LEU A 345 6.33 -13.52 -3.99
C LEU A 345 6.79 -14.81 -3.35
N ASP A 346 6.22 -15.12 -2.20
CA ASP A 346 6.55 -16.35 -1.50
C ASP A 346 5.74 -17.52 -2.06
N THR A 347 6.34 -18.27 -2.97
CA THR A 347 5.70 -19.40 -3.62
C THR A 347 5.87 -20.69 -2.82
N ARG A 348 6.32 -20.57 -1.57
CA ARG A 348 6.65 -21.73 -0.77
C ARG A 348 5.45 -22.18 0.04
N THR A 349 4.63 -21.22 0.44
CA THR A 349 3.38 -21.51 1.13
C THR A 349 2.17 -20.96 0.36
N THR A 350 1.13 -21.78 0.21
CA THR A 350 -0.04 -21.37 -0.56
C THR A 350 -0.83 -20.28 0.14
N SER A 351 -0.47 -20.00 1.39
CA SER A 351 -1.26 -19.09 2.21
C SER A 351 -0.80 -17.63 2.10
N SER A 352 0.28 -17.42 1.36
CA SER A 352 0.68 -16.05 1.00
C SER A 352 -0.24 -15.50 -0.10
N LEU A 353 -1.09 -16.39 -0.65
CA LEU A 353 -1.99 -16.09 -1.77
C LEU A 353 -1.25 -15.51 -3.00
N TRP A 354 -0.03 -15.99 -3.22
CA TRP A 354 0.75 -15.54 -4.36
C TRP A 354 0.04 -15.80 -5.68
N LYS A 355 -0.66 -16.94 -5.78
CA LYS A 355 -1.49 -17.24 -6.95
C LYS A 355 -2.51 -16.13 -7.23
N ASP A 356 -3.20 -15.70 -6.19
CA ASP A 356 -4.23 -14.69 -6.34
C ASP A 356 -3.65 -13.32 -6.71
N LYS A 357 -2.48 -13.02 -6.16
CA LYS A 357 -1.77 -11.78 -6.48
C LYS A 357 -1.27 -11.70 -7.93
N ALA A 358 -0.44 -12.66 -8.34
CA ALA A 358 -0.01 -12.84 -9.71
C ALA A 358 -1.16 -12.72 -10.69
N ALA A 359 -2.28 -13.35 -10.35
CA ALA A 359 -3.40 -13.41 -11.26
C ALA A 359 -4.04 -12.04 -11.43
N VAL A 360 -4.10 -11.24 -10.37
CA VAL A 360 -4.69 -9.92 -10.49
C VAL A 360 -3.81 -9.07 -11.41
N GLU A 361 -2.50 -9.07 -11.16
CA GLU A 361 -1.58 -8.30 -12.01
C GLU A 361 -1.60 -8.75 -13.47
N ILE A 362 -1.63 -10.06 -13.73
CA ILE A 362 -1.76 -10.56 -15.10
C ILE A 362 -3.03 -10.05 -15.75
N ASN A 363 -4.09 -9.89 -14.96
CA ASN A 363 -5.32 -9.27 -15.45
C ASN A 363 -5.22 -7.75 -15.66
N VAL A 364 -4.50 -7.08 -14.78
CA VAL A 364 -4.34 -5.63 -14.89
C VAL A 364 -3.57 -5.31 -16.17
N ALA A 365 -2.54 -6.12 -16.44
CA ALA A 365 -1.71 -5.96 -17.62
C ALA A 365 -2.49 -6.25 -18.90
N VAL A 366 -3.51 -7.09 -18.82
CA VAL A 366 -4.30 -7.40 -20.00
C VAL A 366 -5.21 -6.23 -20.37
N LEU A 367 -5.94 -5.73 -19.38
CA LEU A 367 -6.82 -4.59 -19.59
C LEU A 367 -6.02 -3.38 -20.06
N HIS A 368 -4.85 -3.17 -19.45
CA HIS A 368 -3.98 -2.05 -19.76
C HIS A 368 -3.51 -2.15 -21.21
N SER A 369 -2.88 -3.26 -21.54
CA SER A 369 -2.32 -3.49 -22.85
C SER A 369 -3.34 -3.36 -23.96
N TYR A 370 -4.54 -3.89 -23.74
CA TYR A 370 -5.57 -3.77 -24.78
C TYR A 370 -6.04 -2.32 -24.93
N GLN A 371 -6.03 -1.58 -23.82
CA GLN A 371 -6.40 -0.18 -23.84
C GLN A 371 -5.36 0.69 -24.55
N LEU A 372 -4.08 0.49 -24.22
CA LEU A 372 -2.98 1.20 -24.87
C LEU A 372 -3.10 0.97 -26.36
N ALA A 373 -3.30 -0.28 -26.73
CA ALA A 373 -3.52 -0.66 -28.13
C ALA A 373 -4.89 -0.24 -28.67
N LYS A 374 -5.65 0.51 -27.88
CA LYS A 374 -7.00 0.90 -28.27
C LYS A 374 -7.77 -0.25 -28.93
N VAL A 375 -7.77 -1.40 -28.27
CA VAL A 375 -8.56 -2.53 -28.72
C VAL A 375 -9.66 -2.77 -27.68
N THR A 376 -10.87 -2.94 -28.17
CA THR A 376 -12.03 -3.17 -27.31
C THR A 376 -11.84 -4.34 -26.33
N ILE A 377 -11.92 -4.05 -25.04
CA ILE A 377 -11.92 -5.10 -24.03
C ILE A 377 -12.79 -4.74 -22.82
N VAL A 378 -13.46 -5.73 -22.25
CA VAL A 378 -14.32 -5.44 -21.12
C VAL A 378 -13.87 -6.19 -19.86
N ASP A 379 -13.76 -5.47 -18.75
CA ASP A 379 -13.41 -6.13 -17.48
C ASP A 379 -14.60 -6.96 -16.98
N HIS A 380 -14.36 -7.90 -16.07
CA HIS A 380 -15.45 -8.76 -15.58
C HIS A 380 -16.51 -8.04 -14.74
N HIS A 381 -16.12 -7.10 -13.89
CA HIS A 381 -17.13 -6.33 -13.13
C HIS A 381 -18.05 -5.57 -14.08
N ALA A 382 -17.47 -4.91 -15.07
CA ALA A 382 -18.25 -4.14 -16.02
C ALA A 382 -19.20 -5.06 -16.79
N ALA A 383 -18.68 -6.23 -17.14
CA ALA A 383 -19.40 -7.21 -17.94
C ALA A 383 -20.56 -7.82 -17.17
N THR A 384 -20.27 -8.34 -15.96
CA THR A 384 -21.30 -8.98 -15.14
C THR A 384 -22.40 -8.02 -14.79
N ALA A 385 -22.04 -6.79 -14.40
CA ALA A 385 -23.07 -5.81 -14.09
C ALA A 385 -23.98 -5.55 -15.31
N SER A 386 -23.41 -5.56 -16.51
CA SER A 386 -24.21 -5.37 -17.70
CA SER A 386 -24.19 -5.39 -17.71
C SER A 386 -25.12 -6.59 -17.89
N PHE A 387 -24.67 -7.73 -17.39
CA PHE A 387 -25.48 -8.95 -17.55
C PHE A 387 -26.70 -8.88 -16.66
N MET A 388 -26.54 -8.29 -15.48
CA MET A 388 -27.64 -8.07 -14.57
C MET A 388 -28.68 -7.17 -15.23
N LYS A 389 -28.19 -6.11 -15.84
CA LYS A 389 -29.05 -5.20 -16.59
C LYS A 389 -29.77 -5.98 -17.70
N HIS A 390 -29.09 -6.95 -18.30
CA HIS A 390 -29.73 -7.81 -19.28
C HIS A 390 -30.84 -8.69 -18.70
N LEU A 391 -30.64 -9.16 -17.48
CA LEU A 391 -31.63 -10.05 -16.86
C LEU A 391 -32.94 -9.33 -16.63
N GLU A 392 -32.85 -8.09 -16.16
CA GLU A 392 -34.04 -7.28 -15.92
C GLU A 392 -34.81 -6.95 -17.21
N ASN A 393 -34.07 -6.58 -18.27
CA ASN A 393 -34.67 -6.36 -19.60
C ASN A 393 -35.37 -7.61 -20.10
N GLU A 394 -34.74 -8.76 -19.87
CA GLU A 394 -35.23 -10.01 -20.42
C GLU A 394 -36.38 -10.53 -19.60
N GLN A 395 -36.52 -9.98 -18.40
CA GLN A 395 -37.65 -10.27 -17.54
C GLN A 395 -38.89 -9.64 -18.15
N LYS A 396 -38.83 -8.32 -18.37
CA LYS A 396 -39.95 -7.54 -18.87
C LYS A 396 -40.39 -8.03 -20.25
N ALA A 397 -39.43 -8.41 -21.08
CA ALA A 397 -39.72 -8.81 -22.44
C ALA A 397 -40.29 -10.23 -22.54
N ARG A 398 -39.54 -11.22 -22.05
CA ARG A 398 -39.85 -12.63 -22.29
C ARG A 398 -40.21 -13.41 -21.04
N GLY A 399 -40.17 -12.76 -19.89
CA GLY A 399 -40.47 -13.41 -18.62
C GLY A 399 -39.37 -14.36 -18.14
N GLY A 400 -38.13 -13.99 -18.39
CA GLY A 400 -37.01 -14.83 -17.99
C GLY A 400 -35.79 -14.73 -18.89
N CYS A 401 -34.85 -15.64 -18.66
CA CYS A 401 -33.60 -15.65 -19.39
C CYS A 401 -32.84 -16.89 -18.97
N PRO A 402 -32.52 -17.78 -19.93
CA PRO A 402 -31.69 -18.96 -19.67
C PRO A 402 -30.24 -18.60 -19.40
N ALA A 403 -29.72 -18.99 -18.24
CA ALA A 403 -28.35 -18.67 -17.86
C ALA A 403 -27.69 -19.87 -17.20
N ASP A 404 -26.39 -20.02 -17.45
CA ASP A 404 -25.61 -21.11 -16.91
C ASP A 404 -24.66 -20.54 -15.87
N TRP A 405 -25.12 -20.50 -14.62
CA TRP A 405 -24.44 -19.83 -13.51
C TRP A 405 -22.91 -20.05 -13.48
N ALA A 406 -22.47 -21.27 -13.76
CA ALA A 406 -21.06 -21.63 -13.68
C ALA A 406 -20.22 -20.94 -14.75
N TRP A 407 -20.86 -20.56 -15.85
CA TRP A 407 -20.18 -19.90 -16.96
C TRP A 407 -20.40 -18.40 -16.91
N ILE A 408 -21.52 -17.96 -16.33
CA ILE A 408 -21.76 -16.52 -16.18
C ILE A 408 -20.87 -15.89 -15.08
N VAL A 409 -20.64 -16.61 -13.98
CA VAL A 409 -19.79 -16.13 -12.90
C VAL A 409 -18.31 -16.16 -13.33
N PRO A 410 -17.58 -15.04 -13.12
CA PRO A 410 -16.23 -14.99 -13.69
C PRO A 410 -15.24 -15.91 -12.94
N PRO A 411 -14.08 -16.24 -13.57
CA PRO A 411 -13.15 -17.24 -13.04
C PRO A 411 -12.33 -16.68 -11.89
N ILE A 412 -12.46 -15.38 -11.65
CA ILE A 412 -11.82 -14.76 -10.51
C ILE A 412 -12.82 -13.77 -9.95
N SER A 413 -12.72 -13.51 -8.66
CA SER A 413 -13.59 -12.55 -8.01
C SER A 413 -15.09 -12.82 -8.17
N GLY A 414 -15.45 -14.08 -8.42
CA GLY A 414 -16.84 -14.46 -8.60
C GLY A 414 -17.82 -13.73 -7.68
N SER A 415 -17.61 -13.87 -6.37
CA SER A 415 -18.48 -13.23 -5.37
C SER A 415 -18.37 -11.73 -5.31
N LEU A 416 -17.39 -11.16 -6.01
CA LEU A 416 -17.26 -9.70 -6.02
C LEU A 416 -18.15 -9.11 -7.11
N THR A 417 -18.69 -9.99 -7.94
CA THR A 417 -19.58 -9.56 -9.01
C THR A 417 -21.01 -9.93 -8.62
N PRO A 418 -21.98 -9.11 -9.06
CA PRO A 418 -23.41 -9.32 -8.74
C PRO A 418 -24.01 -10.66 -9.17
N VAL A 419 -23.47 -11.30 -10.21
CA VAL A 419 -24.08 -12.52 -10.73
C VAL A 419 -23.83 -13.73 -9.85
N PHE A 420 -22.90 -13.62 -8.91
CA PHE A 420 -22.59 -14.69 -7.96
C PHE A 420 -23.81 -14.88 -7.05
N HIS A 421 -24.39 -13.76 -6.64
CA HIS A 421 -25.49 -13.68 -5.73
C HIS A 421 -26.85 -13.80 -6.40
N GLN A 422 -26.88 -14.28 -7.64
CA GLN A 422 -28.11 -14.29 -8.41
C GLN A 422 -28.47 -15.68 -8.89
N GLU A 423 -29.62 -16.17 -8.42
CA GLU A 423 -30.11 -17.49 -8.81
C GLU A 423 -30.50 -17.47 -10.29
N MET A 424 -30.18 -18.56 -10.99
CA MET A 424 -30.36 -18.63 -12.43
C MET A 424 -30.91 -19.99 -12.84
N VAL A 425 -31.78 -19.96 -13.85
CA VAL A 425 -32.35 -21.16 -14.44
C VAL A 425 -31.72 -21.40 -15.80
N ASN A 426 -31.29 -22.64 -16.03
CA ASN A 426 -30.67 -23.00 -17.28
C ASN A 426 -31.53 -23.96 -18.10
N TYR A 427 -31.73 -23.61 -19.37
CA TYR A 427 -32.53 -24.40 -20.29
C TYR A 427 -32.18 -24.09 -21.75
N PHE A 428 -32.81 -24.83 -22.67
CA PHE A 428 -32.52 -24.80 -24.10
C PHE A 428 -33.69 -24.23 -24.90
N LEU A 429 -33.48 -23.05 -25.49
CA LEU A 429 -34.44 -22.44 -26.41
C LEU A 429 -33.92 -22.49 -27.85
N SER A 430 -34.83 -22.49 -28.82
CA SER A 430 -34.44 -22.36 -30.21
C SER A 430 -34.92 -21.03 -30.76
N PRO A 431 -34.13 -20.39 -31.64
CA PRO A 431 -32.86 -20.85 -32.22
C PRO A 431 -31.73 -20.84 -31.19
N ALA A 432 -30.67 -21.58 -31.45
CA ALA A 432 -29.54 -21.62 -30.53
C ALA A 432 -28.21 -21.98 -31.22
N PHE A 433 -27.14 -21.91 -30.45
CA PHE A 433 -25.86 -22.47 -30.87
C PHE A 433 -25.65 -23.79 -30.13
N ARG A 434 -25.33 -24.84 -30.89
CA ARG A 434 -25.05 -26.14 -30.31
C ARG A 434 -23.60 -26.46 -30.54
N TYR A 435 -23.09 -27.49 -29.85
CA TYR A 435 -21.78 -28.03 -30.15
C TYR A 435 -21.99 -29.15 -31.16
N GLN A 436 -20.93 -29.53 -31.85
CA GLN A 436 -21.07 -30.59 -32.83
C GLN A 436 -19.78 -31.41 -32.85
N PRO A 437 -19.87 -32.68 -33.30
CA PRO A 437 -18.68 -33.52 -33.42
C PRO A 437 -17.65 -32.80 -34.27
N ASP A 438 -16.37 -32.93 -33.96
CA ASP A 438 -15.35 -32.44 -34.87
C ASP A 438 -15.23 -33.42 -36.04
N PRO A 439 -14.78 -32.94 -37.22
CA PRO A 439 -14.78 -33.82 -38.41
C PRO A 439 -13.58 -34.76 -38.49
N TRP A 440 -13.34 -35.51 -37.41
CA TRP A 440 -12.31 -36.56 -37.40
C TRP A 440 -12.61 -37.67 -36.38
N LYS B 27 -24.92 -46.32 -18.18
CA LYS B 27 -25.88 -45.25 -17.98
C LYS B 27 -25.64 -44.51 -16.66
N PHE B 28 -24.37 -44.37 -16.29
CA PHE B 28 -23.98 -43.56 -15.13
C PHE B 28 -23.22 -42.35 -15.64
N PRO B 29 -23.39 -41.21 -14.97
CA PRO B 29 -22.80 -39.92 -15.40
C PRO B 29 -21.31 -40.00 -15.68
N ARG B 30 -20.90 -39.70 -16.91
CA ARG B 30 -19.48 -39.53 -17.21
C ARG B 30 -19.02 -38.19 -16.68
N VAL B 31 -17.96 -38.20 -15.87
CA VAL B 31 -17.44 -37.01 -15.21
C VAL B 31 -15.97 -36.80 -15.59
N LYS B 32 -15.62 -35.59 -16.04
CA LYS B 32 -14.27 -35.37 -16.54
C LYS B 32 -13.51 -34.30 -15.75
N ASN B 33 -12.23 -34.53 -15.50
CA ASN B 33 -11.38 -33.49 -14.91
C ASN B 33 -10.63 -32.74 -16.01
N TRP B 34 -11.06 -31.52 -16.29
CA TRP B 34 -10.52 -30.77 -17.42
C TRP B 34 -9.08 -30.26 -17.29
N GLU B 35 -8.54 -30.24 -16.08
CA GLU B 35 -7.17 -29.76 -15.90
C GLU B 35 -6.14 -30.83 -16.30
N VAL B 36 -6.53 -32.10 -16.18
CA VAL B 36 -5.61 -33.23 -16.26
C VAL B 36 -6.07 -34.23 -17.32
N GLY B 37 -7.37 -34.24 -17.62
CA GLY B 37 -7.91 -35.10 -18.65
C GLY B 37 -8.51 -36.40 -18.15
N SER B 38 -8.68 -36.53 -16.84
CA SER B 38 -9.20 -37.75 -16.24
C SER B 38 -10.69 -37.96 -16.52
N ILE B 39 -11.10 -39.21 -16.68
CA ILE B 39 -12.52 -39.54 -16.76
C ILE B 39 -12.92 -40.65 -15.78
N THR B 40 -14.01 -40.42 -15.05
CA THR B 40 -14.58 -41.42 -14.15
C THR B 40 -16.11 -41.35 -14.19
N TYR B 41 -16.77 -42.45 -13.87
CA TYR B 41 -18.22 -42.48 -13.89
C TYR B 41 -18.81 -42.54 -12.48
N ASP B 42 -19.79 -41.69 -12.20
CA ASP B 42 -20.41 -41.65 -10.88
C ASP B 42 -21.55 -42.67 -10.71
N THR B 43 -21.20 -43.87 -10.24
CA THR B 43 -22.16 -44.93 -10.05
C THR B 43 -22.90 -44.80 -8.71
N LEU B 44 -22.39 -43.95 -7.83
CA LEU B 44 -23.02 -43.74 -6.53
C LEU B 44 -24.30 -42.91 -6.68
N SER B 45 -24.36 -42.09 -7.73
CA SER B 45 -25.51 -41.22 -7.94
C SER B 45 -26.83 -42.00 -8.08
N ALA B 46 -26.75 -43.25 -8.52
CA ALA B 46 -27.93 -44.07 -8.76
C ALA B 46 -28.57 -44.59 -7.49
N GLN B 47 -27.98 -44.23 -6.34
CA GLN B 47 -28.53 -44.61 -5.05
C GLN B 47 -29.27 -43.44 -4.42
N ALA B 48 -29.34 -42.33 -5.16
CA ALA B 48 -29.80 -41.05 -4.61
C ALA B 48 -31.17 -41.16 -3.97
N GLN B 49 -31.17 -41.20 -2.65
CA GLN B 49 -32.32 -41.57 -1.84
C GLN B 49 -33.43 -40.51 -1.82
N GLN B 50 -33.11 -39.27 -2.15
CA GLN B 50 -34.14 -38.23 -2.29
C GLN B 50 -34.07 -37.50 -3.62
N ASP B 51 -34.89 -36.45 -3.76
CA ASP B 51 -35.06 -35.83 -5.06
C ASP B 51 -34.80 -34.33 -5.09
N GLY B 52 -34.05 -33.90 -6.11
CA GLY B 52 -33.65 -32.52 -6.26
C GLY B 52 -34.52 -31.71 -7.20
N PRO B 53 -34.19 -30.43 -7.36
CA PRO B 53 -35.04 -29.43 -8.03
C PRO B 53 -34.94 -29.39 -9.56
N CYS B 54 -34.07 -30.22 -10.13
CA CYS B 54 -33.79 -30.18 -11.56
C CYS B 54 -34.59 -31.19 -12.37
N THR B 55 -35.03 -30.76 -13.54
CA THR B 55 -35.66 -31.66 -14.50
C THR B 55 -34.86 -31.57 -15.79
N PRO B 56 -35.11 -32.47 -16.75
CA PRO B 56 -34.42 -32.33 -18.04
C PRO B 56 -34.88 -31.10 -18.83
N ARG B 57 -35.93 -30.45 -18.40
CA ARG B 57 -36.39 -29.24 -19.06
C ARG B 57 -35.56 -28.05 -18.61
N ARG B 58 -35.17 -28.05 -17.34
CA ARG B 58 -34.47 -26.91 -16.77
C ARG B 58 -33.61 -27.34 -15.59
N CYS B 59 -32.40 -26.81 -15.52
CA CYS B 59 -31.54 -27.05 -14.37
C CYS B 59 -31.78 -25.96 -13.33
N LEU B 60 -31.77 -26.35 -12.04
CA LEU B 60 -31.94 -25.41 -10.94
C LEU B 60 -30.87 -25.53 -9.84
N GLY B 61 -29.70 -26.06 -10.22
CA GLY B 61 -28.61 -26.20 -9.29
C GLY B 61 -28.04 -24.95 -8.65
N SER B 62 -28.49 -23.76 -9.05
CA SER B 62 -27.99 -22.53 -8.43
C SER B 62 -28.92 -22.03 -7.33
N LEU B 63 -29.99 -22.77 -7.09
CA LEU B 63 -30.88 -22.42 -6.01
C LEU B 63 -30.24 -22.73 -4.65
N VAL B 64 -30.19 -21.71 -3.79
CA VAL B 64 -29.80 -21.92 -2.40
C VAL B 64 -30.71 -22.96 -1.70
N PHE B 65 -32.01 -22.88 -1.94
CA PHE B 65 -32.92 -23.86 -1.35
C PHE B 65 -33.45 -24.83 -2.40
N PRO B 66 -32.70 -25.91 -2.66
CA PRO B 66 -33.12 -26.88 -3.67
C PRO B 66 -34.27 -27.77 -3.20
N ARG B 67 -34.67 -27.63 -1.94
CA ARG B 67 -35.87 -28.30 -1.43
C ARG B 67 -36.78 -27.31 -0.73
N LYS B 68 -38.07 -27.62 -0.70
CA LYS B 68 -39.10 -26.78 -0.06
C LYS B 68 -38.86 -25.26 -0.14
N ALA B 79 -47.04 -42.40 9.01
CA ALA B 79 -46.37 -43.06 7.90
C ALA B 79 -45.28 -44.04 8.40
N PRO B 80 -45.69 -45.16 8.99
CA PRO B 80 -44.72 -46.12 9.55
C PRO B 80 -43.91 -46.86 8.48
N GLU B 81 -44.54 -47.20 7.35
CA GLU B 81 -43.90 -48.03 6.34
C GLU B 81 -42.67 -47.36 5.71
N GLN B 82 -42.74 -46.03 5.59
CA GLN B 82 -41.65 -45.27 5.01
C GLN B 82 -40.53 -45.08 6.03
N LEU B 83 -40.91 -44.87 7.29
CA LEU B 83 -39.93 -44.79 8.36
C LEU B 83 -39.15 -46.09 8.42
N LEU B 84 -39.84 -47.20 8.19
CA LEU B 84 -39.18 -48.50 8.12
C LEU B 84 -38.20 -48.60 6.97
N SER B 85 -38.59 -48.12 5.79
CA SER B 85 -37.80 -48.32 4.58
C SER B 85 -36.54 -47.46 4.58
N GLN B 86 -36.62 -46.30 5.22
CA GLN B 86 -35.45 -45.46 5.43
C GLN B 86 -34.54 -46.14 6.44
N ALA B 87 -35.17 -46.63 7.51
CA ALA B 87 -34.42 -47.19 8.62
C ALA B 87 -33.65 -48.44 8.18
N ARG B 88 -34.29 -49.29 7.39
CA ARG B 88 -33.68 -50.55 6.98
C ARG B 88 -32.44 -50.23 6.17
N ASP B 89 -32.51 -49.16 5.40
CA ASP B 89 -31.40 -48.73 4.57
C ASP B 89 -30.22 -48.33 5.43
N PHE B 90 -30.47 -47.45 6.40
CA PHE B 90 -29.42 -47.02 7.31
C PHE B 90 -28.75 -48.20 8.03
N ILE B 91 -29.57 -49.06 8.64
CA ILE B 91 -29.08 -50.26 9.31
C ILE B 91 -28.18 -51.06 8.36
N ASN B 92 -28.63 -51.17 7.10
CA ASN B 92 -27.82 -51.82 6.08
C ASN B 92 -26.48 -51.15 5.87
N GLN B 93 -26.48 -49.82 5.80
CA GLN B 93 -25.23 -49.08 5.64
C GLN B 93 -24.36 -49.41 6.83
N TYR B 94 -24.91 -49.24 8.03
CA TYR B 94 -24.16 -49.49 9.26
C TYR B 94 -23.49 -50.87 9.30
N TYR B 95 -24.25 -51.93 9.04
CA TYR B 95 -23.66 -53.26 9.03
C TYR B 95 -22.75 -53.55 7.84
N SER B 96 -22.88 -52.77 6.77
CA SER B 96 -21.89 -52.82 5.70
C SER B 96 -20.54 -52.30 6.18
N SER B 97 -20.56 -51.14 6.83
CA SER B 97 -19.32 -50.46 7.21
C SER B 97 -18.50 -51.21 8.25
N ILE B 98 -19.16 -52.01 9.08
CA ILE B 98 -18.45 -52.84 10.05
C ILE B 98 -18.23 -54.24 9.50
N LYS B 99 -18.29 -54.37 8.17
CA LYS B 99 -18.02 -55.63 7.48
C LYS B 99 -18.76 -56.81 8.11
N ARG B 100 -20.04 -56.60 8.40
CA ARG B 100 -20.88 -57.61 9.05
C ARG B 100 -22.26 -57.59 8.38
N SER B 101 -22.26 -57.52 7.05
CA SER B 101 -23.49 -57.43 6.27
CA SER B 101 -23.48 -57.43 6.26
C SER B 101 -24.21 -58.77 6.13
N GLY B 102 -25.52 -58.75 6.32
CA GLY B 102 -26.36 -59.94 6.21
C GLY B 102 -26.10 -61.01 7.27
N SER B 103 -25.84 -60.58 8.50
CA SER B 103 -25.50 -61.51 9.57
C SER B 103 -26.60 -61.60 10.63
N GLN B 104 -26.31 -62.36 11.68
CA GLN B 104 -27.22 -62.49 12.80
C GLN B 104 -27.52 -61.14 13.43
N ALA B 105 -26.48 -60.45 13.86
CA ALA B 105 -26.62 -59.17 14.55
C ALA B 105 -27.34 -58.15 13.66
N HIS B 106 -27.22 -58.34 12.36
CA HIS B 106 -27.83 -57.47 11.35
C HIS B 106 -29.34 -57.72 11.25
N GLU B 107 -29.73 -58.97 10.99
CA GLU B 107 -31.14 -59.30 10.85
C GLU B 107 -31.86 -59.17 12.19
N GLN B 108 -31.10 -59.35 13.27
CA GLN B 108 -31.58 -59.05 14.61
C GLN B 108 -32.05 -57.61 14.65
N ARG B 109 -31.15 -56.69 14.27
CA ARG B 109 -31.40 -55.26 14.42
C ARG B 109 -32.56 -54.81 13.54
N LEU B 110 -32.72 -55.43 12.37
CA LEU B 110 -33.87 -55.11 11.53
C LEU B 110 -35.15 -55.49 12.27
N GLN B 111 -35.24 -56.75 12.67
CA GLN B 111 -36.42 -57.23 13.39
C GLN B 111 -36.69 -56.41 14.63
N GLU B 112 -35.65 -56.08 15.38
CA GLU B 112 -35.80 -55.25 16.57
C GLU B 112 -36.38 -53.87 16.22
N VAL B 113 -35.82 -53.23 15.19
CA VAL B 113 -36.26 -51.90 14.77
C VAL B 113 -37.69 -51.92 14.22
N GLU B 114 -37.99 -52.83 13.31
CA GLU B 114 -39.32 -52.83 12.70
C GLU B 114 -40.41 -53.28 13.68
N ALA B 115 -39.99 -53.82 14.82
CA ALA B 115 -40.92 -54.18 15.88
C ALA B 115 -41.05 -53.06 16.90
N GLU B 116 -40.02 -52.22 17.02
CA GLU B 116 -40.10 -51.07 17.92
C GLU B 116 -40.94 -49.96 17.30
N VAL B 117 -40.94 -49.88 15.97
CA VAL B 117 -41.83 -48.94 15.29
C VAL B 117 -43.29 -49.36 15.53
N ALA B 118 -43.54 -50.67 15.53
CA ALA B 118 -44.89 -51.18 15.81
C ALA B 118 -45.47 -50.68 17.13
N ALA B 119 -44.67 -50.76 18.20
CA ALA B 119 -45.13 -50.43 19.54
C ALA B 119 -45.15 -48.93 19.87
N THR B 120 -44.33 -48.14 19.19
CA THR B 120 -44.20 -46.73 19.54
C THR B 120 -44.22 -45.76 18.34
N GLY B 121 -44.17 -46.29 17.12
CA GLY B 121 -44.14 -45.46 15.93
C GLY B 121 -42.81 -44.76 15.70
N THR B 122 -41.80 -45.20 16.45
CA THR B 122 -40.45 -44.67 16.34
C THR B 122 -39.46 -45.75 16.77
N TYR B 123 -38.17 -45.43 16.74
CA TYR B 123 -37.15 -46.31 17.25
C TYR B 123 -35.95 -45.48 17.72
N GLN B 124 -35.04 -46.13 18.43
CA GLN B 124 -33.89 -45.46 19.01
C GLN B 124 -32.63 -46.01 18.39
N LEU B 125 -31.69 -45.11 18.12
CA LEU B 125 -30.38 -45.48 17.61
C LEU B 125 -29.49 -45.98 18.73
N ARG B 126 -28.76 -47.06 18.50
CA ARG B 126 -27.64 -47.42 19.38
C ARG B 126 -26.55 -46.34 19.18
N GLU B 127 -25.66 -46.19 20.17
CA GLU B 127 -24.67 -45.12 20.12
C GLU B 127 -23.70 -45.24 18.95
N SER B 128 -23.13 -46.43 18.76
CA SER B 128 -22.26 -46.67 17.60
CA SER B 128 -22.26 -46.69 17.60
C SER B 128 -22.97 -46.33 16.30
N GLU B 129 -24.24 -46.69 16.20
CA GLU B 129 -25.03 -46.34 15.03
C GLU B 129 -25.18 -44.82 14.91
N LEU B 130 -25.16 -44.11 16.03
CA LEU B 130 -25.33 -42.67 16.01
C LEU B 130 -24.06 -41.99 15.51
N VAL B 131 -22.92 -42.53 15.89
CA VAL B 131 -21.64 -41.98 15.51
C VAL B 131 -21.40 -42.18 14.02
N PHE B 132 -21.68 -43.39 13.53
CA PHE B 132 -21.56 -43.69 12.12
C PHE B 132 -22.47 -42.78 11.31
N GLY B 133 -23.68 -42.59 11.82
CA GLY B 133 -24.68 -41.76 11.18
C GLY B 133 -24.35 -40.28 11.11
N ALA B 134 -23.69 -39.75 12.13
CA ALA B 134 -23.30 -38.34 12.09
C ALA B 134 -22.15 -38.08 11.08
N LYS B 135 -21.17 -38.97 11.05
CA LYS B 135 -20.10 -38.92 10.06
C LYS B 135 -20.60 -38.99 8.63
N GLN B 136 -21.45 -39.97 8.33
CA GLN B 136 -22.08 -40.11 7.01
C GLN B 136 -22.76 -38.83 6.55
N ALA B 137 -23.42 -38.14 7.46
CA ALA B 137 -24.13 -36.93 7.13
C ALA B 137 -23.12 -35.90 6.64
N TRP B 138 -22.01 -35.79 7.36
CA TRP B 138 -20.91 -34.93 6.93
C TRP B 138 -20.37 -35.40 5.59
N ARG B 139 -20.05 -36.69 5.51
CA ARG B 139 -19.55 -37.30 4.29
C ARG B 139 -20.42 -37.02 3.05
N ASN B 140 -21.73 -37.01 3.23
CA ASN B 140 -22.72 -36.80 2.17
C ASN B 140 -23.05 -35.31 1.89
N ALA B 141 -22.54 -34.39 2.69
CA ALA B 141 -22.90 -32.99 2.53
C ALA B 141 -22.24 -32.41 1.25
N PRO B 142 -23.04 -32.17 0.21
CA PRO B 142 -22.52 -31.84 -1.13
C PRO B 142 -21.85 -30.48 -1.20
N ARG B 143 -22.09 -29.65 -0.18
CA ARG B 143 -21.66 -28.27 -0.19
C ARG B 143 -20.50 -28.00 0.75
N CYS B 144 -19.83 -29.06 1.20
CA CYS B 144 -18.71 -28.98 2.15
C CYS B 144 -17.40 -29.33 1.48
N VAL B 145 -16.49 -28.35 1.35
CA VAL B 145 -15.19 -28.57 0.70
C VAL B 145 -14.23 -29.28 1.65
N GLY B 146 -14.54 -29.25 2.95
CA GLY B 146 -13.67 -29.84 3.96
C GLY B 146 -13.96 -31.26 4.37
N ARG B 147 -14.53 -32.06 3.47
CA ARG B 147 -14.99 -33.40 3.77
C ARG B 147 -13.90 -34.47 3.86
N ILE B 148 -12.67 -34.10 3.49
CA ILE B 148 -11.50 -34.97 3.63
C ILE B 148 -11.40 -35.49 5.06
N GLN B 149 -11.80 -34.61 5.98
CA GLN B 149 -11.76 -34.85 7.41
C GLN B 149 -12.89 -35.71 7.99
N TRP B 150 -13.86 -36.11 7.16
CA TRP B 150 -15.15 -36.65 7.65
C TRP B 150 -15.05 -37.70 8.77
N GLY B 151 -14.05 -38.56 8.69
CA GLY B 151 -13.83 -39.60 9.68
C GLY B 151 -13.46 -39.11 11.07
N LYS B 152 -12.74 -38.00 11.16
CA LYS B 152 -12.36 -37.45 12.46
C LYS B 152 -13.44 -36.50 12.93
N LEU B 153 -14.47 -37.05 13.55
CA LEU B 153 -15.54 -36.22 14.08
C LEU B 153 -15.88 -36.66 15.49
N GLN B 154 -15.93 -35.70 16.41
CA GLN B 154 -16.24 -36.01 17.78
C GLN B 154 -17.73 -35.88 18.01
N VAL B 155 -18.38 -36.97 18.41
CA VAL B 155 -19.82 -37.00 18.54
C VAL B 155 -20.23 -36.99 20.01
N PHE B 156 -20.84 -35.90 20.44
CA PHE B 156 -21.41 -35.81 21.77
C PHE B 156 -22.89 -36.25 21.79
N ASP B 157 -23.19 -37.25 22.61
CA ASP B 157 -24.55 -37.78 22.67
C ASP B 157 -25.27 -37.08 23.80
N ALA B 158 -26.21 -36.21 23.43
CA ALA B 158 -27.00 -35.46 24.39
C ALA B 158 -28.50 -35.82 24.25
N ARG B 159 -28.76 -37.03 23.79
CA ARG B 159 -30.13 -37.49 23.61
C ARG B 159 -30.90 -37.66 24.94
N ASP B 160 -30.18 -37.63 26.06
CA ASP B 160 -30.79 -37.69 27.38
C ASP B 160 -31.10 -36.29 27.87
N CYS B 161 -30.85 -35.29 27.04
CA CYS B 161 -31.02 -33.89 27.48
C CYS B 161 -32.46 -33.66 27.91
N ARG B 162 -32.66 -32.67 28.78
CA ARG B 162 -33.93 -32.62 29.49
C ARG B 162 -34.55 -31.23 29.56
N SER B 163 -33.73 -30.20 29.55
CA SER B 163 -34.29 -28.86 29.51
C SER B 163 -33.41 -27.98 28.67
N ALA B 164 -33.87 -26.74 28.49
CA ALA B 164 -33.12 -25.71 27.82
C ALA B 164 -31.85 -25.40 28.62
N GLN B 165 -31.90 -25.73 29.91
CA GLN B 165 -30.79 -25.45 30.82
C GLN B 165 -29.69 -26.48 30.71
N GLU B 166 -30.06 -27.76 30.63
CA GLU B 166 -29.06 -28.80 30.43
C GLU B 166 -28.53 -28.66 29.01
N MET B 167 -29.36 -28.08 28.16
CA MET B 167 -29.07 -27.91 26.75
C MET B 167 -27.92 -26.92 26.60
N PHE B 168 -28.06 -25.78 27.28
CA PHE B 168 -27.03 -24.76 27.33
C PHE B 168 -25.69 -25.33 27.78
N THR B 169 -25.71 -26.12 28.85
CA THR B 169 -24.50 -26.68 29.40
C THR B 169 -23.74 -27.54 28.39
N TYR B 170 -24.48 -28.38 27.68
CA TYR B 170 -23.95 -29.25 26.63
C TYR B 170 -23.35 -28.45 25.48
N ILE B 171 -23.85 -27.23 25.30
CA ILE B 171 -23.45 -26.41 24.15
C ILE B 171 -22.15 -25.72 24.49
N CYS B 172 -22.14 -25.12 25.68
CA CYS B 172 -20.94 -24.53 26.27
C CYS B 172 -19.80 -25.53 26.26
N ASN B 173 -20.13 -26.79 26.48
CA ASN B 173 -19.12 -27.83 26.47
C ASN B 173 -18.61 -28.09 25.07
N HIS B 174 -19.52 -28.06 24.11
CA HIS B 174 -19.19 -28.27 22.72
C HIS B 174 -18.22 -27.17 22.27
N ILE B 175 -18.59 -25.91 22.52
CA ILE B 175 -17.77 -24.75 22.19
C ILE B 175 -16.38 -24.87 22.80
N LYS B 176 -16.32 -25.39 24.02
CA LYS B 176 -15.06 -25.49 24.77
C LYS B 176 -14.14 -26.56 24.19
N TYR B 177 -14.70 -27.72 23.89
CA TYR B 177 -13.92 -28.79 23.28
C TYR B 177 -13.49 -28.46 21.85
N ALA B 178 -14.37 -27.82 21.11
CA ALA B 178 -14.16 -27.59 19.68
C ALA B 178 -13.14 -26.48 19.50
N THR B 179 -13.29 -25.40 20.27
CA THR B 179 -12.37 -24.27 20.20
C THR B 179 -10.97 -24.70 20.62
N ASN B 180 -10.86 -25.25 21.84
CA ASN B 180 -9.63 -25.89 22.29
C ASN B 180 -8.42 -24.93 22.26
N ARG B 181 -8.65 -23.71 22.75
CA ARG B 181 -7.61 -22.70 22.84
C ARG B 181 -7.05 -22.26 21.48
N GLY B 182 -7.81 -22.48 20.41
CA GLY B 182 -7.41 -22.09 19.07
C GLY B 182 -6.98 -23.26 18.20
N ASN B 183 -6.65 -24.39 18.81
CA ASN B 183 -6.38 -25.58 18.01
C ASN B 183 -7.66 -26.42 17.82
N LEU B 184 -8.39 -26.12 16.75
CA LEU B 184 -9.77 -26.55 16.61
C LEU B 184 -9.97 -28.03 16.28
N ARG B 185 -11.08 -28.57 16.76
CA ARG B 185 -11.45 -29.97 16.51
C ARG B 185 -12.84 -30.01 15.92
N SER B 186 -13.12 -30.98 15.06
CA SER B 186 -14.50 -31.21 14.61
C SER B 186 -15.37 -31.96 15.65
N ALA B 187 -16.50 -31.36 16.04
CA ALA B 187 -17.46 -32.06 16.86
C ALA B 187 -18.91 -31.81 16.50
N ILE B 188 -19.78 -32.71 16.95
CA ILE B 188 -21.21 -32.48 16.89
C ILE B 188 -21.91 -32.95 18.19
N THR B 189 -22.83 -32.11 18.69
CA THR B 189 -23.69 -32.47 19.80
C THR B 189 -25.11 -32.81 19.32
N VAL B 190 -25.62 -33.97 19.69
CA VAL B 190 -26.89 -34.45 19.18
C VAL B 190 -27.93 -34.48 20.31
N PHE B 191 -28.86 -33.53 20.24
CA PHE B 191 -29.93 -33.43 21.22
C PHE B 191 -31.08 -34.37 20.82
N PRO B 192 -32.04 -34.61 21.73
CA PRO B 192 -33.08 -35.62 21.52
C PRO B 192 -33.88 -35.51 20.24
N GLN B 193 -34.05 -36.66 19.60
CA GLN B 193 -34.83 -36.81 18.38
C GLN B 193 -36.30 -36.36 18.48
N ARG B 194 -36.76 -35.74 17.39
CA ARG B 194 -38.15 -35.39 17.20
C ARG B 194 -38.96 -36.64 17.44
N CYS B 195 -39.98 -36.55 18.29
N CYS B 195 -39.99 -36.55 18.27
CA CYS B 195 -40.72 -37.72 18.76
CA CYS B 195 -40.72 -37.74 18.69
C CYS B 195 -42.22 -37.44 18.85
C CYS B 195 -42.21 -37.45 18.83
N PRO B 196 -43.04 -38.50 18.73
CA PRO B 196 -44.49 -38.36 18.94
C PRO B 196 -44.81 -37.86 20.35
N GLY B 197 -45.61 -36.80 20.44
CA GLY B 197 -46.15 -36.37 21.72
C GLY B 197 -45.46 -35.16 22.32
N ARG B 198 -44.27 -34.87 21.82
CA ARG B 198 -43.43 -33.82 22.37
C ARG B 198 -43.11 -32.81 21.29
N GLY B 199 -42.74 -31.60 21.70
CA GLY B 199 -42.21 -30.61 20.78
C GLY B 199 -40.72 -30.85 20.55
N ASP B 200 -40.12 -30.10 19.65
CA ASP B 200 -38.72 -30.32 19.30
C ASP B 200 -37.78 -29.59 20.26
N PHE B 201 -36.59 -30.14 20.47
CA PHE B 201 -35.51 -29.25 20.86
C PHE B 201 -35.16 -28.39 19.62
N ARG B 202 -35.08 -27.08 19.79
CA ARG B 202 -34.61 -26.20 18.71
C ARG B 202 -33.67 -25.11 19.22
N ILE B 203 -32.56 -24.90 18.52
CA ILE B 203 -31.70 -23.74 18.76
C ILE B 203 -32.13 -22.71 17.72
N TRP B 204 -32.54 -21.52 18.16
CA TRP B 204 -33.05 -20.54 17.22
C TRP B 204 -31.91 -19.87 16.42
N ASN B 205 -30.72 -19.83 17.01
CA ASN B 205 -29.56 -19.20 16.40
C ASN B 205 -29.02 -20.00 15.22
N SER B 206 -28.80 -19.32 14.09
CA SER B 206 -28.23 -19.96 12.91
C SER B 206 -26.86 -20.57 13.20
N GLN B 207 -26.09 -19.93 14.07
CA GLN B 207 -24.77 -20.44 14.46
C GLN B 207 -24.61 -20.12 15.94
N LEU B 208 -23.85 -20.94 16.67
CA LEU B 208 -23.59 -20.68 18.09
C LEU B 208 -22.96 -19.32 18.36
N VAL B 209 -22.05 -18.88 17.47
CA VAL B 209 -21.44 -17.56 17.59
C VAL B 209 -21.86 -16.68 16.42
N ARG B 210 -22.53 -15.58 16.72
CA ARG B 210 -23.03 -14.71 15.69
C ARG B 210 -22.97 -13.31 16.24
N TYR B 211 -22.58 -12.35 15.39
CA TYR B 211 -22.58 -10.97 15.83
C TYR B 211 -23.96 -10.36 15.62
N ALA B 212 -24.35 -9.48 16.55
CA ALA B 212 -25.60 -8.75 16.44
C ALA B 212 -25.64 -7.89 15.17
N GLY B 213 -26.86 -7.49 14.80
CA GLY B 213 -27.08 -6.54 13.71
C GLY B 213 -28.22 -5.61 14.10
N TYR B 214 -27.90 -4.34 14.24
CA TYR B 214 -28.87 -3.35 14.71
C TYR B 214 -29.36 -2.44 13.61
N ARG B 215 -30.68 -2.36 13.44
CA ARG B 215 -31.27 -1.37 12.54
C ARG B 215 -30.95 0.05 13.03
N GLN B 216 -31.25 1.06 12.21
CA GLN B 216 -30.77 2.39 12.55
C GLN B 216 -31.76 3.52 12.26
N GLN B 217 -31.27 4.73 12.51
CA GLN B 217 -31.97 5.95 12.14
C GLN B 217 -31.92 6.12 10.62
N ASP B 218 -30.80 5.73 10.01
CA ASP B 218 -30.62 5.84 8.58
C ASP B 218 -31.47 4.81 7.84
N GLY B 219 -32.03 3.86 8.58
CA GLY B 219 -32.69 2.71 7.99
C GLY B 219 -31.69 1.61 7.72
N SER B 220 -30.42 1.91 8.01
CA SER B 220 -29.31 0.99 7.78
C SER B 220 -29.02 0.06 8.96
N VAL B 221 -27.93 -0.71 8.87
CA VAL B 221 -27.67 -1.75 9.86
C VAL B 221 -26.28 -1.61 10.47
N ARG B 222 -26.20 -1.77 11.79
CA ARG B 222 -24.93 -1.78 12.48
C ARG B 222 -24.53 -3.19 12.92
N GLY B 223 -23.31 -3.59 12.60
CA GLY B 223 -22.87 -4.96 12.79
C GLY B 223 -23.23 -5.82 11.59
N ASP B 224 -23.53 -7.10 11.85
CA ASP B 224 -23.75 -8.07 10.77
C ASP B 224 -25.21 -8.08 10.35
N PRO B 225 -25.47 -7.71 9.08
CA PRO B 225 -26.84 -7.62 8.56
C PRO B 225 -27.54 -8.98 8.38
N ALA B 226 -26.78 -10.07 8.39
CA ALA B 226 -27.35 -11.40 8.26
C ALA B 226 -28.17 -11.84 9.49
N ASN B 227 -28.08 -11.06 10.56
CA ASN B 227 -28.56 -11.49 11.86
C ASN B 227 -29.38 -10.36 12.47
N VAL B 228 -29.90 -9.51 11.59
CA VAL B 228 -30.89 -8.51 11.98
C VAL B 228 -32.11 -9.14 12.66
N GLU B 229 -32.57 -10.29 12.16
CA GLU B 229 -33.82 -10.91 12.62
C GLU B 229 -33.63 -11.54 14.01
N ILE B 230 -32.71 -12.49 14.09
CA ILE B 230 -32.34 -13.10 15.36
C ILE B 230 -32.03 -12.06 16.44
N THR B 231 -31.41 -10.94 16.06
CA THR B 231 -31.16 -9.83 16.98
C THR B 231 -32.48 -9.23 17.47
N GLU B 232 -33.45 -9.10 16.57
CA GLU B 232 -34.77 -8.56 16.91
C GLU B 232 -35.39 -9.46 17.97
N LEU B 233 -35.45 -10.75 17.66
CA LEU B 233 -35.91 -11.79 18.57
C LEU B 233 -35.26 -11.77 19.94
N CYS B 234 -33.94 -11.71 19.99
CA CYS B 234 -33.24 -11.72 21.28
C CYS B 234 -33.69 -10.56 22.15
N ILE B 235 -33.81 -9.38 21.54
CA ILE B 235 -34.15 -8.15 22.26
C ILE B 235 -35.53 -8.23 22.84
N GLN B 236 -36.45 -8.76 22.05
CA GLN B 236 -37.83 -8.86 22.46
C GLN B 236 -37.97 -9.94 23.53
N HIS B 237 -37.01 -10.86 23.57
CA HIS B 237 -37.00 -11.90 24.60
C HIS B 237 -36.12 -11.51 25.77
N GLY B 238 -35.94 -10.20 25.95
CA GLY B 238 -35.31 -9.69 27.14
C GLY B 238 -33.82 -9.38 27.06
N TRP B 239 -33.18 -9.68 25.93
CA TRP B 239 -31.76 -9.34 25.80
C TRP B 239 -31.58 -7.83 25.79
N THR B 240 -30.50 -7.35 26.39
CA THR B 240 -30.20 -5.94 26.42
C THR B 240 -29.12 -5.62 25.37
N PRO B 241 -29.56 -5.12 24.21
CA PRO B 241 -28.68 -4.90 23.06
C PRO B 241 -27.52 -4.00 23.39
N GLY B 242 -26.40 -4.25 22.71
CA GLY B 242 -25.27 -3.35 22.76
C GLY B 242 -25.41 -2.38 21.60
N ASN B 243 -24.30 -1.77 21.21
CA ASN B 243 -24.33 -0.82 20.11
C ASN B 243 -23.04 -0.85 19.32
N GLY B 244 -22.36 -1.98 19.37
CA GLY B 244 -21.12 -2.18 18.63
C GLY B 244 -21.37 -2.91 17.33
N ARG B 245 -20.29 -3.18 16.59
CA ARG B 245 -20.36 -3.88 15.32
C ARG B 245 -20.07 -5.36 15.45
N PHE B 246 -19.60 -5.76 16.62
CA PHE B 246 -19.25 -7.16 16.84
C PHE B 246 -19.73 -7.65 18.19
N ASP B 247 -20.93 -7.23 18.57
CA ASP B 247 -21.58 -7.73 19.79
C ASP B 247 -22.04 -9.18 19.60
N VAL B 248 -21.42 -10.10 20.33
CA VAL B 248 -21.85 -11.51 20.25
C VAL B 248 -23.27 -11.72 20.81
N LEU B 249 -24.11 -12.41 20.05
CA LEU B 249 -25.50 -12.63 20.43
C LEU B 249 -25.65 -13.71 21.50
N PRO B 250 -26.68 -13.56 22.34
CA PRO B 250 -26.95 -14.65 23.29
C PRO B 250 -27.59 -15.80 22.53
N LEU B 251 -27.72 -16.95 23.17
CA LEU B 251 -28.46 -18.06 22.59
C LEU B 251 -29.93 -18.05 22.99
N LEU B 252 -30.79 -18.48 22.07
CA LEU B 252 -32.19 -18.71 22.32
C LEU B 252 -32.37 -20.18 22.14
N LEU B 253 -32.69 -20.86 23.23
CA LEU B 253 -32.75 -22.32 23.25
C LEU B 253 -34.16 -22.76 23.62
N GLN B 254 -34.71 -23.67 22.83
CA GLN B 254 -36.09 -24.09 23.00
C GLN B 254 -36.11 -25.55 23.41
N ALA B 255 -36.60 -25.78 24.62
CA ALA B 255 -36.88 -27.13 25.10
C ALA B 255 -38.34 -27.45 24.71
N PRO B 256 -38.69 -28.74 24.55
CA PRO B 256 -40.04 -29.10 24.13
C PRO B 256 -41.17 -28.33 24.84
N ASP B 257 -42.14 -27.89 24.03
CA ASP B 257 -43.35 -27.21 24.50
C ASP B 257 -43.14 -26.07 25.49
N GLU B 258 -42.03 -25.35 25.29
CA GLU B 258 -41.61 -24.24 26.13
C GLU B 258 -41.26 -23.05 25.23
N PRO B 259 -41.53 -21.81 25.70
CA PRO B 259 -41.02 -20.65 24.95
C PRO B 259 -39.50 -20.71 24.92
N PRO B 260 -38.86 -19.97 24.00
CA PRO B 260 -37.42 -20.11 23.99
C PRO B 260 -36.81 -19.40 25.18
N GLU B 261 -35.85 -20.05 25.82
CA GLU B 261 -35.15 -19.46 26.95
C GLU B 261 -33.85 -18.85 26.46
N LEU B 262 -33.49 -17.69 27.01
CA LEU B 262 -32.36 -16.89 26.55
C LEU B 262 -31.11 -17.11 27.40
N PHE B 263 -29.98 -17.40 26.78
CA PHE B 263 -28.76 -17.72 27.53
C PHE B 263 -27.53 -16.96 27.02
N LEU B 264 -26.85 -16.25 27.91
CA LEU B 264 -25.64 -15.54 27.56
C LEU B 264 -24.42 -16.46 27.50
N LEU B 265 -23.65 -16.35 26.42
CA LEU B 265 -22.40 -17.08 26.33
C LEU B 265 -21.35 -16.43 27.22
N PRO B 266 -20.68 -17.23 28.07
CA PRO B 266 -19.63 -16.74 28.96
C PRO B 266 -18.51 -16.21 28.10
N PRO B 267 -18.19 -14.91 28.23
CA PRO B 267 -17.20 -14.22 27.39
C PRO B 267 -15.95 -15.04 27.10
N GLU B 268 -15.38 -15.66 28.14
CA GLU B 268 -14.15 -16.42 27.99
C GLU B 268 -14.32 -17.71 27.20
N LEU B 269 -15.54 -18.02 26.78
CA LEU B 269 -15.76 -19.23 25.99
C LEU B 269 -15.64 -18.93 24.49
N VAL B 270 -15.91 -17.68 24.12
CA VAL B 270 -15.94 -17.28 22.71
C VAL B 270 -14.59 -16.73 22.26
N LEU B 271 -13.74 -17.61 21.74
CA LEU B 271 -12.43 -17.19 21.21
C LEU B 271 -12.59 -16.36 19.94
N GLU B 272 -12.07 -15.13 19.97
CA GLU B 272 -12.09 -14.25 18.80
C GLU B 272 -10.68 -13.89 18.30
N VAL B 273 -10.60 -13.52 17.03
CA VAL B 273 -9.33 -13.14 16.39
C VAL B 273 -9.44 -11.72 15.85
N PRO B 274 -8.75 -10.78 16.50
CA PRO B 274 -8.71 -9.40 16.03
C PRO B 274 -7.96 -9.37 14.70
N LEU B 275 -8.49 -8.66 13.71
CA LEU B 275 -7.93 -8.68 12.35
C LEU B 275 -6.88 -7.60 12.10
N GLU B 276 -5.69 -8.03 11.74
CA GLU B 276 -4.61 -7.10 11.35
C GLU B 276 -3.96 -7.55 10.04
N HIS B 277 -3.33 -6.62 9.33
CA HIS B 277 -2.64 -6.97 8.07
C HIS B 277 -1.12 -6.96 8.25
N PRO B 278 -0.44 -7.97 7.68
CA PRO B 278 0.99 -8.08 7.95
C PRO B 278 1.85 -6.96 7.35
N THR B 279 1.36 -6.20 6.38
CA THR B 279 2.12 -5.06 5.86
C THR B 279 1.28 -3.81 5.62
N LEU B 280 0.06 -3.78 6.16
CA LEU B 280 -0.76 -2.57 6.08
C LEU B 280 -1.18 -2.20 7.48
N GLU B 281 -0.31 -1.51 8.20
CA GLU B 281 -0.52 -1.25 9.61
C GLU B 281 -1.77 -0.41 9.92
N TRP B 282 -2.32 0.27 8.91
CA TRP B 282 -3.56 1.02 9.14
C TRP B 282 -4.78 0.08 9.27
N PHE B 283 -4.57 -1.18 8.92
CA PHE B 283 -5.68 -2.12 8.81
C PHE B 283 -6.26 -2.38 10.19
N ALA B 284 -5.39 -2.60 11.17
CA ALA B 284 -5.82 -2.89 12.54
C ALA B 284 -6.72 -1.78 13.09
N ALA B 285 -6.67 -0.60 12.47
CA ALA B 285 -7.52 0.50 12.93
C ALA B 285 -8.91 0.43 12.31
N LEU B 286 -9.15 -0.57 11.49
CA LEU B 286 -10.53 -0.83 11.05
C LEU B 286 -11.35 -1.34 12.23
N GLY B 287 -10.69 -2.02 13.17
CA GLY B 287 -11.36 -2.55 14.33
C GLY B 287 -12.16 -3.78 13.99
N LEU B 288 -11.69 -4.51 13.00
CA LEU B 288 -12.38 -5.71 12.54
C LEU B 288 -11.94 -6.93 13.34
N ARG B 289 -12.90 -7.84 13.54
CA ARG B 289 -12.68 -9.07 14.30
C ARG B 289 -13.49 -10.18 13.67
N TRP B 290 -13.12 -11.42 13.98
CA TRP B 290 -14.00 -12.56 13.73
C TRP B 290 -13.79 -13.61 14.81
N TYR B 291 -14.63 -14.64 14.88
CA TYR B 291 -14.54 -15.64 15.95
C TYR B 291 -13.93 -16.91 15.39
N ALA B 292 -13.38 -17.75 16.27
CA ALA B 292 -12.65 -18.95 15.82
C ALA B 292 -13.53 -20.06 15.27
N LEU B 293 -14.72 -20.22 15.82
CA LEU B 293 -15.48 -21.46 15.67
C LEU B 293 -16.69 -21.29 14.76
N PRO B 294 -16.67 -21.96 13.61
CA PRO B 294 -17.89 -21.92 12.80
C PRO B 294 -18.82 -23.06 13.23
N ALA B 295 -19.79 -22.76 14.08
CA ALA B 295 -20.71 -23.78 14.61
C ALA B 295 -22.14 -23.61 14.10
N VAL B 296 -22.53 -24.38 13.10
CA VAL B 296 -23.88 -24.25 12.58
C VAL B 296 -24.89 -24.97 13.48
N SER B 297 -25.96 -24.28 13.86
CA SER B 297 -26.85 -24.73 14.91
C SER B 297 -28.35 -24.85 14.59
N ASN B 298 -28.74 -24.64 13.32
CA ASN B 298 -30.15 -24.68 12.91
C ASN B 298 -30.45 -25.63 11.76
N MET B 299 -29.60 -26.63 11.55
CA MET B 299 -29.80 -27.59 10.49
C MET B 299 -30.28 -28.91 11.07
N LEU B 300 -31.14 -29.60 10.32
CA LEU B 300 -31.67 -30.89 10.75
C LEU B 300 -30.74 -32.03 10.35
N LEU B 301 -30.57 -33.00 11.23
CA LEU B 301 -29.79 -34.18 10.94
C LEU B 301 -30.74 -35.36 10.77
N GLU B 302 -30.63 -36.04 9.63
CA GLU B 302 -31.53 -37.13 9.33
C GLU B 302 -30.77 -38.46 9.33
N ILE B 303 -31.16 -39.37 10.21
CA ILE B 303 -30.57 -40.71 10.26
C ILE B 303 -31.67 -41.76 10.25
N GLY B 304 -31.61 -42.69 9.28
CA GLY B 304 -32.60 -43.72 9.07
C GLY B 304 -34.05 -43.37 9.37
N GLY B 305 -34.50 -42.23 8.83
CA GLY B 305 -35.85 -41.73 9.09
C GLY B 305 -36.02 -40.95 10.38
N LEU B 306 -35.11 -41.14 11.34
CA LEU B 306 -35.12 -40.31 12.53
C LEU B 306 -34.58 -38.93 12.23
N GLU B 307 -35.16 -37.92 12.88
CA GLU B 307 -34.81 -36.54 12.62
C GLU B 307 -34.38 -35.80 13.89
N PHE B 308 -33.20 -35.20 13.87
CA PHE B 308 -32.70 -34.44 15.01
C PHE B 308 -32.70 -32.98 14.68
N PRO B 309 -33.77 -32.26 15.06
CA PRO B 309 -33.88 -30.86 14.68
C PRO B 309 -32.94 -29.97 15.50
N ALA B 310 -32.24 -30.57 16.46
CA ALA B 310 -31.16 -29.87 17.15
C ALA B 310 -29.93 -30.74 17.32
N ALA B 311 -28.90 -30.47 16.50
CA ALA B 311 -27.64 -31.17 16.55
C ALA B 311 -26.51 -30.27 16.00
N PRO B 312 -26.15 -29.23 16.77
CA PRO B 312 -25.12 -28.25 16.34
C PRO B 312 -23.80 -28.93 16.04
N PHE B 313 -23.21 -28.55 14.90
CA PHE B 313 -21.91 -29.08 14.51
C PHE B 313 -20.90 -27.99 14.09
N SER B 314 -19.62 -28.31 14.17
CA SER B 314 -18.62 -27.29 13.91
C SER B 314 -17.30 -27.86 13.41
N GLY B 315 -16.65 -27.09 12.54
CA GLY B 315 -15.35 -27.46 12.01
C GLY B 315 -14.41 -26.32 12.31
N TRP B 316 -13.66 -25.89 11.31
CA TRP B 316 -12.91 -24.65 11.41
C TRP B 316 -13.08 -23.90 10.09
N TYR B 317 -12.79 -22.61 10.08
CA TYR B 317 -13.08 -21.77 8.91
C TYR B 317 -12.12 -21.95 7.74
N MET B 318 -12.64 -21.74 6.53
CA MET B 318 -11.81 -21.52 5.37
C MET B 318 -11.75 -20.02 5.17
N SER B 319 -10.56 -19.47 4.98
CA SER B 319 -10.36 -18.03 5.04
C SER B 319 -11.33 -17.21 4.19
N THR B 320 -11.70 -17.72 3.03
CA THR B 320 -12.64 -16.98 2.17
C THR B 320 -14.01 -16.69 2.79
N GLU B 321 -14.50 -17.56 3.70
CA GLU B 321 -15.80 -17.28 4.32
C GLU B 321 -15.75 -15.99 5.11
N ILE B 322 -14.63 -15.78 5.77
CA ILE B 322 -14.42 -14.52 6.48
C ILE B 322 -14.00 -13.42 5.49
N GLY B 323 -12.91 -13.62 4.77
CA GLY B 323 -12.35 -12.60 3.89
C GLY B 323 -13.26 -12.09 2.79
N THR B 324 -13.63 -12.98 1.88
CA THR B 324 -14.53 -12.66 0.80
C THR B 324 -15.98 -12.47 1.25
N ARG B 325 -16.60 -13.52 1.76
CA ARG B 325 -18.04 -13.47 2.03
C ARG B 325 -18.43 -12.59 3.22
N ASN B 326 -18.07 -12.96 4.45
CA ASN B 326 -18.65 -12.29 5.62
C ASN B 326 -18.32 -10.80 5.68
N LEU B 327 -17.16 -10.44 5.15
CA LEU B 327 -16.71 -9.04 5.21
C LEU B 327 -17.00 -8.25 3.95
N CYS B 328 -16.79 -8.84 2.77
CA CYS B 328 -16.91 -8.07 1.52
C CYS B 328 -18.26 -8.06 0.78
N ASP B 329 -19.11 -9.06 1.04
CA ASP B 329 -20.46 -9.05 0.51
C ASP B 329 -21.04 -7.68 0.76
N PRO B 330 -21.73 -7.12 -0.25
CA PRO B 330 -22.39 -5.82 -0.12
C PRO B 330 -23.42 -5.89 1.00
N HIS B 331 -24.09 -7.03 1.12
CA HIS B 331 -25.17 -7.18 2.10
C HIS B 331 -24.67 -7.62 3.48
N ARG B 332 -23.42 -8.04 3.58
CA ARG B 332 -22.83 -8.27 4.89
C ARG B 332 -22.09 -7.03 5.39
N TYR B 333 -20.86 -7.22 5.86
CA TYR B 333 -20.07 -6.11 6.41
C TYR B 333 -19.60 -5.09 5.38
N ASN B 334 -19.52 -5.50 4.12
CA ASN B 334 -19.27 -4.60 2.99
C ASN B 334 -18.10 -3.62 3.16
N ILE B 335 -16.93 -4.11 3.56
CA ILE B 335 -15.81 -3.21 3.78
C ILE B 335 -14.97 -2.98 2.51
N LEU B 336 -15.39 -3.51 1.36
CA LEU B 336 -14.52 -3.58 0.19
C LEU B 336 -13.98 -2.23 -0.27
N GLU B 337 -14.89 -1.29 -0.46
CA GLU B 337 -14.51 0.05 -0.90
C GLU B 337 -13.65 0.75 0.15
N ASP B 338 -14.07 0.68 1.40
CA ASP B 338 -13.34 1.33 2.49
C ASP B 338 -11.89 0.86 2.58
N VAL B 339 -11.66 -0.42 2.35
CA VAL B 339 -10.30 -0.95 2.26
C VAL B 339 -9.56 -0.40 1.02
N ALA B 340 -10.25 -0.38 -0.11
CA ALA B 340 -9.65 -0.03 -1.39
C ALA B 340 -9.25 1.45 -1.41
N VAL B 341 -10.12 2.29 -0.88
CA VAL B 341 -9.80 3.70 -0.67
C VAL B 341 -8.53 3.84 0.17
N CYS B 342 -8.50 3.16 1.31
CA CYS B 342 -7.32 3.21 2.17
C CYS B 342 -6.06 2.72 1.44
N MET B 343 -6.22 1.83 0.47
CA MET B 343 -5.08 1.29 -0.28
C MET B 343 -4.66 2.29 -1.36
N ASP B 344 -5.38 3.40 -1.40
CA ASP B 344 -5.19 4.44 -2.38
C ASP B 344 -5.36 3.93 -3.80
N LEU B 345 -6.10 2.82 -3.95
CA LEU B 345 -6.47 2.34 -5.27
C LEU B 345 -7.43 3.31 -5.95
N ASP B 346 -7.49 3.24 -7.28
CA ASP B 346 -8.38 4.10 -8.03
C ASP B 346 -9.74 3.43 -8.10
N THR B 347 -10.67 3.89 -7.26
CA THR B 347 -11.98 3.26 -7.19
C THR B 347 -12.98 3.95 -8.11
N ARG B 348 -12.47 4.77 -9.03
CA ARG B 348 -13.35 5.49 -9.95
C ARG B 348 -13.77 4.54 -11.05
N THR B 349 -12.82 3.72 -11.49
CA THR B 349 -13.04 2.83 -12.63
C THR B 349 -12.87 1.36 -12.23
N THR B 350 -13.68 0.49 -12.82
CA THR B 350 -13.62 -0.93 -12.45
C THR B 350 -12.46 -1.64 -13.11
N SER B 351 -12.07 -1.15 -14.28
CA SER B 351 -10.94 -1.73 -15.03
C SER B 351 -9.63 -1.66 -14.24
N SER B 352 -9.59 -0.85 -13.18
CA SER B 352 -8.39 -0.83 -12.32
C SER B 352 -8.32 -2.08 -11.42
N LEU B 353 -9.36 -2.90 -11.48
CA LEU B 353 -9.48 -4.09 -10.67
C LEU B 353 -9.33 -3.79 -9.18
N TRP B 354 -9.86 -2.65 -8.77
CA TRP B 354 -9.70 -2.21 -7.39
C TRP B 354 -10.36 -3.17 -6.42
N LYS B 355 -11.53 -3.69 -6.83
CA LYS B 355 -12.28 -4.65 -6.05
C LYS B 355 -11.44 -5.90 -5.84
N ASP B 356 -10.81 -6.40 -6.89
CA ASP B 356 -9.99 -7.61 -6.75
C ASP B 356 -8.74 -7.42 -5.87
N LYS B 357 -8.04 -6.30 -6.02
CA LYS B 357 -6.86 -6.05 -5.19
C LYS B 357 -7.22 -5.89 -3.71
N ALA B 358 -8.25 -5.11 -3.42
CA ALA B 358 -8.70 -4.90 -2.04
C ALA B 358 -9.13 -6.22 -1.36
N ALA B 359 -9.91 -7.03 -2.08
CA ALA B 359 -10.28 -8.36 -1.61
C ALA B 359 -9.10 -9.24 -1.28
N VAL B 360 -8.05 -9.24 -2.13
CA VAL B 360 -6.94 -10.16 -1.88
C VAL B 360 -6.21 -9.76 -0.59
N GLU B 361 -6.18 -8.47 -0.29
CA GLU B 361 -5.55 -8.01 0.93
C GLU B 361 -6.37 -8.38 2.18
N ILE B 362 -7.70 -8.24 2.10
CA ILE B 362 -8.61 -8.64 3.18
C ILE B 362 -8.44 -10.12 3.53
N ASN B 363 -8.34 -10.97 2.52
CA ASN B 363 -8.05 -12.37 2.77
C ASN B 363 -6.70 -12.62 3.42
N VAL B 364 -5.64 -12.02 2.88
CA VAL B 364 -4.30 -12.11 3.47
C VAL B 364 -4.33 -11.76 4.95
N ALA B 365 -5.04 -10.71 5.32
CA ALA B 365 -5.20 -10.33 6.73
C ALA B 365 -5.86 -11.44 7.58
N VAL B 366 -6.89 -12.08 7.02
CA VAL B 366 -7.60 -13.12 7.76
C VAL B 366 -6.69 -14.30 8.07
N LEU B 367 -5.99 -14.79 7.06
CA LEU B 367 -5.07 -15.92 7.21
C LEU B 367 -3.96 -15.57 8.18
N HIS B 368 -3.61 -14.29 8.18
CA HIS B 368 -2.47 -13.83 8.94
C HIS B 368 -2.86 -13.57 10.37
N SER B 369 -3.98 -12.91 10.58
CA SER B 369 -4.44 -12.68 11.93
C SER B 369 -4.64 -14.02 12.65
N TYR B 370 -5.32 -14.94 11.98
CA TYR B 370 -5.55 -16.27 12.54
C TYR B 370 -4.26 -17.05 12.80
N GLN B 371 -3.28 -16.94 11.89
CA GLN B 371 -2.02 -17.66 12.12
C GLN B 371 -1.28 -17.05 13.30
N LEU B 372 -1.27 -15.73 13.35
CA LEU B 372 -0.73 -15.02 14.50
C LEU B 372 -1.38 -15.45 15.80
N ALA B 373 -2.70 -15.54 15.81
CA ALA B 373 -3.45 -15.79 17.03
C ALA B 373 -3.42 -17.26 17.43
N LYS B 374 -2.74 -18.09 16.64
CA LYS B 374 -2.64 -19.53 16.85
C LYS B 374 -4.02 -20.20 16.85
N VAL B 375 -4.83 -19.78 15.86
CA VAL B 375 -6.19 -20.25 15.69
C VAL B 375 -6.35 -20.89 14.32
N THR B 376 -6.46 -22.22 14.29
CA THR B 376 -6.67 -23.00 13.06
C THR B 376 -7.46 -22.34 11.93
N ILE B 377 -6.97 -22.47 10.71
CA ILE B 377 -7.60 -21.85 9.55
C ILE B 377 -7.00 -22.42 8.27
N VAL B 378 -7.79 -22.53 7.21
CA VAL B 378 -7.30 -23.12 5.97
C VAL B 378 -7.61 -22.19 4.83
N ASP B 379 -6.66 -22.09 3.89
CA ASP B 379 -6.87 -21.25 2.72
C ASP B 379 -7.54 -22.07 1.64
N HIS B 380 -8.25 -21.38 0.75
CA HIS B 380 -9.01 -21.99 -0.33
C HIS B 380 -8.17 -22.84 -1.28
N HIS B 381 -6.87 -22.55 -1.37
CA HIS B 381 -5.99 -23.37 -2.21
C HIS B 381 -5.70 -24.68 -1.53
N ALA B 382 -5.35 -24.59 -0.25
CA ALA B 382 -5.14 -25.80 0.55
C ALA B 382 -6.46 -26.59 0.68
N ALA B 383 -7.54 -25.88 0.95
CA ALA B 383 -8.86 -26.51 1.07
C ALA B 383 -9.25 -27.29 -0.18
N THR B 384 -9.11 -26.64 -1.36
CA THR B 384 -9.56 -27.27 -2.61
C THR B 384 -8.68 -28.45 -2.99
N ALA B 385 -7.40 -28.36 -2.65
CA ALA B 385 -6.49 -29.46 -2.90
C ALA B 385 -6.94 -30.71 -2.16
N SER B 386 -7.18 -30.59 -0.85
CA SER B 386 -7.59 -31.77 -0.10
C SER B 386 -8.95 -32.28 -0.58
N PHE B 387 -9.83 -31.39 -1.04
CA PHE B 387 -11.07 -31.87 -1.61
C PHE B 387 -10.88 -32.77 -2.80
N MET B 388 -9.88 -32.47 -3.63
CA MET B 388 -9.57 -33.31 -4.79
C MET B 388 -9.12 -34.69 -4.35
N LYS B 389 -8.29 -34.73 -3.33
CA LYS B 389 -7.88 -36.00 -2.75
C LYS B 389 -9.10 -36.73 -2.15
N HIS B 390 -10.03 -35.96 -1.55
CA HIS B 390 -11.30 -36.55 -1.09
C HIS B 390 -12.09 -37.21 -2.22
N LEU B 391 -12.22 -36.50 -3.35
CA LEU B 391 -12.92 -37.06 -4.51
C LEU B 391 -12.29 -38.37 -4.96
N GLU B 392 -10.96 -38.41 -4.92
CA GLU B 392 -10.22 -39.60 -5.30
C GLU B 392 -10.42 -40.74 -4.29
N ASN B 393 -10.40 -40.41 -2.99
CA ASN B 393 -10.72 -41.39 -1.95
C ASN B 393 -12.14 -41.90 -2.16
N GLU B 394 -13.07 -40.98 -2.39
CA GLU B 394 -14.47 -41.36 -2.48
C GLU B 394 -14.85 -42.22 -3.70
N GLN B 395 -14.16 -42.04 -4.81
CA GLN B 395 -14.45 -42.82 -6.01
C GLN B 395 -14.08 -44.31 -5.82
N LYS B 396 -12.94 -44.55 -5.18
CA LYS B 396 -12.53 -45.91 -4.86
C LYS B 396 -13.47 -46.55 -3.84
N ALA B 397 -14.09 -45.73 -2.98
CA ALA B 397 -14.86 -46.23 -1.85
C ALA B 397 -16.31 -46.53 -2.20
N ARG B 398 -17.02 -45.52 -2.69
CA ARG B 398 -18.43 -45.65 -2.97
C ARG B 398 -18.75 -45.49 -4.44
N GLY B 399 -17.72 -45.34 -5.27
CA GLY B 399 -17.90 -45.18 -6.70
C GLY B 399 -18.50 -43.84 -7.08
N GLY B 400 -18.09 -42.77 -6.40
CA GLY B 400 -18.68 -41.47 -6.60
C GLY B 400 -18.63 -40.57 -5.38
N CYS B 401 -19.22 -39.39 -5.50
CA CYS B 401 -19.18 -38.38 -4.44
C CYS B 401 -20.06 -37.18 -4.78
N PRO B 402 -21.14 -36.99 -4.01
CA PRO B 402 -22.04 -35.84 -4.17
C PRO B 402 -21.34 -34.48 -3.97
N ALA B 403 -21.42 -33.61 -4.98
CA ALA B 403 -20.77 -32.30 -4.89
C ALA B 403 -21.50 -31.18 -5.64
N ASP B 404 -21.80 -30.11 -4.92
CA ASP B 404 -22.42 -28.94 -5.49
C ASP B 404 -21.30 -27.98 -5.98
N TRP B 405 -21.02 -28.05 -7.29
CA TRP B 405 -19.90 -27.33 -7.92
C TRP B 405 -19.86 -25.89 -7.49
N ALA B 406 -20.99 -25.19 -7.62
CA ALA B 406 -21.06 -23.78 -7.29
C ALA B 406 -20.83 -23.48 -5.83
N TRP B 407 -20.86 -24.50 -4.98
CA TRP B 407 -20.53 -24.33 -3.57
C TRP B 407 -19.06 -24.67 -3.30
N ILE B 408 -18.58 -25.72 -3.96
CA ILE B 408 -17.21 -26.18 -3.80
C ILE B 408 -16.14 -25.20 -4.28
N VAL B 409 -16.39 -24.55 -5.41
CA VAL B 409 -15.50 -23.55 -5.94
C VAL B 409 -15.49 -22.30 -5.07
N PRO B 410 -14.30 -21.89 -4.56
CA PRO B 410 -14.19 -20.69 -3.73
C PRO B 410 -14.70 -19.42 -4.39
N PRO B 411 -15.28 -18.52 -3.59
CA PRO B 411 -15.85 -17.29 -4.11
C PRO B 411 -14.81 -16.30 -4.66
N ILE B 412 -13.53 -16.63 -4.56
CA ILE B 412 -12.49 -15.98 -5.38
C ILE B 412 -11.54 -17.03 -5.93
N SER B 413 -10.89 -16.72 -7.04
CA SER B 413 -9.81 -17.54 -7.60
C SER B 413 -10.27 -18.90 -8.05
N GLY B 414 -11.52 -19.02 -8.49
CA GLY B 414 -12.04 -20.30 -8.89
C GLY B 414 -11.14 -21.13 -9.77
N SER B 415 -10.84 -20.63 -10.97
CA SER B 415 -10.03 -21.37 -11.93
C SER B 415 -8.60 -21.56 -11.50
N LEU B 416 -8.15 -20.71 -10.58
CA LEU B 416 -6.86 -20.91 -9.93
C LEU B 416 -6.85 -22.20 -9.07
N THR B 417 -7.99 -22.57 -8.49
CA THR B 417 -8.09 -23.81 -7.71
C THR B 417 -8.48 -24.98 -8.62
N PRO B 418 -8.18 -26.22 -8.20
CA PRO B 418 -8.46 -27.38 -9.04
C PRO B 418 -9.93 -27.77 -9.17
N VAL B 419 -10.79 -27.33 -8.27
CA VAL B 419 -12.18 -27.76 -8.29
C VAL B 419 -12.94 -27.07 -9.41
N PHE B 420 -12.44 -25.94 -9.88
CA PHE B 420 -13.04 -25.25 -11.03
C PHE B 420 -13.07 -26.16 -12.25
N HIS B 421 -12.00 -26.93 -12.46
CA HIS B 421 -11.84 -27.72 -13.68
C HIS B 421 -12.38 -29.15 -13.56
N GLN B 422 -13.06 -29.42 -12.45
CA GLN B 422 -13.65 -30.73 -12.22
C GLN B 422 -15.16 -30.71 -12.34
N GLU B 423 -15.69 -31.57 -13.20
CA GLU B 423 -17.13 -31.75 -13.27
C GLU B 423 -17.60 -32.48 -12.03
N MET B 424 -18.79 -32.14 -11.53
CA MET B 424 -19.33 -32.77 -10.33
C MET B 424 -20.82 -33.12 -10.45
N VAL B 425 -21.20 -34.26 -9.86
CA VAL B 425 -22.60 -34.68 -9.83
C VAL B 425 -23.22 -34.27 -8.50
N ASN B 426 -24.26 -33.45 -8.53
CA ASN B 426 -24.98 -33.14 -7.30
C ASN B 426 -26.16 -34.09 -7.06
N TYR B 427 -26.18 -34.75 -5.89
CA TYR B 427 -27.31 -35.55 -5.44
C TYR B 427 -27.40 -35.66 -3.91
N PHE B 428 -28.56 -36.13 -3.42
CA PHE B 428 -28.83 -36.23 -1.98
C PHE B 428 -28.71 -37.68 -1.48
N LEU B 429 -27.78 -37.94 -0.57
CA LEU B 429 -27.73 -39.24 0.12
C LEU B 429 -28.18 -39.18 1.58
N SER B 430 -28.52 -40.33 2.16
CA SER B 430 -28.87 -40.37 3.59
C SER B 430 -27.93 -41.27 4.37
N PRO B 431 -27.51 -40.84 5.57
CA PRO B 431 -27.76 -39.65 6.39
C PRO B 431 -27.34 -38.32 5.78
N ALA B 432 -27.97 -37.26 6.26
CA ALA B 432 -27.83 -35.98 5.63
C ALA B 432 -28.13 -34.88 6.64
N PHE B 433 -27.62 -33.69 6.35
CA PHE B 433 -28.05 -32.48 7.02
C PHE B 433 -28.98 -31.79 6.06
N ARG B 434 -30.03 -31.18 6.58
CA ARG B 434 -31.05 -30.57 5.75
C ARG B 434 -31.35 -29.22 6.36
N TYR B 435 -31.86 -28.33 5.55
CA TYR B 435 -32.30 -27.07 6.08
C TYR B 435 -33.65 -27.34 6.70
N GLN B 436 -34.12 -26.43 7.54
CA GLN B 436 -35.40 -26.59 8.18
C GLN B 436 -35.93 -25.20 8.44
N PRO B 437 -37.26 -25.04 8.45
CA PRO B 437 -37.77 -23.69 8.62
C PRO B 437 -37.47 -23.17 10.02
N ASP B 438 -37.38 -21.85 10.16
CA ASP B 438 -37.17 -21.21 11.45
C ASP B 438 -38.38 -21.54 12.30
N PRO B 439 -38.16 -21.76 13.61
CA PRO B 439 -39.27 -22.15 14.46
C PRO B 439 -40.23 -20.99 14.70
N TRP B 440 -39.83 -19.76 14.39
CA TRP B 440 -40.70 -18.62 14.61
C TRP B 440 -41.43 -18.21 13.33
N PHE C 28 38.22 35.25 18.36
CA PHE C 28 37.01 34.87 19.10
C PHE C 28 35.75 35.13 18.29
N PRO C 29 35.08 34.06 17.82
CA PRO C 29 33.90 34.18 16.96
C PRO C 29 32.76 35.05 17.52
N ARG C 30 32.22 35.93 16.67
CA ARG C 30 31.04 36.72 16.99
C ARG C 30 29.78 35.91 16.69
N VAL C 31 28.87 35.84 17.64
CA VAL C 31 27.69 35.01 17.50
C VAL C 31 26.43 35.84 17.72
N LYS C 32 25.45 35.70 16.85
CA LYS C 32 24.28 36.56 16.88
C LYS C 32 22.97 35.77 17.03
N ASN C 33 22.06 36.32 17.83
CA ASN C 33 20.69 35.83 17.84
C ASN C 33 19.82 36.69 16.96
N TRP C 34 19.45 36.13 15.82
CA TRP C 34 18.68 36.85 14.82
C TRP C 34 17.23 37.14 15.19
N GLU C 35 16.77 36.63 16.33
CA GLU C 35 15.39 36.91 16.75
C GLU C 35 15.35 38.17 17.60
N VAL C 36 16.25 38.23 18.58
CA VAL C 36 16.31 39.35 19.50
C VAL C 36 17.35 40.38 19.04
N GLY C 37 18.27 39.95 18.19
CA GLY C 37 19.29 40.83 17.65
C GLY C 37 20.55 40.84 18.52
N SER C 38 20.47 40.22 19.69
CA SER C 38 21.56 40.20 20.66
C SER C 38 22.86 39.62 20.11
N ILE C 39 24.00 40.11 20.61
CA ILE C 39 25.32 39.62 20.23
C ILE C 39 26.11 39.15 21.46
N THR C 40 26.86 38.05 21.32
CA THR C 40 27.88 37.65 22.30
C THR C 40 29.16 37.14 21.60
N TYR C 41 30.22 36.88 22.36
CA TYR C 41 31.46 36.32 21.81
C TYR C 41 31.86 34.99 22.45
N ASP C 42 32.17 33.99 21.62
CA ASP C 42 32.55 32.69 22.15
C ASP C 42 34.06 32.61 22.36
N THR C 43 34.48 32.83 23.60
CA THR C 43 35.89 32.83 23.94
C THR C 43 36.36 31.42 24.28
N LEU C 44 35.43 30.61 24.80
CA LEU C 44 35.70 29.20 25.15
C LEU C 44 36.20 28.34 23.99
N SER C 45 35.71 28.59 22.78
CA SER C 45 36.11 27.82 21.60
C SER C 45 37.61 27.87 21.39
N ALA C 46 38.26 28.93 21.87
CA ALA C 46 39.70 29.07 21.73
C ALA C 46 40.43 27.93 22.42
N GLN C 47 39.81 27.36 23.44
CA GLN C 47 40.43 26.29 24.23
C GLN C 47 40.05 24.92 23.69
N ALA C 48 39.46 24.89 22.50
CA ALA C 48 39.03 23.65 21.88
C ALA C 48 40.20 22.67 21.77
N GLN C 49 40.04 21.53 22.42
CA GLN C 49 41.03 20.47 22.42
C GLN C 49 41.20 19.91 21.01
N GLN C 50 40.49 18.81 20.75
CA GLN C 50 40.66 18.09 19.49
C GLN C 50 40.21 18.90 18.31
N ASP C 51 40.62 18.47 17.14
CA ASP C 51 40.20 19.12 15.93
C ASP C 51 39.07 18.36 15.23
N GLY C 52 38.15 19.10 14.64
CA GLY C 52 37.01 18.53 13.95
C GLY C 52 37.27 18.30 12.47
N PRO C 53 36.21 18.17 11.68
CA PRO C 53 36.38 17.79 10.28
C PRO C 53 36.43 18.95 9.29
N CYS C 54 36.04 20.14 9.74
CA CYS C 54 35.99 21.32 8.86
C CYS C 54 37.37 21.97 8.61
N THR C 55 37.46 22.74 7.54
CA THR C 55 38.64 23.53 7.16
C THR C 55 38.14 24.80 6.46
N PRO C 56 39.04 25.79 6.23
CA PRO C 56 38.53 26.99 5.57
C PRO C 56 38.09 26.72 4.15
N ARG C 57 38.58 25.63 3.57
CA ARG C 57 38.20 25.20 2.23
C ARG C 57 36.80 24.56 2.15
N ARG C 58 36.34 23.92 3.22
CA ARG C 58 35.04 23.22 3.19
C ARG C 58 34.48 22.94 4.57
N CYS C 59 33.21 23.26 4.77
CA CYS C 59 32.52 22.92 6.02
C CYS C 59 31.88 21.54 5.98
N LEU C 60 32.31 20.66 6.89
CA LEU C 60 31.70 19.33 7.06
C LEU C 60 30.94 19.20 8.39
N GLY C 61 30.44 20.31 8.93
CA GLY C 61 29.71 20.28 10.18
C GLY C 61 28.37 19.55 10.21
N SER C 62 27.95 19.01 9.07
CA SER C 62 26.70 18.29 8.96
C SER C 62 26.94 16.78 8.94
N LEU C 63 28.21 16.39 8.98
CA LEU C 63 28.54 14.96 9.06
C LEU C 63 28.15 14.39 10.43
N VAL C 64 27.76 13.12 10.45
CA VAL C 64 27.33 12.47 11.69
C VAL C 64 28.53 11.98 12.49
N PHE C 65 29.49 11.37 11.78
CA PHE C 65 30.78 11.02 12.37
C PHE C 65 31.80 12.07 11.97
N PRO C 66 32.05 13.06 12.85
CA PRO C 66 33.09 14.05 12.56
C PRO C 66 34.46 13.57 13.05
N ALA C 79 52.73 5.13 24.76
CA ALA C 79 52.64 6.60 24.78
C ALA C 79 52.28 7.12 26.17
N PRO C 80 53.23 7.05 27.12
CA PRO C 80 53.00 7.60 28.45
C PRO C 80 53.09 9.12 28.43
N GLU C 81 53.98 9.66 27.59
CA GLU C 81 54.13 11.10 27.42
C GLU C 81 52.78 11.77 27.16
N GLN C 82 51.97 11.12 26.32
CA GLN C 82 50.70 11.67 25.87
C GLN C 82 49.60 11.52 26.92
N LEU C 83 49.50 10.33 27.54
CA LEU C 83 48.54 10.09 28.60
C LEU C 83 48.72 11.11 29.71
N LEU C 84 49.97 11.29 30.15
CA LEU C 84 50.30 12.35 31.10
C LEU C 84 49.69 13.67 30.67
N SER C 85 50.04 14.11 29.46
CA SER C 85 49.65 15.42 28.93
C SER C 85 48.21 15.76 29.23
N GLN C 86 47.29 14.85 28.89
CA GLN C 86 45.86 15.07 29.13
C GLN C 86 45.41 14.81 30.57
N ALA C 87 46.15 13.94 31.26
CA ALA C 87 45.93 13.68 32.67
C ALA C 87 46.06 14.96 33.49
N ARG C 88 47.09 15.74 33.20
CA ARG C 88 47.38 16.90 34.01
C ARG C 88 46.30 17.98 33.92
N ASP C 89 45.86 18.30 32.71
CA ASP C 89 44.97 19.45 32.54
C ASP C 89 43.53 19.18 32.98
N PHE C 90 43.12 17.92 32.96
CA PHE C 90 41.84 17.58 33.58
C PHE C 90 41.94 17.79 35.08
N ILE C 91 43.07 17.38 35.66
CA ILE C 91 43.32 17.59 37.08
C ILE C 91 43.30 19.09 37.36
N ASN C 92 43.86 19.85 36.43
CA ASN C 92 43.93 21.30 36.59
C ASN C 92 42.55 21.93 36.50
N GLN C 93 41.73 21.46 35.56
CA GLN C 93 40.37 21.94 35.39
C GLN C 93 39.63 21.75 36.70
N TYR C 94 39.70 20.52 37.20
CA TYR C 94 39.07 20.11 38.44
C TYR C 94 39.32 21.07 39.58
N TYR C 95 40.59 21.29 39.92
CA TYR C 95 40.91 22.13 41.06
C TYR C 95 40.47 23.58 40.84
N SER C 96 40.66 24.09 39.63
CA SER C 96 40.15 25.41 39.27
C SER C 96 38.65 25.52 39.54
N SER C 97 37.90 24.50 39.16
CA SER C 97 36.45 24.51 39.28
C SER C 97 35.96 24.44 40.74
N ILE C 98 36.82 23.98 41.64
CA ILE C 98 36.41 23.95 43.04
C ILE C 98 37.14 25.05 43.80
N LYS C 99 37.66 26.01 43.05
CA LYS C 99 38.32 27.17 43.63
C LYS C 99 39.40 26.77 44.63
N ARG C 100 40.09 25.68 44.31
CA ARG C 100 41.16 25.15 45.13
C ARG C 100 42.32 24.70 44.26
N SER C 101 42.73 25.55 43.32
CA SER C 101 43.86 25.26 42.43
C SER C 101 45.09 26.05 42.85
N GLY C 102 46.26 25.42 42.75
CA GLY C 102 47.49 26.01 43.23
C GLY C 102 47.76 25.48 44.61
N SER C 103 46.72 25.51 45.45
CA SER C 103 46.77 24.99 46.80
C SER C 103 47.37 23.59 46.82
N GLN C 104 48.24 23.32 47.79
CA GLN C 104 49.06 22.09 47.81
C GLN C 104 48.30 20.77 47.63
N ALA C 105 46.97 20.79 47.73
CA ALA C 105 46.16 19.62 47.41
C ALA C 105 46.22 19.37 45.90
N HIS C 106 46.29 20.46 45.14
CA HIS C 106 46.50 20.40 43.70
C HIS C 106 47.79 19.65 43.39
N GLU C 107 48.88 20.11 44.00
CA GLU C 107 50.21 19.62 43.68
C GLU C 107 50.41 18.14 44.06
N GLN C 108 49.70 17.66 45.07
CA GLN C 108 49.83 16.27 45.50
C GLN C 108 49.14 15.33 44.52
N ARG C 109 47.97 15.73 44.05
CA ARG C 109 47.22 14.92 43.11
C ARG C 109 47.99 14.75 41.79
N LEU C 110 48.77 15.77 41.44
CA LEU C 110 49.60 15.71 40.23
C LEU C 110 50.69 14.64 40.34
N GLN C 111 51.48 14.70 41.42
CA GLN C 111 52.58 13.77 41.60
C GLN C 111 52.07 12.35 41.76
N GLU C 112 50.90 12.20 42.37
CA GLU C 112 50.28 10.89 42.48
C GLU C 112 50.08 10.27 41.09
N VAL C 113 49.38 10.99 40.21
CA VAL C 113 49.16 10.52 38.83
C VAL C 113 50.47 10.20 38.12
N GLU C 114 51.45 11.08 38.29
CA GLU C 114 52.79 10.84 37.80
C GLU C 114 53.27 9.41 38.11
N ALA C 115 53.62 9.16 39.37
CA ALA C 115 54.09 7.87 39.85
C ALA C 115 53.21 6.69 39.44
N GLU C 116 51.91 6.94 39.38
CA GLU C 116 50.96 5.87 39.08
C GLU C 116 51.11 5.35 37.66
N VAL C 117 51.15 6.25 36.69
CA VAL C 117 51.39 5.86 35.30
C VAL C 117 52.85 5.39 35.12
N ALA C 118 53.77 5.99 35.87
CA ALA C 118 55.18 5.58 35.82
C ALA C 118 55.37 4.12 36.22
N ALA C 119 54.60 3.68 37.21
CA ALA C 119 54.72 2.33 37.73
C ALA C 119 53.83 1.31 37.01
N THR C 120 52.77 1.77 36.35
CA THR C 120 51.79 0.82 35.81
C THR C 120 51.17 1.15 34.45
N GLY C 121 51.57 2.27 33.85
CA GLY C 121 51.14 2.64 32.51
C GLY C 121 49.87 3.46 32.46
N THR C 122 49.08 3.36 33.54
CA THR C 122 47.81 4.07 33.65
C THR C 122 47.67 4.67 35.05
N TYR C 123 46.60 5.43 35.28
CA TYR C 123 46.30 5.98 36.62
C TYR C 123 44.81 5.91 36.99
N GLN C 124 44.52 5.86 38.30
CA GLN C 124 43.15 5.81 38.80
C GLN C 124 42.54 7.17 39.16
N LEU C 125 41.26 7.34 38.87
CA LEU C 125 40.50 8.54 39.20
C LEU C 125 39.87 8.49 40.59
N ARG C 126 40.12 9.53 41.39
CA ARG C 126 39.37 9.75 42.63
C ARG C 126 37.88 9.87 42.31
N GLU C 127 37.04 9.25 43.14
CA GLU C 127 35.60 9.13 42.89
C GLU C 127 34.96 10.47 42.54
N SER C 128 35.33 11.49 43.31
CA SER C 128 34.93 12.87 43.03
C SER C 128 35.36 13.34 41.63
N GLU C 129 36.65 13.24 41.32
CA GLU C 129 37.19 13.56 39.98
C GLU C 129 36.37 12.88 38.89
N LEU C 130 36.01 11.62 39.14
CA LEU C 130 35.21 10.84 38.20
C LEU C 130 33.79 11.40 38.06
N VAL C 131 33.25 11.98 39.12
CA VAL C 131 31.90 12.54 39.07
C VAL C 131 31.90 13.87 38.34
N PHE C 132 32.89 14.70 38.64
CA PHE C 132 33.06 15.98 37.97
C PHE C 132 33.28 15.78 36.47
N GLY C 133 34.12 14.81 36.13
CA GLY C 133 34.43 14.49 34.75
C GLY C 133 33.21 14.06 33.97
N ALA C 134 32.45 13.11 34.51
CA ALA C 134 31.29 12.61 33.80
C ALA C 134 30.22 13.68 33.63
N LYS C 135 30.18 14.65 34.53
CA LYS C 135 29.31 15.82 34.34
C LYS C 135 29.83 16.77 33.24
N GLN C 136 31.12 17.05 33.31
CA GLN C 136 31.76 17.86 32.29
C GLN C 136 31.57 17.29 30.90
N ALA C 137 31.68 15.97 30.78
CA ALA C 137 31.55 15.32 29.49
C ALA C 137 30.15 15.56 28.92
N TRP C 138 29.14 15.60 29.78
CA TRP C 138 27.76 15.90 29.38
C TRP C 138 27.63 17.39 29.06
N ARG C 139 28.14 18.23 29.95
CA ARG C 139 28.13 19.67 29.79
C ARG C 139 28.73 20.08 28.43
N ASN C 140 29.77 19.36 28.01
CA ASN C 140 30.46 19.62 26.77
C ASN C 140 29.86 18.95 25.52
N ALA C 141 28.87 18.08 25.68
CA ALA C 141 28.38 17.28 24.55
C ALA C 141 27.59 18.11 23.56
N PRO C 142 28.20 18.48 22.43
CA PRO C 142 27.65 19.57 21.62
C PRO C 142 26.30 19.26 21.01
N ARG C 143 25.97 17.99 20.85
CA ARG C 143 24.72 17.61 20.23
C ARG C 143 23.55 17.45 21.20
N CYS C 144 23.78 17.69 22.49
CA CYS C 144 22.74 17.49 23.50
C CYS C 144 21.96 18.77 23.84
N VAL C 145 20.65 18.75 23.57
CA VAL C 145 19.78 19.89 23.91
C VAL C 145 19.36 19.90 25.38
N GLY C 146 19.59 18.80 26.10
CA GLY C 146 19.12 18.71 27.47
C GLY C 146 20.14 19.12 28.51
N ARG C 147 21.00 20.08 28.17
CA ARG C 147 22.12 20.39 29.06
C ARG C 147 21.82 21.41 30.14
N ILE C 148 20.62 21.96 30.17
CA ILE C 148 20.23 22.80 31.30
C ILE C 148 20.39 21.97 32.61
N GLN C 149 20.27 20.65 32.47
CA GLN C 149 20.32 19.70 33.60
C GLN C 149 21.70 19.19 34.02
N TRP C 150 22.77 19.63 33.36
CA TRP C 150 24.08 18.99 33.52
C TRP C 150 24.63 18.92 34.95
N GLY C 151 24.21 19.84 35.82
CA GLY C 151 24.62 19.79 37.20
C GLY C 151 24.05 18.61 37.98
N LYS C 152 22.79 18.27 37.71
CA LYS C 152 22.09 17.23 38.43
C LYS C 152 22.22 15.88 37.73
N LEU C 153 23.31 15.17 38.00
CA LEU C 153 23.54 13.84 37.43
C LEU C 153 24.00 12.81 38.47
N GLN C 154 23.49 11.58 38.38
CA GLN C 154 23.87 10.52 39.31
C GLN C 154 24.90 9.55 38.75
N VAL C 155 26.10 9.55 39.32
CA VAL C 155 27.16 8.66 38.85
C VAL C 155 27.30 7.40 39.69
N PHE C 156 27.05 6.24 39.08
CA PHE C 156 27.26 4.95 39.73
C PHE C 156 28.64 4.40 39.39
N ASP C 157 29.52 4.30 40.39
CA ASP C 157 30.89 3.83 40.18
C ASP C 157 31.01 2.31 40.19
N ALA C 158 31.09 1.74 38.99
CA ALA C 158 31.16 0.28 38.82
C ALA C 158 32.56 -0.17 38.39
N ARG C 159 33.56 0.67 38.67
CA ARG C 159 34.94 0.39 38.28
C ARG C 159 35.54 -0.87 38.92
N ASP C 160 34.84 -1.44 39.89
CA ASP C 160 35.29 -2.67 40.51
C ASP C 160 34.57 -3.88 39.92
N CYS C 161 34.10 -3.76 38.67
CA CYS C 161 33.30 -4.82 38.06
C CYS C 161 34.14 -6.02 37.60
N ARG C 162 33.68 -7.22 37.92
CA ARG C 162 34.46 -8.42 37.70
C ARG C 162 34.15 -9.13 36.38
N SER C 163 32.87 -9.37 36.12
CA SER C 163 32.50 -10.01 34.86
C SER C 163 31.10 -9.63 34.37
N ALA C 164 30.62 -10.41 33.40
CA ALA C 164 29.39 -10.07 32.70
C ALA C 164 28.12 -10.19 33.54
N GLN C 165 28.14 -11.07 34.54
CA GLN C 165 26.99 -11.21 35.42
C GLN C 165 26.94 -10.06 36.43
N GLU C 166 28.10 -9.63 36.89
CA GLU C 166 28.18 -8.47 37.77
C GLU C 166 27.85 -7.17 37.01
N MET C 167 28.30 -7.09 35.77
CA MET C 167 27.96 -5.98 34.90
C MET C 167 26.45 -5.89 34.78
N PHE C 168 25.82 -7.03 34.50
CA PHE C 168 24.38 -7.11 34.32
C PHE C 168 23.61 -6.62 35.55
N THR C 169 24.20 -6.87 36.71
CA THR C 169 23.65 -6.43 37.98
C THR C 169 23.80 -4.91 38.15
N TYR C 170 24.96 -4.40 37.81
CA TYR C 170 25.18 -2.95 37.79
C TYR C 170 24.23 -2.25 36.81
N ILE C 171 23.93 -2.91 35.70
CA ILE C 171 23.04 -2.30 34.72
C ILE C 171 21.64 -2.22 35.28
N CYS C 172 21.22 -3.31 35.90
CA CYS C 172 19.86 -3.38 36.36
C CYS C 172 19.63 -2.39 37.50
N ASN C 173 20.65 -2.13 38.30
CA ASN C 173 20.54 -1.08 39.30
C ASN C 173 20.29 0.27 38.62
N HIS C 174 21.12 0.60 37.64
CA HIS C 174 20.94 1.80 36.83
C HIS C 174 19.50 1.90 36.35
N ILE C 175 19.08 0.95 35.52
CA ILE C 175 17.75 0.99 34.91
C ILE C 175 16.66 1.25 35.94
N LYS C 176 16.76 0.56 37.08
CA LYS C 176 15.83 0.74 38.20
C LYS C 176 15.90 2.15 38.79
N TYR C 177 17.08 2.60 39.19
CA TYR C 177 17.21 3.95 39.77
C TYR C 177 16.73 5.03 38.81
N ALA C 178 17.11 4.89 37.55
CA ALA C 178 16.88 5.96 36.58
C ALA C 178 15.44 6.04 36.18
N THR C 179 14.79 4.87 36.12
CA THR C 179 13.39 4.83 35.75
C THR C 179 12.56 5.47 36.86
N ASN C 180 12.72 4.94 38.07
CA ASN C 180 12.10 5.51 39.27
C ASN C 180 10.59 5.68 39.15
N ARG C 181 9.93 4.61 38.69
CA ARG C 181 8.47 4.56 38.57
C ARG C 181 7.90 5.60 37.60
N GLY C 182 8.72 6.05 36.65
CA GLY C 182 8.26 6.99 35.65
C GLY C 182 8.70 8.42 35.92
N ASN C 183 9.07 8.71 37.16
CA ASN C 183 9.67 9.98 37.47
C ASN C 183 11.15 9.87 37.15
N LEU C 184 11.50 10.16 35.90
CA LEU C 184 12.84 9.87 35.41
C LEU C 184 13.94 10.72 36.02
N ARG C 185 15.10 10.09 36.17
CA ARG C 185 16.25 10.70 36.81
C ARG C 185 17.50 10.36 36.02
N SER C 186 18.37 11.35 35.84
CA SER C 186 19.56 11.13 35.01
C SER C 186 20.64 10.39 35.76
N ALA C 187 21.22 9.38 35.13
CA ALA C 187 22.31 8.64 35.73
C ALA C 187 23.37 8.19 34.73
N ILE C 188 24.54 7.83 35.25
CA ILE C 188 25.58 7.21 34.46
C ILE C 188 26.25 6.09 35.29
N THR C 189 26.63 5.01 34.63
CA THR C 189 27.35 3.92 35.29
C THR C 189 28.70 3.65 34.60
N VAL C 190 29.78 3.97 35.29
CA VAL C 190 31.12 3.80 34.75
C VAL C 190 31.72 2.43 35.09
N PHE C 191 32.09 1.68 34.07
CA PHE C 191 32.79 0.41 34.22
C PHE C 191 34.31 0.61 34.09
N PRO C 192 35.11 -0.43 34.39
CA PRO C 192 36.57 -0.22 34.36
C PRO C 192 37.14 0.25 33.02
N GLN C 193 38.05 1.20 33.12
CA GLN C 193 38.72 1.74 31.94
C GLN C 193 39.51 0.67 31.22
N ARG C 194 39.74 0.91 29.94
CA ARG C 194 40.67 0.09 29.17
C ARG C 194 42.05 0.17 29.80
N CYS C 195 42.83 -0.89 29.63
CA CYS C 195 44.16 -0.97 30.19
C CYS C 195 45.14 -1.45 29.13
N PRO C 196 46.45 -1.37 29.42
CA PRO C 196 47.38 -2.04 28.52
C PRO C 196 47.31 -3.56 28.71
N GLY C 197 47.55 -4.31 27.63
CA GLY C 197 47.54 -5.77 27.68
C GLY C 197 46.29 -6.29 28.35
N ARG C 198 45.14 -5.83 27.85
CA ARG C 198 43.88 -5.94 28.57
C ARG C 198 42.86 -6.78 27.83
N GLY C 199 41.69 -6.84 28.44
CA GLY C 199 40.46 -7.10 27.72
C GLY C 199 39.63 -5.84 27.95
N ASP C 200 38.51 -5.72 27.24
CA ASP C 200 37.70 -4.52 27.39
C ASP C 200 36.32 -4.81 27.95
N PHE C 201 35.73 -3.81 28.60
CA PHE C 201 34.33 -3.85 28.96
C PHE C 201 33.50 -3.16 27.89
N ARG C 202 32.66 -3.92 27.21
CA ARG C 202 31.84 -3.36 26.14
C ARG C 202 30.41 -3.83 26.24
N ILE C 203 29.48 -2.90 26.06
CA ILE C 203 28.08 -3.26 25.91
C ILE C 203 27.77 -3.20 24.43
N TRP C 204 27.49 -4.36 23.85
CA TRP C 204 27.26 -4.46 22.40
C TRP C 204 25.97 -3.78 21.93
N ASN C 205 24.98 -3.63 22.80
CA ASN C 205 23.77 -2.93 22.42
C ASN C 205 24.01 -1.43 22.39
N SER C 206 23.41 -0.73 21.43
CA SER C 206 23.53 0.73 21.36
C SER C 206 22.70 1.38 22.45
N GLN C 207 21.66 0.68 22.89
CA GLN C 207 20.87 1.11 24.03
C GLN C 207 20.49 -0.08 24.89
N LEU C 208 20.34 0.17 26.19
CA LEU C 208 19.93 -0.86 27.13
C LEU C 208 18.58 -1.43 26.71
N VAL C 209 17.71 -0.54 26.25
CA VAL C 209 16.40 -0.95 25.76
C VAL C 209 16.33 -0.76 24.24
N ARG C 210 16.39 -1.85 23.50
CA ARG C 210 16.24 -1.79 22.04
C ARG C 210 15.15 -2.74 21.57
N TYR C 211 14.39 -2.31 20.58
CA TYR C 211 13.40 -3.19 19.98
C TYR C 211 14.05 -4.04 18.88
N ALA C 212 13.54 -5.25 18.68
CA ALA C 212 14.13 -6.15 17.71
C ALA C 212 13.86 -5.69 16.27
N GLY C 213 14.73 -6.13 15.37
CA GLY C 213 14.52 -5.94 13.95
C GLY C 213 14.71 -7.26 13.24
N TYR C 214 13.64 -7.77 12.63
CA TYR C 214 13.67 -9.06 11.94
C TYR C 214 13.51 -8.86 10.43
N ARG C 215 14.38 -9.50 9.66
CA ARG C 215 14.36 -9.36 8.20
C ARG C 215 13.51 -10.45 7.55
N GLN C 216 12.60 -10.04 6.67
CA GLN C 216 11.64 -10.95 6.08
C GLN C 216 12.03 -11.44 4.69
N GLN C 217 11.15 -12.23 4.08
CA GLN C 217 11.42 -12.82 2.77
C GLN C 217 11.19 -11.85 1.62
N ASP C 218 10.38 -10.83 1.87
CA ASP C 218 10.10 -9.84 0.85
C ASP C 218 11.02 -8.63 0.96
N GLY C 219 12.10 -8.78 1.72
CA GLY C 219 13.09 -7.73 1.86
C GLY C 219 12.84 -6.75 3.00
N SER C 220 11.57 -6.56 3.35
CA SER C 220 11.21 -5.63 4.43
C SER C 220 11.73 -6.12 5.78
N VAL C 221 11.50 -5.33 6.83
CA VAL C 221 11.91 -5.68 8.17
C VAL C 221 10.82 -5.38 9.17
N ARG C 222 10.47 -6.39 9.98
CA ARG C 222 9.50 -6.25 11.06
C ARG C 222 10.22 -5.91 12.36
N GLY C 223 9.77 -4.83 13.00
CA GLY C 223 10.48 -4.27 14.14
C GLY C 223 11.25 -3.01 13.75
N ASP C 224 12.36 -2.77 14.44
CA ASP C 224 13.17 -1.58 14.24
C ASP C 224 14.35 -1.88 13.33
N PRO C 225 14.32 -1.38 12.09
CA PRO C 225 15.39 -1.53 11.10
C PRO C 225 16.74 -1.14 11.67
N ALA C 226 16.73 -0.23 12.65
CA ALA C 226 17.96 0.25 13.28
C ALA C 226 18.65 -0.84 14.07
N ASN C 227 18.02 -2.00 14.14
CA ASN C 227 18.53 -3.06 14.97
C ASN C 227 18.45 -4.44 14.30
N VAL C 228 18.64 -4.47 12.99
CA VAL C 228 18.71 -5.75 12.29
C VAL C 228 20.04 -6.41 12.61
N GLU C 229 21.06 -5.59 12.82
CA GLU C 229 22.41 -6.10 13.02
C GLU C 229 22.57 -6.73 14.40
N ILE C 230 22.17 -5.99 15.43
CA ILE C 230 22.30 -6.47 16.80
C ILE C 230 21.32 -7.60 17.12
N THR C 231 20.16 -7.59 16.48
CA THR C 231 19.19 -8.66 16.66
C THR C 231 19.78 -9.98 16.17
N GLU C 232 20.45 -9.95 15.02
CA GLU C 232 21.05 -11.15 14.45
C GLU C 232 22.21 -11.68 15.29
N LEU C 233 22.86 -10.79 16.01
CA LEU C 233 23.91 -11.20 16.93
C LEU C 233 23.30 -11.89 18.16
N CYS C 234 22.23 -11.30 18.68
CA CYS C 234 21.55 -11.86 19.83
C CYS C 234 20.95 -13.22 19.48
N ILE C 235 20.34 -13.31 18.30
CA ILE C 235 19.80 -14.57 17.82
C ILE C 235 20.87 -15.64 17.70
N GLN C 236 22.04 -15.26 17.17
CA GLN C 236 23.15 -16.19 17.05
C GLN C 236 23.66 -16.63 18.42
N HIS C 237 23.93 -15.67 19.30
CA HIS C 237 24.38 -16.00 20.65
C HIS C 237 23.22 -16.47 21.53
N GLY C 238 22.46 -17.44 21.02
CA GLY C 238 21.41 -18.05 21.83
C GLY C 238 20.00 -17.55 21.58
N TRP C 239 19.75 -16.28 21.90
CA TRP C 239 18.40 -15.72 22.02
C TRP C 239 17.33 -16.19 21.03
N THR C 240 16.27 -16.78 21.55
CA THR C 240 15.11 -17.13 20.74
C THR C 240 14.40 -15.85 20.31
N PRO C 241 14.30 -15.62 18.99
CA PRO C 241 13.63 -14.42 18.47
C PRO C 241 12.16 -14.40 18.82
N GLY C 242 11.54 -13.22 18.78
CA GLY C 242 10.12 -13.09 18.90
C GLY C 242 9.55 -12.92 17.51
N ASN C 243 8.26 -12.58 17.41
CA ASN C 243 7.70 -12.24 16.11
C ASN C 243 6.90 -10.93 16.15
N GLY C 244 7.15 -10.16 17.21
CA GLY C 244 6.45 -8.90 17.41
C GLY C 244 7.21 -7.69 16.91
N ARG C 245 6.49 -6.57 16.79
CA ARG C 245 7.05 -5.31 16.30
C ARG C 245 7.74 -4.54 17.42
N PHE C 246 7.78 -5.09 18.62
CA PHE C 246 8.36 -4.40 19.76
C PHE C 246 9.03 -5.34 20.76
N ASP C 247 9.56 -6.46 20.27
CA ASP C 247 10.24 -7.42 21.12
C ASP C 247 11.55 -6.84 21.66
N VAL C 248 11.54 -6.37 22.92
CA VAL C 248 12.74 -5.85 23.58
C VAL C 248 13.88 -6.86 23.52
N LEU C 249 15.03 -6.43 23.00
CA LEU C 249 16.18 -7.30 22.87
C LEU C 249 16.76 -7.69 24.22
N PRO C 250 17.48 -8.81 24.26
CA PRO C 250 18.36 -9.15 25.38
C PRO C 250 19.57 -8.22 25.39
N LEU C 251 20.36 -8.29 26.46
CA LEU C 251 21.63 -7.57 26.49
C LEU C 251 22.76 -8.49 26.09
N LEU C 252 23.64 -8.01 25.22
CA LEU C 252 24.88 -8.72 24.91
C LEU C 252 26.05 -8.02 25.59
N LEU C 253 26.37 -8.46 26.81
CA LEU C 253 27.45 -7.85 27.59
C LEU C 253 28.73 -8.65 27.45
N GLN C 254 29.87 -7.95 27.48
CA GLN C 254 31.13 -8.63 27.27
C GLN C 254 32.20 -8.16 28.25
N ALA C 255 32.69 -9.08 29.07
CA ALA C 255 33.79 -8.81 29.98
C ALA C 255 35.13 -9.04 29.29
N PRO C 256 36.19 -8.38 29.77
CA PRO C 256 37.55 -8.53 29.25
C PRO C 256 37.95 -9.95 28.85
N ASP C 257 38.36 -10.09 27.59
CA ASP C 257 38.93 -11.31 27.03
C ASP C 257 37.96 -12.48 26.84
N GLU C 258 36.71 -12.30 27.27
CA GLU C 258 35.69 -13.32 27.10
C GLU C 258 34.83 -12.94 25.91
N PRO C 259 34.07 -13.90 25.38
CA PRO C 259 33.02 -13.57 24.40
C PRO C 259 31.81 -12.97 25.11
N PRO C 260 30.88 -12.38 24.35
CA PRO C 260 29.70 -11.79 24.98
C PRO C 260 28.67 -12.81 25.47
N GLU C 261 28.23 -12.66 26.71
CA GLU C 261 27.17 -13.50 27.27
C GLU C 261 25.80 -12.82 27.17
N LEU C 262 24.80 -13.58 26.75
CA LEU C 262 23.47 -13.05 26.46
C LEU C 262 22.56 -12.98 27.69
N PHE C 263 22.26 -11.77 28.14
CA PHE C 263 21.36 -11.57 29.29
C PHE C 263 19.99 -11.06 28.88
N LEU C 264 18.94 -11.52 29.57
CA LEU C 264 17.59 -11.02 29.36
C LEU C 264 17.23 -10.00 30.44
N LEU C 265 16.27 -9.14 30.14
CA LEU C 265 15.93 -8.05 31.05
C LEU C 265 14.56 -8.30 31.66
N PRO C 266 14.50 -8.37 32.99
CA PRO C 266 13.25 -8.54 33.74
C PRO C 266 12.20 -7.51 33.30
N PRO C 267 11.14 -7.95 32.61
CA PRO C 267 10.08 -7.06 32.10
C PRO C 267 9.48 -6.17 33.18
N GLU C 268 9.65 -6.54 34.45
CA GLU C 268 9.31 -5.68 35.58
C GLU C 268 10.17 -4.41 35.59
N LEU C 269 11.35 -4.51 34.99
CA LEU C 269 12.31 -3.42 35.02
C LEU C 269 12.18 -2.50 33.81
N VAL C 270 11.62 -3.04 32.72
CA VAL C 270 11.53 -2.33 31.44
C VAL C 270 10.23 -1.56 31.28
N LEU C 271 10.18 -0.36 31.86
CA LEU C 271 8.99 0.47 31.80
C LEU C 271 8.63 0.94 30.38
N GLU C 272 7.44 0.58 29.92
CA GLU C 272 6.97 0.91 28.58
C GLU C 272 5.71 1.76 28.56
N VAL C 273 5.40 2.35 27.40
CA VAL C 273 4.23 3.21 27.25
C VAL C 273 3.45 2.85 25.99
N PRO C 274 2.21 2.37 26.14
CA PRO C 274 1.37 2.15 24.96
C PRO C 274 0.96 3.51 24.45
N LEU C 275 0.94 3.71 23.13
CA LEU C 275 0.61 5.02 22.61
C LEU C 275 -0.84 5.10 22.18
N GLU C 276 -1.52 6.13 22.69
CA GLU C 276 -2.87 6.45 22.27
C GLU C 276 -2.92 7.95 22.01
N HIS C 277 -4.01 8.40 21.41
CA HIS C 277 -4.17 9.80 21.07
C HIS C 277 -5.37 10.36 21.84
N PRO C 278 -5.27 11.59 22.37
CA PRO C 278 -6.32 12.17 23.20
C PRO C 278 -7.71 12.22 22.56
N THR C 279 -7.82 12.28 21.24
CA THR C 279 -9.15 12.34 20.62
C THR C 279 -9.34 11.37 19.46
N LEU C 280 -8.27 10.75 18.98
CA LEU C 280 -8.38 9.86 17.83
C LEU C 280 -8.45 8.46 18.36
N GLU C 281 -9.69 7.98 18.53
CA GLU C 281 -9.98 6.69 19.14
C GLU C 281 -9.22 5.56 18.44
N TRP C 282 -9.07 5.67 17.13
CA TRP C 282 -8.40 4.61 16.39
C TRP C 282 -6.88 4.44 16.67
N PHE C 283 -6.24 5.49 17.19
CA PHE C 283 -4.77 5.46 17.35
C PHE C 283 -4.25 4.31 18.21
N ALA C 284 -4.99 3.94 19.25
CA ALA C 284 -4.46 2.94 20.18
C ALA C 284 -4.37 1.58 19.50
N ALA C 285 -5.24 1.39 18.51
CA ALA C 285 -5.34 0.11 17.81
C ALA C 285 -4.15 -0.16 16.88
N LEU C 286 -3.43 0.90 16.51
CA LEU C 286 -2.24 0.74 15.67
C LEU C 286 -1.21 -0.10 16.40
N GLY C 287 -1.30 -0.09 17.73
CA GLY C 287 -0.47 -0.96 18.56
C GLY C 287 0.92 -0.43 18.78
N LEU C 288 1.07 0.88 18.69
CA LEU C 288 2.37 1.51 18.84
C LEU C 288 2.72 1.70 20.32
N ARG C 289 3.96 1.36 20.67
CA ARG C 289 4.44 1.54 22.02
C ARG C 289 5.84 2.09 21.92
N TRP C 290 6.32 2.73 22.98
CA TRP C 290 7.75 2.96 23.10
C TRP C 290 8.15 2.82 24.55
N TYR C 291 9.45 2.74 24.80
CA TYR C 291 9.98 2.63 26.16
C TYR C 291 10.21 3.99 26.80
N ALA C 292 10.60 3.99 28.07
CA ALA C 292 10.64 5.22 28.86
C ALA C 292 12.06 5.75 29.00
N LEU C 293 13.02 4.84 28.89
CA LEU C 293 14.38 5.15 29.24
C LEU C 293 15.30 5.20 28.03
N PRO C 294 15.79 6.41 27.68
CA PRO C 294 16.83 6.57 26.68
C PRO C 294 18.20 6.38 27.32
N ALA C 295 18.77 5.19 27.15
CA ALA C 295 20.03 4.89 27.80
C ALA C 295 21.04 4.36 26.80
N VAL C 296 21.88 5.25 26.27
CA VAL C 296 22.87 4.90 25.25
C VAL C 296 24.05 4.18 25.90
N SER C 297 24.49 3.11 25.25
CA SER C 297 25.41 2.16 25.85
C SER C 297 26.46 1.67 24.87
N ASN C 298 26.86 2.51 23.93
CA ASN C 298 27.90 2.12 22.98
C ASN C 298 28.87 3.24 22.77
N MET C 299 28.72 4.31 23.55
CA MET C 299 29.66 5.42 23.52
C MET C 299 30.70 5.31 24.61
N LEU C 300 31.84 5.90 24.32
CA LEU C 300 33.02 5.82 25.16
C LEU C 300 33.16 7.10 25.95
N LEU C 301 33.42 6.95 27.24
CA LEU C 301 33.67 8.10 28.08
C LEU C 301 35.16 8.33 28.14
N GLU C 302 35.56 9.58 28.00
CA GLU C 302 36.96 9.93 28.12
C GLU C 302 37.19 11.02 29.15
N ILE C 303 38.01 10.71 30.15
CA ILE C 303 38.34 11.64 31.24
C ILE C 303 39.86 11.71 31.45
N GLY C 304 40.42 12.91 31.40
CA GLY C 304 41.83 13.13 31.69
C GLY C 304 42.80 12.14 31.07
N GLY C 305 42.53 11.76 29.83
CA GLY C 305 43.38 10.82 29.13
C GLY C 305 42.90 9.39 29.22
N LEU C 306 42.11 9.11 30.27
CA LEU C 306 41.52 7.78 30.47
C LEU C 306 40.31 7.56 29.56
N GLU C 307 40.02 6.31 29.24
CA GLU C 307 38.85 6.01 28.41
C GLU C 307 37.98 4.92 29.01
N PHE C 308 36.67 5.12 28.99
CA PHE C 308 35.75 4.10 29.46
C PHE C 308 34.84 3.61 28.35
N PRO C 309 35.27 2.54 27.67
CA PRO C 309 34.52 1.88 26.60
C PRO C 309 33.10 1.48 27.02
N ALA C 310 32.89 1.28 28.32
CA ALA C 310 31.54 1.05 28.85
C ALA C 310 31.16 2.01 29.97
N ALA C 311 30.27 2.95 29.66
CA ALA C 311 29.79 3.93 30.64
C ALA C 311 28.39 4.42 30.26
N PRO C 312 27.38 3.55 30.32
CA PRO C 312 26.06 3.92 29.83
C PRO C 312 25.48 5.06 30.65
N PHE C 313 24.69 5.91 29.98
CA PHE C 313 24.11 7.07 30.62
C PHE C 313 22.70 7.29 30.12
N SER C 314 21.92 8.06 30.88
CA SER C 314 20.50 8.21 30.57
C SER C 314 19.94 9.53 31.10
N GLY C 315 18.94 10.04 30.40
CA GLY C 315 18.14 11.16 30.85
C GLY C 315 16.70 10.75 30.59
N TRP C 316 15.85 11.68 30.21
CA TRP C 316 14.54 11.31 29.68
C TRP C 316 14.36 11.84 28.27
N TYR C 317 13.29 11.43 27.62
CA TYR C 317 13.09 11.67 26.19
C TYR C 317 12.53 13.05 25.83
N MET C 318 12.87 13.52 24.63
CA MET C 318 12.18 14.65 24.04
C MET C 318 11.15 13.99 23.14
N SER C 319 9.93 14.52 23.08
CA SER C 319 8.88 13.84 22.33
C SER C 319 9.20 13.63 20.84
N THR C 320 9.92 14.57 20.23
CA THR C 320 10.24 14.46 18.80
C THR C 320 11.18 13.29 18.51
N GLU C 321 11.99 12.89 19.49
CA GLU C 321 12.87 11.75 19.29
C GLU C 321 12.06 10.51 18.98
N ILE C 322 10.89 10.42 19.62
CA ILE C 322 9.97 9.31 19.45
C ILE C 322 8.93 9.53 18.36
N GLY C 323 8.23 10.66 18.44
CA GLY C 323 7.15 10.93 17.51
C GLY C 323 7.69 11.08 16.10
N THR C 324 8.73 11.88 15.96
CA THR C 324 9.20 12.16 14.63
C THR C 324 10.30 11.21 14.18
N ARG C 325 11.37 11.08 14.96
CA ARG C 325 12.50 10.30 14.46
C ARG C 325 12.21 8.81 14.46
N ASN C 326 11.92 8.26 15.64
CA ASN C 326 11.83 6.82 15.79
C ASN C 326 10.61 6.20 15.10
N LEU C 327 9.48 6.87 15.11
CA LEU C 327 8.30 6.32 14.42
C LEU C 327 8.16 6.84 12.98
N CYS C 328 8.47 8.11 12.76
CA CYS C 328 8.22 8.69 11.43
C CYS C 328 9.30 8.53 10.36
N ASP C 329 10.55 8.32 10.74
CA ASP C 329 11.65 8.19 9.77
C ASP C 329 11.42 7.07 8.81
N PRO C 330 11.82 7.27 7.54
CA PRO C 330 11.56 6.24 6.53
C PRO C 330 12.39 5.00 6.78
N HIS C 331 13.43 5.12 7.60
CA HIS C 331 14.34 4.01 7.78
C HIS C 331 14.28 3.54 9.22
N ARG C 332 13.13 3.76 9.83
CA ARG C 332 12.79 3.19 11.14
C ARG C 332 11.40 2.57 11.00
N TYR C 333 10.46 2.96 11.86
CA TYR C 333 9.13 2.38 11.83
C TYR C 333 8.29 2.87 10.67
N ASN C 334 8.54 4.11 10.27
CA ASN C 334 8.01 4.62 9.02
C ASN C 334 6.50 4.55 8.98
N ILE C 335 5.86 4.92 10.09
CA ILE C 335 4.41 4.79 10.24
C ILE C 335 3.63 5.95 9.64
N LEU C 336 4.33 6.90 9.02
CA LEU C 336 3.74 8.18 8.67
C LEU C 336 2.48 8.05 7.77
N GLU C 337 2.60 7.24 6.72
CA GLU C 337 1.47 7.02 5.82
C GLU C 337 0.31 6.19 6.45
N ASP C 338 0.65 5.28 7.36
CA ASP C 338 -0.38 4.54 8.09
C ASP C 338 -1.28 5.49 8.84
N VAL C 339 -0.67 6.36 9.62
CA VAL C 339 -1.44 7.36 10.36
C VAL C 339 -2.18 8.33 9.43
N ALA C 340 -1.60 8.61 8.28
CA ALA C 340 -2.22 9.54 7.34
C ALA C 340 -3.52 8.95 6.77
N VAL C 341 -3.45 7.72 6.29
CA VAL C 341 -4.64 6.99 5.86
C VAL C 341 -5.76 6.97 6.92
N CYS C 342 -5.41 6.65 8.17
CA CYS C 342 -6.41 6.61 9.24
C CYS C 342 -7.03 7.98 9.52
N MET C 343 -6.28 9.05 9.21
CA MET C 343 -6.79 10.41 9.41
C MET C 343 -7.58 10.81 8.21
N ASP C 344 -7.67 9.92 7.24
CA ASP C 344 -8.36 10.20 6.00
C ASP C 344 -7.82 11.48 5.36
N LEU C 345 -6.52 11.51 5.10
CA LEU C 345 -5.88 12.66 4.46
C LEU C 345 -5.63 12.35 2.99
N ASP C 346 -5.68 13.39 2.15
CA ASP C 346 -5.36 13.19 0.75
C ASP C 346 -3.87 12.92 0.65
N THR C 347 -3.47 11.65 0.64
CA THR C 347 -2.06 11.32 0.54
C THR C 347 -1.64 11.12 -0.90
N ARG C 348 -2.38 11.73 -1.82
CA ARG C 348 -2.08 11.59 -3.24
C ARG C 348 -1.18 12.73 -3.71
N THR C 349 -1.18 13.83 -2.95
CA THR C 349 -0.37 15.00 -3.29
C THR C 349 0.41 15.57 -2.10
N THR C 350 1.59 16.10 -2.36
CA THR C 350 2.44 16.70 -1.32
C THR C 350 1.92 18.04 -0.82
N SER C 351 1.20 18.75 -1.69
CA SER C 351 0.63 20.04 -1.30
C SER C 351 -0.44 19.97 -0.21
N SER C 352 -0.95 18.77 0.07
CA SER C 352 -1.96 18.63 1.13
C SER C 352 -1.36 18.89 2.50
N LEU C 353 -0.06 18.61 2.60
CA LEU C 353 0.70 18.65 3.85
C LEU C 353 0.27 17.51 4.79
N TRP C 354 -0.13 16.41 4.17
CA TRP C 354 -0.52 15.21 4.92
C TRP C 354 0.62 14.66 5.76
N LYS C 355 1.86 14.83 5.32
CA LYS C 355 3.02 14.37 6.09
C LYS C 355 3.13 15.14 7.39
N ASP C 356 2.71 16.40 7.33
CA ASP C 356 2.85 17.32 8.44
C ASP C 356 1.70 17.17 9.42
N LYS C 357 0.47 17.07 8.91
CA LYS C 357 -0.67 16.90 9.79
C LYS C 357 -0.52 15.61 10.60
N ALA C 358 -0.11 14.54 9.91
CA ALA C 358 0.14 13.24 10.54
C ALA C 358 1.29 13.26 11.59
N ALA C 359 2.43 13.82 11.22
CA ALA C 359 3.56 13.91 12.15
C ALA C 359 3.19 14.61 13.47
N VAL C 360 2.43 15.70 13.37
CA VAL C 360 2.04 16.46 14.53
C VAL C 360 1.16 15.61 15.47
N GLU C 361 0.16 14.92 14.91
CA GLU C 361 -0.70 14.08 15.72
C GLU C 361 0.04 12.94 16.42
N ILE C 362 0.94 12.28 15.67
CA ILE C 362 1.80 11.24 16.23
C ILE C 362 2.62 11.78 17.39
N ASN C 363 3.00 13.06 17.32
CA ASN C 363 3.68 13.70 18.45
C ASN C 363 2.74 14.04 19.59
N VAL C 364 1.49 14.36 19.25
CA VAL C 364 0.50 14.66 20.27
C VAL C 364 0.19 13.37 21.01
N ALA C 365 0.12 12.27 20.29
CA ALA C 365 -0.07 10.96 20.92
C ALA C 365 1.11 10.52 21.79
N VAL C 366 2.33 10.81 21.37
CA VAL C 366 3.49 10.49 22.19
C VAL C 366 3.40 11.24 23.51
N LEU C 367 3.28 12.57 23.41
CA LEU C 367 3.21 13.42 24.58
C LEU C 367 2.09 13.01 25.51
N HIS C 368 0.89 12.86 24.96
CA HIS C 368 -0.31 12.53 25.73
C HIS C 368 -0.19 11.20 26.48
N SER C 369 0.23 10.17 25.76
CA SER C 369 0.43 8.86 26.38
C SER C 369 1.41 8.89 27.55
N TYR C 370 2.51 9.62 27.40
CA TYR C 370 3.51 9.72 28.43
C TYR C 370 2.99 10.40 29.69
N GLN C 371 2.29 11.52 29.51
CA GLN C 371 1.75 12.28 30.63
C GLN C 371 0.67 11.48 31.33
N LEU C 372 -0.10 10.74 30.54
CA LEU C 372 -1.15 9.92 31.10
C LEU C 372 -0.50 8.87 31.99
N ALA C 373 0.66 8.39 31.55
CA ALA C 373 1.35 7.29 32.24
C ALA C 373 2.38 7.77 33.26
N LYS C 374 2.41 9.10 33.49
CA LYS C 374 3.27 9.69 34.51
C LYS C 374 4.74 9.38 34.24
N VAL C 375 5.06 9.26 32.95
CA VAL C 375 6.44 9.07 32.52
C VAL C 375 7.00 10.42 32.08
N THR C 376 8.15 10.78 32.63
CA THR C 376 8.79 12.03 32.28
C THR C 376 9.02 12.13 30.78
N ILE C 377 8.61 13.26 30.22
CA ILE C 377 8.89 13.58 28.83
C ILE C 377 8.86 15.10 28.67
N VAL C 378 9.62 15.62 27.71
CA VAL C 378 9.64 17.05 27.44
C VAL C 378 9.31 17.31 25.96
N ASP C 379 8.44 18.27 25.66
CA ASP C 379 8.24 18.61 24.26
C ASP C 379 9.39 19.49 23.74
N HIS C 380 9.54 19.58 22.42
CA HIS C 380 10.67 20.30 21.82
C HIS C 380 10.62 21.81 22.06
N HIS C 381 9.44 22.37 22.20
CA HIS C 381 9.31 23.79 22.50
C HIS C 381 9.88 24.07 23.89
N ALA C 382 9.47 23.28 24.87
CA ALA C 382 9.95 23.45 26.23
C ALA C 382 11.44 23.20 26.28
N ALA C 383 11.87 22.12 25.64
CA ALA C 383 13.28 21.74 25.66
C ALA C 383 14.23 22.80 25.06
N THR C 384 13.85 23.36 23.91
CA THR C 384 14.67 24.39 23.27
C THR C 384 14.69 25.69 24.06
N ALA C 385 13.54 26.08 24.62
CA ALA C 385 13.47 27.25 25.50
C ALA C 385 14.43 27.12 26.69
N SER C 386 14.66 25.89 27.14
CA SER C 386 15.56 25.69 28.26
C SER C 386 17.00 25.77 27.79
N PHE C 387 17.27 25.26 26.59
CA PHE C 387 18.63 25.32 26.04
C PHE C 387 19.11 26.75 25.86
N MET C 388 18.21 27.64 25.43
CA MET C 388 18.50 29.07 25.43
C MET C 388 18.97 29.56 26.79
N LYS C 389 18.39 29.02 27.86
CA LYS C 389 18.81 29.37 29.20
C LYS C 389 20.21 28.86 29.47
N HIS C 390 20.45 27.59 29.13
CA HIS C 390 21.78 26.99 29.24
C HIS C 390 22.84 27.74 28.41
N LEU C 391 22.47 28.23 27.22
CA LEU C 391 23.35 29.10 26.47
C LEU C 391 23.73 30.29 27.32
N GLU C 392 22.73 30.95 27.89
CA GLU C 392 22.98 32.18 28.64
C GLU C 392 23.80 31.93 29.90
N ASN C 393 23.46 30.90 30.66
CA ASN C 393 24.21 30.53 31.85
C ASN C 393 25.68 30.28 31.52
N GLU C 394 25.91 29.58 30.42
CA GLU C 394 27.25 29.20 30.05
C GLU C 394 28.05 30.38 29.53
N GLN C 395 27.35 31.34 28.93
CA GLN C 395 27.98 32.57 28.48
C GLN C 395 28.60 33.31 29.67
N LYS C 396 27.98 33.19 30.84
CA LYS C 396 28.53 33.75 32.08
C LYS C 396 29.43 32.76 32.80
N ALA C 397 29.13 31.48 32.64
CA ALA C 397 29.93 30.43 33.27
C ALA C 397 31.31 30.36 32.65
N ARG C 398 31.38 29.86 31.41
CA ARG C 398 32.65 29.61 30.75
C ARG C 398 32.80 30.37 29.45
N GLY C 399 32.14 31.52 29.32
CA GLY C 399 32.31 32.37 28.14
C GLY C 399 32.00 31.70 26.81
N GLY C 400 30.88 30.98 26.76
CA GLY C 400 30.48 30.27 25.55
C GLY C 400 29.94 28.90 25.84
N CYS C 401 29.65 28.15 24.78
CA CYS C 401 29.05 26.83 24.89
C CYS C 401 28.99 26.11 23.55
N PRO C 402 29.81 25.06 23.39
CA PRO C 402 29.85 24.23 22.17
C PRO C 402 28.50 23.57 21.83
N ALA C 403 27.97 23.91 20.66
CA ALA C 403 26.64 23.49 20.23
C ALA C 403 26.59 23.17 18.74
N ASP C 404 26.06 22.01 18.40
CA ASP C 404 25.83 21.57 17.03
C ASP C 404 24.40 21.90 16.59
N TRP C 405 24.25 23.05 15.93
CA TRP C 405 22.96 23.55 15.42
C TRP C 405 22.06 22.50 14.76
N ALA C 406 22.62 21.72 13.84
CA ALA C 406 21.84 20.69 13.14
C ALA C 406 21.16 19.70 14.10
N TRP C 407 21.82 19.44 15.21
CA TRP C 407 21.30 18.51 16.20
C TRP C 407 20.45 19.20 17.28
N ILE C 408 20.74 20.46 17.58
CA ILE C 408 19.98 21.19 18.58
C ILE C 408 18.58 21.52 18.09
N VAL C 409 18.48 22.04 16.87
CA VAL C 409 17.19 22.30 16.22
C VAL C 409 16.35 21.00 16.07
N PRO C 410 15.11 21.00 16.63
CA PRO C 410 14.23 19.81 16.54
C PRO C 410 13.90 19.47 15.09
N PRO C 411 13.59 18.20 14.80
CA PRO C 411 13.34 17.72 13.43
C PRO C 411 11.93 18.04 12.93
N ILE C 412 11.16 18.78 13.72
CA ILE C 412 9.94 19.40 13.23
C ILE C 412 9.85 20.78 13.85
N SER C 413 9.21 21.70 13.12
CA SER C 413 8.95 23.04 13.61
C SER C 413 10.21 23.81 13.99
N GLY C 414 11.35 23.45 13.39
CA GLY C 414 12.62 24.08 13.72
C GLY C 414 12.51 25.57 14.01
N SER C 415 12.01 26.31 13.02
CA SER C 415 11.90 27.76 13.12
C SER C 415 10.87 28.25 14.11
N LEU C 416 10.00 27.36 14.58
CA LEU C 416 9.05 27.74 15.61
C LEU C 416 9.72 27.78 16.99
N THR C 417 10.91 27.19 17.10
CA THR C 417 11.68 27.19 18.34
C THR C 417 12.79 28.25 18.30
N PRO C 418 13.21 28.77 19.48
CA PRO C 418 14.20 29.86 19.54
C PRO C 418 15.56 29.49 18.95
N VAL C 419 15.98 28.24 19.12
CA VAL C 419 17.32 27.82 18.73
C VAL C 419 17.60 27.92 17.22
N PHE C 420 16.54 27.95 16.42
CA PHE C 420 16.69 28.05 14.96
C PHE C 420 17.41 29.36 14.63
N HIS C 421 16.99 30.42 15.32
CA HIS C 421 17.51 31.76 15.16
C HIS C 421 18.79 32.04 15.95
N GLN C 422 19.37 31.00 16.52
CA GLN C 422 20.56 31.19 17.35
C GLN C 422 21.84 30.72 16.64
N GLU C 423 22.76 31.63 16.37
CA GLU C 423 24.01 31.21 15.75
C GLU C 423 24.76 30.43 16.80
N MET C 424 25.38 29.33 16.40
CA MET C 424 26.12 28.53 17.35
C MET C 424 27.56 28.25 16.89
N VAL C 425 28.45 28.06 17.86
CA VAL C 425 29.81 27.61 17.59
C VAL C 425 29.98 26.19 18.13
N ASN C 426 30.50 25.30 17.29
CA ASN C 426 30.68 23.91 17.63
C ASN C 426 32.17 23.52 17.67
N TYR C 427 32.57 22.89 18.77
CA TYR C 427 33.94 22.43 19.00
C TYR C 427 34.02 21.28 20.02
N PHE C 428 35.22 20.72 20.19
CA PHE C 428 35.39 19.55 21.05
C PHE C 428 36.16 19.91 22.33
N LEU C 429 35.47 19.88 23.46
CA LEU C 429 36.11 20.04 24.75
C LEU C 429 36.34 18.67 25.40
N SER C 430 37.23 18.62 26.37
CA SER C 430 37.47 17.41 27.13
C SER C 430 37.18 17.76 28.57
N PRO C 431 36.59 16.82 29.34
CA PRO C 431 36.16 15.46 29.01
C PRO C 431 34.95 15.38 28.07
N ALA C 432 34.74 14.22 27.46
CA ALA C 432 33.78 14.13 26.37
C ALA C 432 33.08 12.78 26.28
N PHE C 433 31.96 12.74 25.57
CA PHE C 433 31.43 11.46 25.14
C PHE C 433 31.75 11.32 23.66
N ARG C 434 32.39 10.20 23.29
CA ARG C 434 32.78 9.95 21.90
C ARG C 434 32.23 8.63 21.35
N TYR C 435 31.90 8.62 20.07
CA TYR C 435 31.57 7.39 19.38
C TYR C 435 32.77 6.46 19.36
N GLN C 436 32.53 5.19 19.14
CA GLN C 436 33.60 4.21 19.10
C GLN C 436 33.24 3.08 18.15
N PRO C 437 34.24 2.38 17.61
CA PRO C 437 33.96 1.29 16.66
C PRO C 437 33.13 0.22 17.34
N ASP C 438 32.22 -0.40 16.58
CA ASP C 438 31.48 -1.55 17.10
C ASP C 438 32.47 -2.59 17.60
N PRO C 439 32.09 -3.35 18.64
CA PRO C 439 33.02 -4.33 19.23
C PRO C 439 33.37 -5.43 18.24
N TRP C 440 32.44 -5.78 17.36
CA TRP C 440 32.73 -6.78 16.33
C TRP C 440 33.48 -6.17 15.14
N LYS D 27 41.54 12.22 0.95
CA LYS D 27 41.57 13.68 0.93
C LYS D 27 40.22 14.24 0.53
N PHE D 28 39.37 13.37 -0.03
CA PHE D 28 38.03 13.77 -0.43
C PHE D 28 37.01 13.31 0.61
N PRO D 29 36.20 14.24 1.10
CA PRO D 29 35.22 13.96 2.14
C PRO D 29 34.21 12.87 1.72
N ARG D 30 34.05 11.86 2.56
CA ARG D 30 33.01 10.86 2.34
C ARG D 30 31.69 11.43 2.84
N VAL D 31 30.64 11.30 2.06
CA VAL D 31 29.32 11.78 2.47
C VAL D 31 28.28 10.68 2.27
N LYS D 32 27.27 10.66 3.13
CA LYS D 32 26.39 9.50 3.22
C LYS D 32 24.94 9.94 3.36
N ASN D 33 24.05 9.30 2.60
CA ASN D 33 22.62 9.45 2.86
C ASN D 33 22.12 8.41 3.88
N TRP D 34 21.63 8.86 5.03
CA TRP D 34 21.25 7.93 6.12
C TRP D 34 19.86 7.30 5.96
N GLU D 35 19.06 7.84 5.05
CA GLU D 35 17.77 7.23 4.76
C GLU D 35 18.01 5.98 3.90
N VAL D 36 18.87 6.11 2.90
CA VAL D 36 19.03 5.09 1.88
C VAL D 36 20.34 4.30 2.05
N GLY D 37 21.27 4.90 2.77
CA GLY D 37 22.46 4.18 3.19
C GLY D 37 23.67 4.39 2.30
N SER D 38 23.47 5.14 1.21
CA SER D 38 24.46 5.25 0.13
C SER D 38 25.63 6.20 0.44
N ILE D 39 26.70 6.08 -0.34
CA ILE D 39 27.92 6.81 0.00
C ILE D 39 28.65 7.38 -1.21
N THR D 40 28.86 8.70 -1.21
CA THR D 40 29.64 9.32 -2.28
C THR D 40 30.84 10.12 -1.75
N TYR D 41 31.72 10.51 -2.66
CA TYR D 41 32.83 11.41 -2.30
C TYR D 41 32.65 12.73 -3.02
N ASP D 42 32.82 13.83 -2.30
CA ASP D 42 32.71 15.15 -2.93
C ASP D 42 34.07 15.65 -3.45
N THR D 43 34.51 15.13 -4.59
CA THR D 43 35.79 15.54 -5.15
C THR D 43 35.80 17.02 -5.60
N LEU D 44 34.62 17.54 -5.95
CA LEU D 44 34.48 18.94 -6.34
C LEU D 44 34.99 19.93 -5.29
N SER D 45 34.85 19.58 -4.02
CA SER D 45 35.16 20.52 -2.94
C SER D 45 36.63 20.86 -2.90
N ALA D 46 37.43 20.03 -3.56
CA ALA D 46 38.86 20.28 -3.66
C ALA D 46 39.14 21.55 -4.44
N GLN D 47 38.21 21.91 -5.32
CA GLN D 47 38.39 23.05 -6.21
C GLN D 47 37.93 24.39 -5.62
N ALA D 48 37.72 24.45 -4.32
CA ALA D 48 37.33 25.70 -3.70
C ALA D 48 38.56 26.56 -3.44
N GLN D 49 38.54 27.81 -3.89
CA GLN D 49 39.63 28.74 -3.56
C GLN D 49 39.19 30.15 -3.16
N GLN D 50 38.12 30.19 -2.38
CA GLN D 50 37.89 31.27 -1.42
C GLN D 50 37.55 30.54 -0.12
N ASP D 51 37.56 31.25 1.01
CA ASP D 51 37.58 30.54 2.28
C ASP D 51 36.43 30.84 3.21
N GLY D 52 35.83 29.76 3.73
CA GLY D 52 34.75 29.86 4.67
C GLY D 52 35.26 30.13 6.08
N PRO D 53 34.35 30.19 7.05
CA PRO D 53 34.70 30.62 8.41
C PRO D 53 35.20 29.51 9.32
N CYS D 54 35.21 28.27 8.84
CA CYS D 54 35.55 27.14 9.70
C CYS D 54 37.04 26.86 9.69
N THR D 55 37.51 26.39 10.85
CA THR D 55 38.87 25.90 11.00
C THR D 55 38.72 24.52 11.61
N PRO D 56 39.81 23.74 11.69
CA PRO D 56 39.65 22.45 12.37
C PRO D 56 39.44 22.58 13.87
N ARG D 57 39.62 23.79 14.41
CA ARG D 57 39.46 23.99 15.84
C ARG D 57 37.99 24.18 16.19
N ARG D 58 37.23 24.77 15.28
CA ARG D 58 35.81 25.03 15.50
C ARG D 58 35.03 25.35 14.21
N CYS D 59 33.80 24.85 14.14
CA CYS D 59 32.91 25.00 12.98
C CYS D 59 31.97 26.18 13.16
N LEU D 60 31.71 26.90 12.08
CA LEU D 60 30.91 28.11 12.11
C LEU D 60 29.89 28.07 10.99
N GLY D 61 29.58 26.86 10.53
CA GLY D 61 28.60 26.66 9.48
C GLY D 61 27.24 27.30 9.64
N SER D 62 26.90 27.72 10.86
CA SER D 62 25.52 28.15 11.17
C SER D 62 25.41 29.65 11.22
N LEU D 63 26.55 30.32 11.04
CA LEU D 63 26.60 31.78 10.97
C LEU D 63 25.93 32.27 9.69
N VAL D 64 25.19 33.37 9.79
CA VAL D 64 24.47 33.86 8.62
C VAL D 64 25.36 34.58 7.60
N PHE D 65 26.40 35.27 8.08
CA PHE D 65 27.41 35.84 7.20
C PHE D 65 28.73 35.10 7.33
N PRO D 66 28.97 34.10 6.46
CA PRO D 66 30.23 33.37 6.45
C PRO D 66 31.41 34.33 6.28
N ARG D 67 31.58 34.85 5.07
CA ARG D 67 32.60 35.84 4.82
C ARG D 67 32.09 37.24 5.18
N LYS D 68 32.92 38.03 5.85
CA LYS D 68 32.55 39.39 6.22
C LYS D 68 32.93 40.42 5.14
N LEU D 69 32.06 41.42 4.99
CA LEU D 69 32.07 42.30 3.84
C LEU D 69 32.46 43.74 4.20
N ALA D 79 46.86 42.88 -8.28
CA ALA D 79 45.59 43.14 -8.95
C ALA D 79 45.46 42.42 -10.30
N PRO D 80 46.44 42.62 -11.22
CA PRO D 80 46.23 42.04 -12.57
C PRO D 80 46.34 40.52 -12.60
N GLU D 81 47.36 39.98 -11.93
CA GLU D 81 47.56 38.52 -11.91
C GLU D 81 46.41 37.78 -11.20
N GLN D 82 45.83 38.37 -10.15
CA GLN D 82 44.70 37.73 -9.49
C GLN D 82 43.47 37.72 -10.39
N LEU D 83 43.18 38.87 -11.02
CA LEU D 83 42.10 38.96 -12.00
C LEU D 83 42.26 37.95 -13.11
N LEU D 84 43.46 37.87 -13.65
CA LEU D 84 43.77 36.97 -14.75
C LEU D 84 43.59 35.48 -14.42
N SER D 85 44.08 35.05 -13.27
CA SER D 85 43.99 33.64 -12.92
C SER D 85 42.53 33.23 -12.64
N GLN D 86 41.70 34.19 -12.24
CA GLN D 86 40.25 34.00 -12.08
C GLN D 86 39.59 34.00 -13.44
N ALA D 87 40.10 34.85 -14.33
CA ALA D 87 39.51 34.99 -15.65
C ALA D 87 39.72 33.71 -16.43
N ARG D 88 40.96 33.21 -16.39
CA ARG D 88 41.34 31.98 -17.06
C ARG D 88 40.54 30.79 -16.56
N ASP D 89 40.30 30.74 -15.26
CA ASP D 89 39.61 29.62 -14.69
C ASP D 89 38.21 29.65 -15.24
N PHE D 90 37.62 30.84 -15.26
CA PHE D 90 36.29 30.99 -15.79
C PHE D 90 36.21 30.52 -17.25
N ILE D 91 37.08 31.06 -18.10
CA ILE D 91 37.18 30.61 -19.50
C ILE D 91 37.28 29.09 -19.65
N ASN D 92 38.23 28.48 -18.94
CA ASN D 92 38.37 27.02 -18.96
C ASN D 92 37.06 26.34 -18.56
N GLN D 93 36.30 26.98 -17.67
CA GLN D 93 35.03 26.41 -17.23
C GLN D 93 34.05 26.47 -18.41
N TYR D 94 33.91 27.67 -18.97
CA TYR D 94 33.03 27.89 -20.12
C TYR D 94 33.33 26.96 -21.29
N TYR D 95 34.61 26.74 -21.56
CA TYR D 95 34.99 25.97 -22.73
C TYR D 95 34.78 24.49 -22.54
N SER D 96 35.05 24.01 -21.33
CA SER D 96 34.78 22.63 -20.99
C SER D 96 33.27 22.36 -21.03
N SER D 97 32.47 23.34 -20.62
CA SER D 97 31.02 23.20 -20.55
C SER D 97 30.38 22.97 -21.93
N ILE D 98 31.12 23.25 -22.98
CA ILE D 98 30.60 23.05 -24.34
C ILE D 98 31.46 22.05 -25.10
N LYS D 99 32.26 21.28 -24.36
CA LYS D 99 33.05 20.18 -24.93
C LYS D 99 33.98 20.62 -26.06
N ARG D 100 34.50 21.83 -25.95
CA ARG D 100 35.45 22.34 -26.93
C ARG D 100 36.73 22.80 -26.23
N SER D 101 37.11 22.13 -25.15
CA SER D 101 38.34 22.46 -24.42
CA SER D 101 38.33 22.50 -24.44
C SER D 101 39.60 22.27 -25.27
N GLY D 102 40.63 23.06 -24.98
CA GLY D 102 41.90 22.96 -25.70
C GLY D 102 41.87 23.40 -27.17
N SER D 103 40.66 23.56 -27.70
CA SER D 103 40.43 23.95 -29.10
C SER D 103 41.09 25.28 -29.44
N GLN D 104 41.14 25.60 -30.74
CA GLN D 104 41.67 26.89 -31.19
C GLN D 104 40.88 28.04 -30.56
N ALA D 105 39.56 27.87 -30.44
CA ALA D 105 38.71 28.92 -29.88
C ALA D 105 38.94 29.13 -28.38
N HIS D 106 39.25 28.04 -27.67
CA HIS D 106 39.58 28.12 -26.25
C HIS D 106 40.90 28.86 -26.08
N GLU D 107 41.92 28.40 -26.81
CA GLU D 107 43.23 29.06 -26.86
C GLU D 107 43.13 30.56 -27.11
N GLN D 108 42.33 30.93 -28.10
CA GLN D 108 42.28 32.32 -28.55
C GLN D 108 41.56 33.25 -27.58
N ARG D 109 40.46 32.77 -27.02
CA ARG D 109 39.74 33.57 -26.05
C ARG D 109 40.62 33.85 -24.82
N LEU D 110 41.43 32.86 -24.42
CA LEU D 110 42.42 33.04 -23.34
C LEU D 110 43.44 34.14 -23.67
N GLN D 111 44.12 33.98 -24.80
CA GLN D 111 44.97 35.03 -25.33
C GLN D 111 44.20 36.36 -25.35
N GLU D 112 42.96 36.33 -25.82
CA GLU D 112 42.25 37.59 -25.99
C GLU D 112 42.02 38.35 -24.68
N VAL D 113 41.64 37.62 -23.62
CA VAL D 113 41.43 38.19 -22.29
C VAL D 113 42.72 38.71 -21.69
N GLU D 114 43.77 37.91 -21.80
CA GLU D 114 45.12 38.32 -21.40
C GLU D 114 45.47 39.67 -21.99
N ALA D 115 45.19 39.83 -23.28
CA ALA D 115 45.50 41.06 -23.99
C ALA D 115 44.68 42.22 -23.45
N GLU D 116 43.40 41.95 -23.16
CA GLU D 116 42.53 43.04 -22.74
C GLU D 116 42.85 43.49 -21.32
N VAL D 117 43.28 42.56 -20.48
CA VAL D 117 43.67 42.91 -19.12
C VAL D 117 44.96 43.70 -19.17
N ALA D 118 45.89 43.23 -20.00
CA ALA D 118 47.20 43.85 -20.11
C ALA D 118 47.08 45.31 -20.55
N ALA D 119 46.02 45.61 -21.28
CA ALA D 119 45.82 46.92 -21.89
C ALA D 119 44.96 47.84 -21.05
N THR D 120 44.03 47.25 -20.30
CA THR D 120 43.03 48.04 -19.58
C THR D 120 42.95 47.69 -18.09
N GLY D 121 43.50 46.54 -17.71
CA GLY D 121 43.36 46.05 -16.35
C GLY D 121 42.06 45.33 -16.11
N THR D 122 41.21 45.25 -17.14
CA THR D 122 39.93 44.51 -17.07
C THR D 122 39.53 43.94 -18.43
N TYR D 123 38.41 43.24 -18.48
CA TYR D 123 37.94 42.68 -19.75
C TYR D 123 36.43 42.68 -19.79
N GLN D 124 35.86 42.39 -20.95
CA GLN D 124 34.41 42.24 -21.07
C GLN D 124 34.06 40.79 -21.39
N LEU D 125 33.09 40.23 -20.67
CA LEU D 125 32.57 38.92 -21.07
C LEU D 125 31.86 38.99 -22.42
N ARG D 126 32.04 37.97 -23.25
CA ARG D 126 31.15 37.77 -24.38
C ARG D 126 29.75 37.46 -23.84
N GLU D 127 28.69 37.79 -24.59
CA GLU D 127 27.36 37.57 -24.06
C GLU D 127 27.15 36.12 -23.63
N SER D 128 27.63 35.18 -24.43
CA SER D 128 27.45 33.75 -24.12
CA SER D 128 27.44 33.76 -24.12
C SER D 128 28.17 33.34 -22.84
N GLU D 129 29.23 34.07 -22.50
CA GLU D 129 29.98 33.81 -21.28
C GLU D 129 29.20 34.31 -20.07
N LEU D 130 28.56 35.46 -20.24
CA LEU D 130 27.75 36.06 -19.20
C LEU D 130 26.53 35.16 -18.89
N VAL D 131 25.84 34.73 -19.93
CA VAL D 131 24.77 33.77 -19.82
C VAL D 131 25.23 32.53 -19.08
N PHE D 132 26.44 32.08 -19.39
CA PHE D 132 26.94 30.86 -18.78
C PHE D 132 27.24 31.08 -17.30
N GLY D 133 27.93 32.18 -16.99
CA GLY D 133 28.30 32.54 -15.64
C GLY D 133 27.15 32.80 -14.68
N ALA D 134 26.08 33.45 -15.15
CA ALA D 134 24.91 33.68 -14.31
C ALA D 134 24.38 32.33 -13.87
N LYS D 135 24.11 31.48 -14.86
CA LYS D 135 23.65 30.12 -14.60
C LYS D 135 24.58 29.37 -13.65
N GLN D 136 25.88 29.62 -13.77
CA GLN D 136 26.85 28.94 -12.95
C GLN D 136 26.79 29.43 -11.51
N ALA D 137 26.66 30.75 -11.35
CA ALA D 137 26.47 31.34 -10.04
C ALA D 137 25.29 30.66 -9.31
N TRP D 138 24.13 30.61 -9.97
CA TRP D 138 22.93 29.93 -9.45
C TRP D 138 23.26 28.51 -9.05
N ARG D 139 23.85 27.80 -10.00
CA ARG D 139 24.19 26.40 -9.83
C ARG D 139 25.12 26.16 -8.61
N ASN D 140 25.89 27.19 -8.27
CA ASN D 140 26.88 27.12 -7.20
C ASN D 140 26.37 27.57 -5.82
N ALA D 141 25.22 28.23 -5.76
CA ALA D 141 24.71 28.74 -4.49
C ALA D 141 24.26 27.62 -3.49
N PRO D 142 25.03 27.43 -2.42
CA PRO D 142 24.84 26.29 -1.50
C PRO D 142 23.54 26.36 -0.71
N ARG D 143 23.04 27.57 -0.50
CA ARG D 143 21.79 27.79 0.20
C ARG D 143 20.53 27.78 -0.66
N CYS D 144 20.59 27.26 -1.89
CA CYS D 144 19.40 27.27 -2.77
C CYS D 144 18.88 25.87 -3.04
N VAL D 145 17.70 25.55 -2.51
CA VAL D 145 17.08 24.24 -2.71
C VAL D 145 16.51 24.08 -4.15
N GLY D 146 16.36 25.18 -4.87
CA GLY D 146 15.76 25.15 -6.20
C GLY D 146 16.68 24.91 -7.40
N ARG D 147 17.92 24.52 -7.16
CA ARG D 147 18.91 24.43 -8.23
C ARG D 147 18.66 23.37 -9.31
N ILE D 148 17.62 22.56 -9.17
CA ILE D 148 17.28 21.59 -10.22
C ILE D 148 17.03 22.32 -11.56
N GLN D 149 16.63 23.58 -11.48
CA GLN D 149 16.26 24.39 -12.64
C GLN D 149 17.40 25.20 -13.30
N TRP D 150 18.61 25.08 -12.77
CA TRP D 150 19.65 26.09 -13.00
C TRP D 150 19.99 26.29 -14.48
N GLY D 151 19.83 25.24 -15.27
CA GLY D 151 20.00 25.32 -16.71
C GLY D 151 18.98 26.21 -17.35
N LYS D 152 17.80 26.31 -16.75
CA LYS D 152 16.72 27.10 -17.33
C LYS D 152 16.58 28.44 -16.62
N LEU D 153 17.37 29.40 -17.10
CA LEU D 153 17.45 30.71 -16.52
C LEU D 153 17.48 31.68 -17.69
N GLN D 154 16.59 32.67 -17.66
CA GLN D 154 16.54 33.65 -18.71
C GLN D 154 17.46 34.82 -18.34
N VAL D 155 18.49 35.07 -19.15
CA VAL D 155 19.47 36.10 -18.81
C VAL D 155 19.22 37.35 -19.61
N PHE D 156 18.89 38.44 -18.92
CA PHE D 156 18.74 39.72 -19.58
C PHE D 156 20.02 40.56 -19.44
N ASP D 157 20.71 40.74 -20.57
CA ASP D 157 21.91 41.55 -20.60
C ASP D 157 21.52 43.02 -20.55
N ALA D 158 21.81 43.67 -19.43
CA ALA D 158 21.57 45.11 -19.32
C ALA D 158 22.88 45.93 -19.25
N ARG D 159 23.96 45.37 -19.78
CA ARG D 159 25.28 45.98 -19.61
C ARG D 159 25.45 47.34 -20.29
N ASP D 160 24.55 47.70 -21.19
CA ASP D 160 24.66 48.99 -21.85
C ASP D 160 23.79 50.04 -21.16
N CYS D 161 23.19 49.65 -20.04
CA CYS D 161 22.36 50.55 -19.25
C CYS D 161 23.15 51.80 -18.86
N ARG D 162 22.48 52.94 -18.84
CA ARG D 162 23.19 54.21 -18.70
C ARG D 162 22.65 55.14 -17.62
N SER D 163 21.50 54.80 -17.03
CA SER D 163 20.86 55.73 -16.10
C SER D 163 19.91 55.04 -15.12
N ALA D 164 19.57 55.76 -14.05
CA ALA D 164 18.65 55.21 -13.06
C ALA D 164 17.36 54.92 -13.76
N GLN D 165 16.99 55.81 -14.67
CA GLN D 165 15.73 55.67 -15.38
C GLN D 165 15.71 54.43 -16.27
N GLU D 166 16.85 54.09 -16.84
CA GLU D 166 16.90 52.92 -17.71
C GLU D 166 16.99 51.61 -16.93
N MET D 167 17.40 51.70 -15.66
CA MET D 167 17.39 50.53 -14.79
C MET D 167 15.95 50.10 -14.61
N PHE D 168 15.11 51.08 -14.28
CA PHE D 168 13.70 50.90 -14.00
C PHE D 168 12.97 50.22 -15.13
N THR D 169 13.34 50.58 -16.36
CA THR D 169 12.73 49.99 -17.54
C THR D 169 13.18 48.55 -17.69
N TYR D 170 14.45 48.33 -17.35
CA TYR D 170 15.03 46.99 -17.38
C TYR D 170 14.44 46.16 -16.25
N ILE D 171 14.08 46.83 -15.16
CA ILE D 171 13.55 46.16 -14.00
C ILE D 171 12.09 45.79 -14.25
N CYS D 172 11.37 46.68 -14.92
CA CYS D 172 9.97 46.40 -15.21
C CYS D 172 9.84 45.30 -16.24
N ASN D 173 10.74 45.24 -17.19
CA ASN D 173 10.70 44.14 -18.13
C ASN D 173 10.94 42.80 -17.44
N HIS D 174 11.84 42.79 -16.46
CA HIS D 174 12.16 41.59 -15.72
C HIS D 174 10.89 41.10 -15.00
N ILE D 175 10.28 41.97 -14.19
CA ILE D 175 9.12 41.61 -13.38
C ILE D 175 8.03 41.03 -14.26
N LYS D 176 7.64 41.83 -15.25
CA LYS D 176 6.72 41.45 -16.31
C LYS D 176 7.06 40.09 -16.89
N TYR D 177 8.34 39.87 -17.20
CA TYR D 177 8.72 38.59 -17.80
C TYR D 177 8.65 37.36 -16.84
N ALA D 178 9.04 37.53 -15.58
CA ALA D 178 9.18 36.38 -14.66
C ALA D 178 7.85 36.02 -14.02
N THR D 179 7.05 37.04 -13.76
CA THR D 179 5.71 36.89 -13.26
C THR D 179 4.83 36.15 -14.26
N ASN D 180 4.67 36.74 -15.45
CA ASN D 180 4.00 36.06 -16.56
C ASN D 180 2.58 35.62 -16.17
N ARG D 181 1.81 36.57 -15.65
CA ARG D 181 0.45 36.32 -15.13
C ARG D 181 0.34 35.04 -14.27
N GLY D 182 1.36 34.81 -13.46
CA GLY D 182 1.34 33.73 -12.49
C GLY D 182 2.15 32.51 -12.88
N ASN D 183 2.42 32.33 -14.15
CA ASN D 183 3.21 31.17 -14.53
C ASN D 183 4.69 31.58 -14.54
N LEU D 184 5.33 31.38 -13.39
CA LEU D 184 6.59 32.04 -13.08
C LEU D 184 7.80 31.46 -13.80
N ARG D 185 8.69 32.34 -14.21
CA ARG D 185 9.89 31.95 -14.96
C ARG D 185 11.11 32.57 -14.30
N SER D 186 12.16 31.78 -14.13
CA SER D 186 13.39 32.29 -13.53
C SER D 186 14.13 33.27 -14.43
N ALA D 187 14.52 34.42 -13.89
CA ALA D 187 15.23 35.40 -14.65
C ALA D 187 16.34 36.08 -13.86
N ILE D 188 17.29 36.64 -14.57
CA ILE D 188 18.27 37.55 -13.98
C ILE D 188 18.55 38.68 -15.00
N THR D 189 18.52 39.91 -14.52
CA THR D 189 18.95 41.02 -15.31
C THR D 189 20.31 41.40 -14.74
N VAL D 190 21.31 41.57 -15.61
CA VAL D 190 22.66 41.91 -15.18
C VAL D 190 23.02 43.32 -15.62
N PHE D 191 23.19 44.21 -14.65
CA PHE D 191 23.55 45.60 -14.92
C PHE D 191 25.07 45.75 -15.05
N PRO D 192 25.57 46.92 -15.51
CA PRO D 192 27.01 47.05 -15.82
C PRO D 192 27.97 46.68 -14.69
N GLN D 193 29.09 46.07 -15.07
CA GLN D 193 30.10 45.64 -14.12
C GLN D 193 30.77 46.80 -13.42
N ARG D 194 31.24 46.54 -12.21
CA ARG D 194 31.97 47.53 -11.44
C ARG D 194 33.21 47.84 -12.24
N CYS D 195 33.52 49.13 -12.33
N CYS D 195 33.53 49.12 -12.36
CA CYS D 195 34.62 49.63 -13.15
CA CYS D 195 34.71 49.52 -13.12
C CYS D 195 35.42 50.68 -12.35
C CYS D 195 35.41 50.67 -12.42
N PRO D 196 36.75 50.73 -12.55
CA PRO D 196 37.52 51.74 -11.84
C PRO D 196 37.11 53.16 -12.24
N GLY D 197 37.01 54.05 -11.26
CA GLY D 197 36.77 55.45 -11.52
C GLY D 197 35.36 55.73 -11.98
N ARG D 198 34.43 54.93 -11.47
CA ARG D 198 33.02 55.08 -11.75
C ARG D 198 32.26 54.45 -10.61
N GLY D 199 31.15 55.06 -10.23
CA GLY D 199 30.31 54.47 -9.21
C GLY D 199 29.64 53.19 -9.67
N ASP D 200 29.21 52.39 -8.70
CA ASP D 200 28.50 51.15 -8.99
C ASP D 200 27.05 51.42 -9.36
N PHE D 201 26.46 50.53 -10.14
CA PHE D 201 25.00 50.45 -10.18
C PHE D 201 24.53 49.68 -8.93
N ARG D 202 23.53 50.22 -8.24
CA ARG D 202 22.96 49.54 -7.08
C ARG D 202 21.44 49.62 -7.00
N ILE D 203 20.80 48.51 -6.64
CA ILE D 203 19.41 48.56 -6.21
C ILE D 203 19.42 48.52 -4.67
N TRP D 204 18.78 49.49 -4.04
CA TRP D 204 18.90 49.63 -2.59
C TRP D 204 18.02 48.61 -1.88
N ASN D 205 16.82 48.39 -2.40
CA ASN D 205 15.90 47.41 -1.82
C ASN D 205 16.54 46.03 -1.83
N SER D 206 16.17 45.20 -0.87
CA SER D 206 16.70 43.82 -0.83
C SER D 206 15.95 42.94 -1.81
N GLN D 207 14.71 43.31 -2.12
CA GLN D 207 13.92 42.59 -3.11
C GLN D 207 13.10 43.58 -3.93
N LEU D 208 12.84 43.24 -5.18
CA LEU D 208 12.03 44.13 -6.01
C LEU D 208 10.69 44.38 -5.36
N VAL D 209 10.01 43.31 -4.94
CA VAL D 209 8.75 43.49 -4.23
C VAL D 209 8.90 43.29 -2.74
N ARG D 210 8.64 44.35 -1.97
CA ARG D 210 8.72 44.29 -0.52
C ARG D 210 7.56 45.05 0.10
N TYR D 211 7.11 44.60 1.27
CA TYR D 211 6.08 45.30 2.00
C TYR D 211 6.70 46.28 2.98
N ALA D 212 6.09 47.45 3.09
CA ALA D 212 6.55 48.51 3.98
C ALA D 212 6.44 48.14 5.46
N GLY D 213 7.43 48.56 6.23
CA GLY D 213 7.42 48.35 7.66
C GLY D 213 7.67 49.66 8.38
N TYR D 214 6.59 50.24 8.90
CA TYR D 214 6.66 51.48 9.65
C TYR D 214 6.91 51.21 11.14
N ARG D 215 7.99 51.77 11.66
CA ARG D 215 8.30 51.63 13.08
C ARG D 215 7.40 52.56 13.90
N GLN D 216 6.59 51.95 14.77
CA GLN D 216 5.66 52.69 15.60
C GLN D 216 6.38 53.39 16.74
N GLN D 217 5.62 54.13 17.54
CA GLN D 217 6.17 54.77 18.73
C GLN D 217 6.38 53.78 19.87
N ASP D 218 5.55 52.74 19.90
CA ASP D 218 5.65 51.69 20.90
C ASP D 218 6.98 50.96 20.81
N GLY D 219 7.57 50.96 19.63
CA GLY D 219 8.73 50.14 19.34
C GLY D 219 8.31 49.00 18.45
N SER D 220 6.99 48.78 18.36
CA SER D 220 6.41 47.77 17.47
C SER D 220 6.50 48.21 16.00
N VAL D 221 5.93 47.43 15.09
CA VAL D 221 5.96 47.76 13.67
C VAL D 221 4.67 47.35 12.97
N ARG D 222 3.96 48.30 12.37
CA ARG D 222 2.87 47.92 11.46
C ARG D 222 3.46 47.70 10.07
N GLY D 223 3.16 46.54 9.49
CA GLY D 223 3.77 46.10 8.25
C GLY D 223 4.88 45.12 8.53
N ASP D 224 5.77 44.93 7.56
CA ASP D 224 6.81 43.93 7.68
C ASP D 224 8.04 44.52 8.36
N PRO D 225 8.42 43.96 9.52
CA PRO D 225 9.55 44.44 10.31
C PRO D 225 10.90 44.23 9.62
N ALA D 226 10.99 43.35 8.63
CA ALA D 226 12.25 43.10 7.94
C ALA D 226 12.63 44.28 7.06
N ASN D 227 11.72 45.22 6.92
CA ASN D 227 11.85 46.27 5.93
C ASN D 227 11.65 47.64 6.57
N VAL D 228 11.98 47.73 7.85
CA VAL D 228 11.93 49.00 8.56
C VAL D 228 12.96 50.01 8.03
N GLU D 229 14.17 49.54 7.78
CA GLU D 229 15.25 50.42 7.35
C GLU D 229 14.97 50.97 5.96
N ILE D 230 14.82 50.07 4.99
CA ILE D 230 14.52 50.48 3.61
C ILE D 230 13.23 51.31 3.51
N THR D 231 12.27 51.06 4.38
CA THR D 231 11.05 51.87 4.43
C THR D 231 11.39 53.31 4.79
N GLU D 232 12.22 53.48 5.81
CA GLU D 232 12.68 54.79 6.28
C GLU D 232 13.41 55.56 5.19
N LEU D 233 14.32 54.89 4.50
CA LEU D 233 15.08 55.51 3.42
C LEU D 233 14.17 55.92 2.26
N CYS D 234 13.12 55.14 1.99
CA CYS D 234 12.18 55.50 0.94
C CYS D 234 11.50 56.81 1.28
N ILE D 235 11.13 56.95 2.55
CA ILE D 235 10.48 58.16 3.03
C ILE D 235 11.46 59.31 2.92
N GLN D 236 12.63 59.13 3.52
CA GLN D 236 13.69 60.15 3.58
C GLN D 236 14.04 60.69 2.19
N HIS D 237 13.90 59.84 1.19
CA HIS D 237 14.11 60.22 -0.19
C HIS D 237 12.80 60.57 -0.88
N GLY D 238 11.79 60.95 -0.10
CA GLY D 238 10.59 61.55 -0.66
C GLY D 238 9.27 60.79 -0.74
N TRP D 239 9.31 59.46 -0.71
CA TRP D 239 8.09 58.65 -0.87
C TRP D 239 7.02 58.93 0.18
N THR D 240 5.81 59.22 -0.27
CA THR D 240 4.69 59.37 0.65
C THR D 240 4.25 58.01 1.19
N PRO D 241 4.26 57.85 2.52
CA PRO D 241 4.00 56.55 3.18
C PRO D 241 2.56 56.05 3.06
N GLY D 242 2.36 54.79 3.41
CA GLY D 242 1.03 54.23 3.58
C GLY D 242 0.85 53.93 5.06
N ASN D 243 -0.20 53.22 5.41
CA ASN D 243 -0.42 52.86 6.80
C ASN D 243 -1.01 51.47 6.93
N GLY D 244 -0.87 50.69 5.85
CA GLY D 244 -1.36 49.33 5.79
C GLY D 244 -0.28 48.35 6.17
N ARG D 245 -0.62 47.08 6.28
CA ARG D 245 0.33 46.06 6.68
C ARG D 245 1.03 45.48 5.46
N PHE D 246 0.47 45.76 4.29
CA PHE D 246 0.96 45.15 3.07
C PHE D 246 1.15 46.17 1.96
N ASP D 247 1.83 47.27 2.31
CA ASP D 247 2.12 48.36 1.37
C ASP D 247 3.40 48.11 0.58
N VAL D 248 3.26 47.86 -0.72
CA VAL D 248 4.41 47.66 -1.59
C VAL D 248 5.31 48.91 -1.68
N LEU D 249 6.60 48.76 -1.37
CA LEU D 249 7.52 49.91 -1.39
C LEU D 249 7.93 50.37 -2.79
N PRO D 250 8.33 51.64 -2.93
CA PRO D 250 8.87 52.05 -4.23
C PRO D 250 10.29 51.52 -4.40
N LEU D 251 10.79 51.53 -5.63
CA LEU D 251 12.19 51.15 -5.83
C LEU D 251 13.12 52.34 -5.59
N LEU D 252 14.26 52.09 -4.96
CA LEU D 252 15.30 53.09 -4.83
C LEU D 252 16.44 52.69 -5.74
N LEU D 253 16.48 53.27 -6.94
CA LEU D 253 17.54 52.95 -7.93
C LEU D 253 18.73 53.89 -7.87
N GLN D 254 19.91 53.38 -8.22
CA GLN D 254 21.12 54.18 -8.14
C GLN D 254 22.03 53.98 -9.33
N ALA D 255 22.18 55.02 -10.13
CA ALA D 255 23.12 55.00 -11.24
C ALA D 255 24.47 55.59 -10.77
N PRO D 256 25.59 55.20 -11.41
CA PRO D 256 26.93 55.61 -10.96
C PRO D 256 27.05 57.07 -10.59
N ASP D 257 27.35 57.32 -9.31
CA ASP D 257 27.69 58.64 -8.78
C ASP D 257 26.52 59.61 -8.69
N GLU D 258 25.33 59.03 -8.54
CA GLU D 258 24.14 59.80 -8.29
C GLU D 258 23.47 59.25 -7.03
N PRO D 259 22.85 60.14 -6.24
CA PRO D 259 21.98 59.67 -5.16
C PRO D 259 20.91 58.72 -5.69
N PRO D 260 20.35 57.89 -4.80
CA PRO D 260 19.37 56.90 -5.27
C PRO D 260 18.10 57.58 -5.77
N GLU D 261 17.52 57.03 -6.82
CA GLU D 261 16.32 57.63 -7.36
C GLU D 261 15.09 56.74 -7.06
N LEU D 262 13.93 57.38 -6.94
CA LEU D 262 12.71 56.72 -6.51
C LEU D 262 11.77 56.44 -7.70
N PHE D 263 11.32 55.19 -7.85
CA PHE D 263 10.39 54.81 -8.92
C PHE D 263 9.27 53.88 -8.39
N LEU D 264 8.02 54.36 -8.45
CA LEU D 264 6.86 53.55 -8.07
C LEU D 264 6.57 52.42 -9.05
N LEU D 265 6.67 51.17 -8.60
CA LEU D 265 6.27 50.05 -9.43
C LEU D 265 4.81 50.19 -9.80
N PRO D 266 4.46 49.93 -11.07
CA PRO D 266 3.06 49.98 -11.52
C PRO D 266 2.24 48.87 -10.89
N PRO D 267 1.14 49.22 -10.19
CA PRO D 267 0.31 48.21 -9.52
C PRO D 267 0.00 47.01 -10.40
N GLU D 268 -0.24 47.23 -11.68
CA GLU D 268 -0.64 46.16 -12.58
C GLU D 268 0.48 45.18 -12.90
N LEU D 269 1.66 45.42 -12.34
CA LEU D 269 2.84 44.60 -12.61
C LEU D 269 3.18 43.79 -11.38
N VAL D 270 2.67 44.24 -10.23
CA VAL D 270 2.90 43.59 -8.95
C VAL D 270 1.76 42.62 -8.57
N LEU D 271 2.00 41.34 -8.82
CA LEU D 271 1.01 40.30 -8.58
C LEU D 271 0.96 39.88 -7.11
N GLU D 272 -0.25 39.74 -6.59
CA GLU D 272 -0.47 39.46 -5.17
C GLU D 272 -1.56 38.43 -4.97
N VAL D 273 -1.29 37.46 -4.09
CA VAL D 273 -2.28 36.47 -3.74
C VAL D 273 -2.88 36.77 -2.39
N PRO D 274 -4.20 36.95 -2.34
CA PRO D 274 -4.86 37.07 -1.03
C PRO D 274 -4.88 35.69 -0.40
N LEU D 275 -4.58 35.59 0.89
CA LEU D 275 -4.55 34.29 1.55
C LEU D 275 -5.91 33.91 2.13
N GLU D 276 -6.33 32.68 1.84
CA GLU D 276 -7.54 32.12 2.42
C GLU D 276 -7.28 30.64 2.65
N HIS D 277 -8.09 30.01 3.51
CA HIS D 277 -7.87 28.61 3.85
C HIS D 277 -8.96 27.74 3.23
N PRO D 278 -8.60 26.58 2.69
CA PRO D 278 -9.65 25.81 2.04
C PRO D 278 -10.81 25.45 3.00
N THR D 279 -10.56 25.06 4.25
CA THR D 279 -11.68 24.78 5.17
C THR D 279 -11.97 25.90 6.20
N LEU D 280 -10.96 26.42 6.88
CA LEU D 280 -11.20 27.55 7.81
C LEU D 280 -11.55 28.86 7.07
N GLU D 281 -12.83 29.22 7.09
CA GLU D 281 -13.34 30.37 6.35
C GLU D 281 -13.02 31.70 7.01
N TRP D 282 -12.84 31.70 8.33
CA TRP D 282 -12.52 32.95 9.03
C TRP D 282 -11.10 33.43 8.66
N PHE D 283 -10.30 32.54 8.08
CA PHE D 283 -8.91 32.85 7.80
C PHE D 283 -8.82 34.02 6.82
N ALA D 284 -9.71 34.05 5.84
CA ALA D 284 -9.70 35.10 4.83
C ALA D 284 -9.83 36.46 5.47
N ALA D 285 -10.54 36.51 6.60
CA ALA D 285 -10.76 37.77 7.30
C ALA D 285 -9.53 38.26 8.08
N LEU D 286 -8.50 37.43 8.20
CA LEU D 286 -7.23 37.93 8.72
C LEU D 286 -6.67 38.98 7.76
N GLY D 287 -7.14 38.96 6.51
CA GLY D 287 -6.77 39.95 5.51
C GLY D 287 -5.31 39.86 5.14
N LEU D 288 -4.81 38.64 5.00
CA LEU D 288 -3.43 38.43 4.65
C LEU D 288 -3.28 38.28 3.14
N ARG D 289 -2.09 38.59 2.65
CA ARG D 289 -1.78 38.55 1.22
C ARG D 289 -0.27 38.57 1.05
N TRP D 290 0.25 37.78 0.12
CA TRP D 290 1.68 37.85 -0.20
C TRP D 290 1.88 38.05 -1.70
N TYR D 291 3.00 38.66 -2.09
CA TYR D 291 3.31 38.85 -3.50
C TYR D 291 3.84 37.56 -4.13
N ALA D 292 3.72 37.48 -5.45
CA ALA D 292 4.03 36.26 -6.19
C ALA D 292 5.49 36.05 -6.47
N LEU D 293 6.23 37.14 -6.65
CA LEU D 293 7.56 37.09 -7.25
C LEU D 293 8.66 37.38 -6.25
N PRO D 294 9.46 36.36 -5.92
CA PRO D 294 10.62 36.54 -5.05
C PRO D 294 11.87 36.94 -5.85
N ALA D 295 12.19 38.23 -5.82
CA ALA D 295 13.32 38.73 -6.61
C ALA D 295 14.34 39.46 -5.76
N VAL D 296 15.47 38.84 -5.50
CA VAL D 296 16.56 39.50 -4.77
C VAL D 296 17.15 40.58 -5.61
N SER D 297 17.31 41.76 -5.04
CA SER D 297 17.82 42.88 -5.74
C SER D 297 19.13 43.40 -5.16
N ASN D 298 19.62 42.79 -4.08
CA ASN D 298 20.79 43.35 -3.40
C ASN D 298 22.06 42.50 -3.32
N MET D 299 22.10 41.36 -4.00
CA MET D 299 23.34 40.60 -4.05
C MET D 299 24.30 40.99 -5.21
N LEU D 300 25.59 40.69 -5.05
CA LEU D 300 26.58 40.93 -6.10
C LEU D 300 26.81 39.64 -6.81
N LEU D 301 26.76 39.67 -8.12
CA LEU D 301 27.20 38.52 -8.88
C LEU D 301 28.68 38.67 -9.35
N GLU D 302 29.44 37.59 -9.15
CA GLU D 302 30.87 37.56 -9.43
C GLU D 302 31.17 36.49 -10.49
N ILE D 303 31.72 36.91 -11.63
CA ILE D 303 32.05 36.02 -12.74
C ILE D 303 33.46 36.31 -13.28
N GLY D 304 34.33 35.30 -13.24
CA GLY D 304 35.66 35.42 -13.81
C GLY D 304 36.51 36.57 -13.30
N GLY D 305 36.21 37.04 -12.10
CA GLY D 305 36.94 38.14 -11.49
C GLY D 305 36.19 39.43 -11.63
N LEU D 306 35.09 39.38 -12.37
CA LEU D 306 34.32 40.59 -12.54
C LEU D 306 33.21 40.57 -11.52
N GLU D 307 32.81 41.77 -11.10
CA GLU D 307 31.78 41.94 -10.11
C GLU D 307 30.66 42.78 -10.68
N PHE D 308 29.46 42.23 -10.65
CA PHE D 308 28.27 43.01 -10.99
C PHE D 308 27.53 43.23 -9.69
N PRO D 309 27.61 44.45 -9.13
CA PRO D 309 26.93 44.71 -7.85
C PRO D 309 25.45 44.92 -8.03
N ALA D 310 24.98 44.95 -9.27
CA ALA D 310 23.56 44.99 -9.52
C ALA D 310 23.15 43.95 -10.54
N ALA D 311 22.43 42.92 -10.08
CA ALA D 311 22.00 41.83 -10.94
C ALA D 311 20.79 41.11 -10.37
N PRO D 312 19.66 41.80 -10.29
CA PRO D 312 18.43 41.23 -9.72
C PRO D 312 18.09 39.89 -10.33
N PHE D 313 17.91 38.87 -9.49
CA PHE D 313 17.47 37.56 -9.96
C PHE D 313 16.25 37.04 -9.20
N SER D 314 15.54 36.08 -9.80
CA SER D 314 14.25 35.72 -9.27
C SER D 314 13.75 34.36 -9.75
N GLY D 315 13.05 33.65 -8.88
CA GLY D 315 12.51 32.34 -9.20
C GLY D 315 11.04 32.28 -8.83
N TRP D 316 10.60 31.24 -8.15
CA TRP D 316 9.29 31.25 -7.50
C TRP D 316 9.42 30.82 -6.02
N TYR D 317 8.33 30.95 -5.27
CA TYR D 317 8.37 30.71 -3.83
C TYR D 317 8.24 29.25 -3.43
N MET D 318 8.99 28.85 -2.41
CA MET D 318 8.61 27.67 -1.61
C MET D 318 7.65 28.13 -0.50
N SER D 319 6.49 27.46 -0.38
CA SER D 319 5.45 27.87 0.59
C SER D 319 5.93 28.15 2.02
N THR D 320 6.92 27.39 2.49
CA THR D 320 7.43 27.63 3.83
C THR D 320 8.08 29.02 4.02
N GLU D 321 8.57 29.63 2.94
CA GLU D 321 9.15 30.97 3.05
C GLU D 321 8.07 31.97 3.39
N ILE D 322 6.91 31.81 2.79
CA ILE D 322 5.82 32.72 3.09
C ILE D 322 5.08 32.33 4.38
N GLY D 323 4.66 31.07 4.46
CA GLY D 323 3.84 30.61 5.58
C GLY D 323 4.52 30.59 6.93
N THR D 324 5.54 29.74 7.07
CA THR D 324 6.34 29.69 8.27
C THR D 324 7.18 30.96 8.50
N ARG D 325 8.22 31.16 7.70
CA ARG D 325 9.17 32.25 7.95
C ARG D 325 8.57 33.68 7.91
N ASN D 326 8.09 34.14 6.75
CA ASN D 326 7.57 35.50 6.64
C ASN D 326 6.36 35.77 7.55
N LEU D 327 5.46 34.80 7.68
CA LEU D 327 4.25 35.03 8.47
C LEU D 327 4.30 34.50 9.91
N CYS D 328 5.14 33.52 10.22
CA CYS D 328 5.20 33.02 11.62
C CYS D 328 6.46 33.38 12.42
N ASP D 329 7.50 33.90 11.79
CA ASP D 329 8.65 34.37 12.54
C ASP D 329 8.11 35.42 13.50
N PRO D 330 8.60 35.39 14.75
CA PRO D 330 8.14 36.38 15.73
C PRO D 330 8.63 37.77 15.30
N HIS D 331 9.83 37.79 14.73
CA HIS D 331 10.44 39.05 14.28
C HIS D 331 9.90 39.51 12.93
N ARG D 332 9.10 38.67 12.29
CA ARG D 332 8.36 39.10 11.09
C ARG D 332 6.88 39.38 11.43
N TYR D 333 5.95 38.74 10.70
CA TYR D 333 4.53 39.07 10.83
C TYR D 333 3.89 38.52 12.10
N ASN D 334 4.49 37.46 12.63
CA ASN D 334 4.15 36.97 13.96
C ASN D 334 2.63 36.76 14.17
N ILE D 335 1.99 36.03 13.27
CA ILE D 335 0.53 35.83 13.37
C ILE D 335 0.14 34.51 14.03
N LEU D 336 1.12 33.77 14.52
CA LEU D 336 0.94 32.37 14.85
C LEU D 336 -0.03 32.19 16.02
N GLU D 337 0.09 33.05 17.02
CA GLU D 337 -0.72 32.94 18.21
C GLU D 337 -2.18 33.26 17.89
N ASP D 338 -2.38 34.18 16.96
CA ASP D 338 -3.74 34.66 16.72
C ASP D 338 -4.51 33.72 15.80
N VAL D 339 -3.78 32.88 15.10
CA VAL D 339 -4.38 31.89 14.24
C VAL D 339 -4.77 30.70 15.10
N ALA D 340 -3.86 30.34 16.01
CA ALA D 340 -4.08 29.27 16.97
C ALA D 340 -5.28 29.55 17.87
N VAL D 341 -5.42 30.80 18.31
CA VAL D 341 -6.56 31.18 19.14
C VAL D 341 -7.85 31.03 18.33
N CYS D 342 -7.82 31.51 17.10
CA CYS D 342 -8.96 31.35 16.22
C CYS D 342 -9.34 29.89 16.00
N MET D 343 -8.34 29.01 16.01
CA MET D 343 -8.56 27.58 15.83
C MET D 343 -8.97 26.95 17.15
N ASP D 344 -9.03 27.80 18.17
CA ASP D 344 -9.41 27.39 19.52
C ASP D 344 -8.49 26.33 20.12
N LEU D 345 -7.20 26.38 19.80
CA LEU D 345 -6.23 25.50 20.42
C LEU D 345 -5.86 26.07 21.79
N ASP D 346 -5.22 25.25 22.61
CA ASP D 346 -4.80 25.67 23.95
C ASP D 346 -3.43 26.31 23.95
N THR D 347 -3.37 27.62 23.84
CA THR D 347 -2.09 28.28 23.74
C THR D 347 -1.41 28.43 25.11
N ARG D 348 -2.07 27.90 26.14
CA ARG D 348 -1.56 28.01 27.51
C ARG D 348 -0.46 26.98 27.88
N THR D 349 -0.35 25.90 27.10
CA THR D 349 0.78 24.98 27.29
C THR D 349 1.47 24.56 25.97
N THR D 350 2.79 24.41 26.02
CA THR D 350 3.58 24.06 24.84
C THR D 350 3.20 22.67 24.33
N SER D 351 2.92 21.77 25.26
CA SER D 351 2.61 20.37 24.92
C SER D 351 1.24 20.16 24.25
N SER D 352 0.41 21.19 24.17
CA SER D 352 -0.73 21.09 23.25
C SER D 352 -0.25 21.03 21.79
N LEU D 353 0.97 21.51 21.55
CA LEU D 353 1.52 21.66 20.21
C LEU D 353 0.65 22.57 19.36
N TRP D 354 0.06 23.60 19.98
CA TRP D 354 -0.68 24.58 19.22
C TRP D 354 0.18 25.30 18.14
N LYS D 355 1.47 25.47 18.39
CA LYS D 355 2.33 26.16 17.43
C LYS D 355 2.43 25.36 16.12
N ASP D 356 2.92 24.13 16.24
CA ASP D 356 2.99 23.20 15.13
C ASP D 356 1.65 23.07 14.40
N LYS D 357 0.54 22.98 15.14
CA LYS D 357 -0.76 22.86 14.49
C LYS D 357 -1.20 24.11 13.71
N ALA D 358 -0.94 25.30 14.24
CA ALA D 358 -1.35 26.50 13.55
C ALA D 358 -0.42 26.79 12.35
N ALA D 359 0.87 26.58 12.53
CA ALA D 359 1.82 26.80 11.43
C ALA D 359 1.53 25.86 10.27
N VAL D 360 1.00 24.67 10.57
CA VAL D 360 0.65 23.75 9.49
C VAL D 360 -0.53 24.31 8.68
N GLU D 361 -1.59 24.75 9.37
CA GLU D 361 -2.67 25.40 8.66
C GLU D 361 -2.25 26.66 7.85
N ILE D 362 -1.30 27.44 8.37
CA ILE D 362 -0.92 28.67 7.67
C ILE D 362 -0.19 28.35 6.38
N ASN D 363 0.70 27.37 6.45
CA ASN D 363 1.28 26.80 5.25
C ASN D 363 0.22 26.28 4.27
N VAL D 364 -0.73 25.47 4.78
CA VAL D 364 -1.81 24.95 3.94
C VAL D 364 -2.52 26.09 3.24
N ALA D 365 -2.84 27.14 3.98
CA ALA D 365 -3.53 28.29 3.42
C ALA D 365 -2.75 28.93 2.26
N VAL D 366 -1.45 29.13 2.47
CA VAL D 366 -0.54 29.65 1.46
C VAL D 366 -0.58 28.76 0.20
N LEU D 367 -0.40 27.46 0.39
CA LEU D 367 -0.36 26.52 -0.73
C LEU D 367 -1.68 26.52 -1.47
N HIS D 368 -2.76 26.79 -0.77
CA HIS D 368 -4.07 26.72 -1.36
C HIS D 368 -4.41 28.00 -2.11
N SER D 369 -4.05 29.13 -1.53
CA SER D 369 -4.34 30.40 -2.16
C SER D 369 -3.54 30.60 -3.47
N TYR D 370 -2.29 30.14 -3.49
CA TYR D 370 -1.46 30.34 -4.69
C TYR D 370 -1.95 29.47 -5.82
N GLN D 371 -2.33 28.24 -5.49
CA GLN D 371 -2.81 27.29 -6.48
C GLN D 371 -4.14 27.77 -7.04
N LEU D 372 -4.85 28.51 -6.21
CA LEU D 372 -6.16 29.02 -6.57
C LEU D 372 -6.02 30.22 -7.47
N ALA D 373 -5.01 31.05 -7.18
CA ALA D 373 -4.74 32.24 -7.98
C ALA D 373 -4.04 31.88 -9.27
N LYS D 374 -3.78 30.58 -9.49
CA LYS D 374 -3.05 30.12 -10.67
C LYS D 374 -1.64 30.73 -10.70
N VAL D 375 -1.00 30.75 -9.53
CA VAL D 375 0.34 31.32 -9.38
C VAL D 375 1.30 30.21 -8.92
N THR D 376 2.43 30.11 -9.60
CA THR D 376 3.41 29.05 -9.34
C THR D 376 3.85 29.08 -7.91
N ILE D 377 3.90 27.91 -7.28
CA ILE D 377 4.47 27.81 -5.94
C ILE D 377 4.80 26.35 -5.72
N VAL D 378 5.70 26.08 -4.78
CA VAL D 378 6.19 24.73 -4.56
C VAL D 378 6.28 24.37 -3.05
N ASP D 379 5.70 23.25 -2.65
CA ASP D 379 5.68 22.92 -1.23
C ASP D 379 7.04 22.34 -0.89
N HIS D 380 7.40 22.36 0.39
CA HIS D 380 8.74 21.97 0.80
C HIS D 380 9.10 20.50 0.54
N HIS D 381 8.09 19.66 0.32
CA HIS D 381 8.34 18.24 0.04
C HIS D 381 8.73 18.06 -1.42
N ALA D 382 8.01 18.74 -2.30
CA ALA D 382 8.29 18.68 -3.72
C ALA D 382 9.64 19.35 -3.96
N ALA D 383 9.79 20.56 -3.41
CA ALA D 383 11.04 21.30 -3.40
C ALA D 383 12.26 20.47 -3.02
N THR D 384 12.22 19.84 -1.85
CA THR D 384 13.35 19.10 -1.30
C THR D 384 13.60 17.75 -1.96
N ALA D 385 12.54 17.10 -2.42
CA ALA D 385 12.68 15.88 -3.20
C ALA D 385 13.52 16.12 -4.47
N SER D 386 13.23 17.23 -5.17
CA SER D 386 13.95 17.54 -6.41
C SER D 386 15.39 17.99 -6.12
N PHE D 387 15.62 18.56 -4.96
CA PHE D 387 16.98 18.85 -4.58
C PHE D 387 17.80 17.57 -4.59
N MET D 388 17.22 16.49 -4.07
CA MET D 388 17.90 15.20 -4.07
C MET D 388 18.24 14.75 -5.50
N LYS D 389 17.32 14.97 -6.43
CA LYS D 389 17.55 14.65 -7.83
C LYS D 389 18.76 15.46 -8.36
N HIS D 390 18.79 16.75 -8.05
CA HIS D 390 19.91 17.64 -8.39
C HIS D 390 21.24 17.14 -7.82
N LEU D 391 21.26 16.80 -6.53
CA LEU D 391 22.50 16.37 -5.90
C LEU D 391 23.10 15.23 -6.69
N GLU D 392 22.24 14.30 -7.04
CA GLU D 392 22.62 13.10 -7.77
C GLU D 392 23.11 13.41 -9.19
N ASN D 393 22.51 14.43 -9.82
CA ASN D 393 22.97 14.88 -11.14
C ASN D 393 24.37 15.46 -11.04
N GLU D 394 24.51 16.47 -10.18
CA GLU D 394 25.79 17.11 -9.90
C GLU D 394 26.92 16.17 -9.52
N GLN D 395 26.57 15.07 -8.87
CA GLN D 395 27.58 14.08 -8.49
C GLN D 395 28.19 13.49 -9.77
N LYS D 396 27.31 13.04 -10.67
CA LYS D 396 27.73 12.49 -11.94
C LYS D 396 28.43 13.54 -12.79
N ALA D 397 27.96 14.78 -12.70
CA ALA D 397 28.42 15.87 -13.57
C ALA D 397 29.74 16.55 -13.15
N ARG D 398 29.83 17.03 -11.89
CA ARG D 398 31.05 17.68 -11.38
C ARG D 398 31.69 16.94 -10.20
N GLY D 399 31.19 15.75 -9.88
CA GLY D 399 31.72 14.99 -8.76
C GLY D 399 31.39 15.62 -7.42
N GLY D 400 30.29 16.38 -7.37
CA GLY D 400 29.90 17.03 -6.14
C GLY D 400 28.99 18.24 -6.24
N CYS D 401 28.61 18.77 -5.09
CA CYS D 401 27.64 19.85 -5.01
C CYS D 401 27.78 20.58 -3.68
N PRO D 402 27.97 21.90 -3.72
CA PRO D 402 27.99 22.63 -2.44
C PRO D 402 26.59 22.80 -1.87
N ALA D 403 26.42 22.52 -0.59
CA ALA D 403 25.11 22.60 0.02
C ALA D 403 25.22 22.96 1.49
N ASP D 404 24.58 24.06 1.87
CA ASP D 404 24.52 24.51 3.25
C ASP D 404 23.32 23.84 3.93
N TRP D 405 23.59 22.74 4.62
CA TRP D 405 22.57 21.91 5.26
C TRP D 405 21.51 22.70 6.01
N ALA D 406 21.95 23.65 6.82
CA ALA D 406 21.03 24.43 7.65
C ALA D 406 20.03 25.26 6.85
N TRP D 407 20.36 25.53 5.59
CA TRP D 407 19.49 26.36 4.74
C TRP D 407 18.65 25.52 3.80
N ILE D 408 19.17 24.37 3.41
CA ILE D 408 18.50 23.46 2.50
C ILE D 408 17.27 22.84 3.18
N VAL D 409 17.44 22.41 4.44
CA VAL D 409 16.35 21.83 5.21
C VAL D 409 15.32 22.89 5.56
N PRO D 410 14.03 22.58 5.29
CA PRO D 410 12.92 23.49 5.54
C PRO D 410 12.79 23.82 7.01
N PRO D 411 12.20 24.99 7.30
CA PRO D 411 11.97 25.46 8.67
C PRO D 411 10.76 24.78 9.36
N ILE D 412 10.00 23.97 8.64
CA ILE D 412 9.16 22.96 9.31
C ILE D 412 9.40 21.60 8.67
N SER D 413 9.17 20.56 9.47
CA SER D 413 9.09 19.17 9.00
C SER D 413 10.39 18.59 8.47
N GLY D 414 11.51 19.09 9.01
CA GLY D 414 12.83 18.65 8.63
C GLY D 414 13.08 17.19 8.32
N SER D 415 13.07 16.36 9.36
CA SER D 415 13.29 14.93 9.19
C SER D 415 12.28 14.28 8.25
N LEU D 416 11.13 14.91 8.08
CA LEU D 416 10.13 14.36 7.18
C LEU D 416 10.51 14.51 5.70
N THR D 417 11.51 15.33 5.40
CA THR D 417 12.00 15.50 4.03
C THR D 417 13.34 14.80 3.91
N PRO D 418 13.68 14.32 2.70
CA PRO D 418 14.89 13.52 2.49
C PRO D 418 16.20 14.26 2.72
N VAL D 419 16.21 15.59 2.59
CA VAL D 419 17.47 16.34 2.75
C VAL D 419 17.98 16.32 4.19
N PHE D 420 17.06 16.22 5.15
CA PHE D 420 17.42 16.11 6.56
C PHE D 420 18.44 14.99 6.77
N HIS D 421 18.23 13.89 6.05
CA HIS D 421 19.06 12.71 6.16
C HIS D 421 20.33 12.69 5.29
N GLN D 422 20.44 13.64 4.37
CA GLN D 422 21.60 13.69 3.47
C GLN D 422 22.77 14.50 4.03
N GLU D 423 23.91 13.86 4.25
CA GLU D 423 25.11 14.61 4.63
C GLU D 423 25.47 15.57 3.51
N MET D 424 26.06 16.70 3.85
CA MET D 424 26.39 17.70 2.85
C MET D 424 27.78 18.34 3.04
N VAL D 425 28.36 18.84 1.95
CA VAL D 425 29.59 19.59 2.04
C VAL D 425 29.28 21.02 1.63
N ASN D 426 29.61 21.97 2.47
CA ASN D 426 29.43 23.36 2.12
C ASN D 426 30.80 23.89 1.62
N TYR D 427 30.79 24.69 0.54
CA TYR D 427 32.00 25.40 0.06
C TYR D 427 31.65 26.45 -0.99
N PHE D 428 32.56 27.40 -1.19
CA PHE D 428 32.36 28.51 -2.13
C PHE D 428 33.12 28.32 -3.45
N LEU D 429 32.36 28.03 -4.50
CA LEU D 429 32.88 27.97 -5.87
C LEU D 429 32.56 29.25 -6.62
N SER D 430 33.34 29.56 -7.66
CA SER D 430 33.05 30.70 -8.53
C SER D 430 32.74 30.23 -9.94
N PRO D 431 31.84 30.93 -10.64
CA PRO D 431 30.96 32.08 -10.40
C PRO D 431 30.02 31.91 -9.19
N ALA D 432 29.64 33.05 -8.62
CA ALA D 432 29.03 33.08 -7.31
C ALA D 432 28.17 34.32 -7.09
N PHE D 433 27.06 34.11 -6.37
CA PHE D 433 26.27 35.17 -5.77
C PHE D 433 26.84 35.46 -4.37
N ARG D 434 27.00 36.72 -4.01
CA ARG D 434 27.59 37.08 -2.73
C ARG D 434 26.77 38.16 -2.10
N TYR D 435 26.85 38.27 -0.78
CA TYR D 435 26.24 39.37 -0.07
C TYR D 435 27.24 40.50 -0.17
N GLN D 436 26.74 41.71 -0.02
CA GLN D 436 27.57 42.88 -0.13
C GLN D 436 27.03 43.93 0.82
N PRO D 437 27.87 44.93 1.17
CA PRO D 437 27.39 45.93 2.14
C PRO D 437 26.26 46.76 1.58
N ASP D 438 25.37 47.21 2.47
CA ASP D 438 24.27 48.09 2.10
C ASP D 438 24.83 49.44 1.66
N PRO D 439 24.35 49.97 0.52
CA PRO D 439 24.92 51.13 -0.17
C PRO D 439 25.07 52.33 0.74
N TRP D 440 24.17 52.48 1.70
CA TRP D 440 24.21 53.60 2.62
C TRP D 440 25.13 53.34 3.82
CHA HEM E . -19.56 -17.58 -24.56
CHB HEM E . -18.84 -12.90 -23.66
CHC HEM E . -20.32 -11.82 -28.15
CHD HEM E . -22.38 -16.21 -28.31
C1A HEM E . -19.08 -16.43 -24.00
C2A HEM E . -18.12 -16.34 -22.91
C3A HEM E . -17.93 -15.04 -22.67
C4A HEM E . -18.75 -14.27 -23.59
CMA HEM E . -16.99 -14.47 -21.60
CAA HEM E . -17.40 -17.48 -22.14
CBA HEM E . -16.74 -18.47 -23.08
CGA HEM E . -15.61 -19.20 -22.38
O1A HEM E . -15.18 -18.73 -21.30
O2A HEM E . -15.16 -20.24 -22.91
C1B HEM E . -19.13 -12.20 -24.80
C2B HEM E . -18.86 -10.79 -25.02
C3B HEM E . -19.27 -10.47 -26.26
C4B HEM E . -19.79 -11.68 -26.88
CMB HEM E . -18.23 -9.84 -23.99
CAB HEM E . -19.14 -9.05 -26.84
CBB HEM E . -19.62 -8.69 -28.04
C1C HEM E . -21.00 -12.94 -28.60
C2C HEM E . -21.62 -13.09 -29.91
C3C HEM E . -22.18 -14.32 -29.95
C4C HEM E . -21.95 -14.96 -28.67
CMC HEM E . -21.56 -12.01 -31.01
CAC HEM E . -22.96 -15.02 -31.08
CBC HEM E . -23.36 -14.40 -32.19
C1D HEM E . -21.76 -17.01 -27.38
C2D HEM E . -21.92 -18.45 -27.26
C3D HEM E . -21.04 -18.86 -26.09
C4D HEM E . -20.43 -17.64 -25.62
CMD HEM E . -22.80 -19.39 -28.12
CAD HEM E . -20.82 -20.28 -25.54
CBD HEM E . -19.43 -20.70 -26.00
CGD HEM E . -19.29 -22.17 -25.74
O1D HEM E . -20.23 -22.75 -25.15
O2D HEM E . -18.24 -22.75 -26.12
NA HEM E . -19.45 -15.15 -24.38
NB HEM E . -19.71 -12.72 -25.95
NC HEM E . -21.23 -14.09 -27.87
ND HEM E . -20.88 -16.56 -26.39
FE HEM E . -20.59 -14.54 -25.98
N1 H4B F . -16.78 -20.98 -17.51
C2 H4B F . -16.29 -20.47 -18.67
N2 H4B F . -16.64 -19.22 -19.04
N3 H4B F . -15.45 -21.21 -19.44
C4 H4B F . -15.10 -22.47 -19.06
O4 H4B F . -14.32 -23.16 -19.78
C4A H4B F . -15.60 -22.99 -17.88
C8A H4B F . -16.45 -22.22 -17.11
N5 H4B F . -15.28 -24.24 -17.46
N8 H4B F . -16.96 -22.72 -15.94
C6 H4B F . -16.27 -24.92 -16.65
C7 H4B F . -16.60 -24.05 -15.45
C9 H4B F . -15.81 -26.33 -16.28
O9 H4B F . -14.45 -26.31 -15.85
C10 H4B F . -16.67 -26.90 -15.16
C11 H4B F . -16.37 -28.37 -14.92
O10 H4B F . -18.05 -26.76 -15.52
N25 9OJ G . -14.04 -29.46 -25.26
C24 9OJ G . -14.20 -28.32 -25.08
C23 9OJ G . -14.41 -27.05 -24.95
C02 9OJ G . -15.69 -26.54 -25.09
C01 9OJ G . -16.84 -27.43 -25.44
C22 9OJ G . -13.34 -26.21 -24.60
C21 9OJ G . -13.60 -24.85 -24.42
C04 9OJ G . -14.88 -24.35 -24.59
C03 9OJ G . -15.93 -25.20 -24.92
C05 9OJ G . -15.13 -22.87 -24.42
C06 9OJ G . -15.14 -22.28 -25.83
N07 9OJ G . -15.90 -21.02 -25.91
C08 9OJ G . -14.93 -19.93 -26.10
C09 9OJ G . -15.58 -18.65 -26.58
C20 9OJ G . -15.25 -17.44 -25.98
C19 9OJ G . -15.85 -16.25 -26.40
C12 9OJ G . -16.76 -16.28 -27.44
C11 9OJ G . -17.10 -17.49 -28.07
C10 9OJ G . -16.51 -18.68 -27.62
N18 9OJ G . -15.54 -15.09 -25.80
C16 9OJ G . -16.08 -13.92 -26.19
N17 9OJ G . -15.73 -12.77 -25.55
C15 9OJ G . -17.00 -13.90 -27.24
C13 9OJ G . -17.32 -15.09 -27.87
C14 9OJ G . -18.32 -15.09 -29.00
C1 BTB H . 12.56 -11.19 -12.00
O1 BTB H . 13.50 -11.88 -12.83
C2 BTB H . 13.28 -10.45 -10.87
C3 BTB H . 14.66 -11.10 -10.74
O3 BTB H . 15.72 -10.19 -10.46
C4 BTB H . 12.52 -10.69 -9.57
O4 BTB H . 13.35 -10.44 -8.43
N BTB H . 13.33 -9.00 -11.21
C5 BTB H . 13.95 -8.78 -12.53
C6 BTB H . 13.90 -7.32 -12.98
O6 BTB H . 14.81 -6.52 -12.21
C7 BTB H . 11.95 -8.47 -11.22
C8 BTB H . 11.79 -7.28 -10.28
O8 BTB H . 11.89 -7.68 -8.91
C1 BTB I . 7.87 -25.25 -7.84
O1 BTB I . 6.51 -25.65 -8.00
C2 BTB I . 8.44 -25.73 -6.51
C3 BTB I . 9.94 -25.45 -6.52
O3 BTB I . 10.42 -25.08 -5.21
C4 BTB I . 8.19 -27.24 -6.39
O4 BTB I . 7.04 -27.59 -7.17
N BTB I . 7.84 -25.02 -5.34
C5 BTB I . 7.62 -23.61 -5.65
C6 BTB I . 8.31 -22.81 -4.55
O6 BTB I . 9.05 -23.67 -3.68
C7 BTB I . 6.58 -25.62 -4.87
C8 BTB I . 6.43 -25.51 -3.35
O8 BTB I . 5.14 -25.99 -2.94
C1 BTB J . -13.23 -35.65 -56.83
O1 BTB J . -14.00 -36.42 -55.93
C2 BTB J . -12.98 -34.26 -56.24
C3 BTB J . -11.56 -34.18 -55.69
O3 BTB J . -11.43 -35.00 -54.53
C4 BTB J . -13.98 -34.03 -55.11
O4 BTB J . -14.38 -32.65 -55.10
N BTB J . -13.19 -33.22 -57.28
C5 BTB J . -12.07 -33.19 -58.24
C6 BTB J . -11.46 -31.79 -58.29
O6 BTB J . -12.47 -30.81 -58.08
C7 BTB J . -14.43 -33.52 -58.03
C8 BTB J . -15.24 -32.24 -58.28
O8 BTB J . -16.41 -32.59 -59.03
ZN ZN K . -29.15 -29.38 -12.73
C1 GOL L . -28.59 -9.17 -50.50
O1 GOL L . -28.39 -10.41 -49.88
C2 GOL L . -28.76 -8.10 -49.43
O2 GOL L . -28.53 -8.67 -48.17
C3 GOL L . -30.18 -7.54 -49.47
O3 GOL L . -30.51 -7.04 -48.20
CL CL M . -9.81 -17.46 -25.72
GD GD N . 14.92 -8.22 -8.84
CHA HEM O . -20.52 -26.21 4.21
CHB HEM O . -15.71 -26.13 4.95
CHC HEM O . -16.10 -29.13 8.75
CHD HEM O . -20.57 -30.11 7.19
C1A HEM O . -19.20 -25.81 4.17
C2A HEM O . -18.65 -24.63 3.53
C3A HEM O . -17.33 -24.60 3.75
C4A HEM O . -16.98 -25.78 4.52
CMA HEM O . -16.34 -23.54 3.25
CAA HEM O . -19.45 -23.58 2.75
CBA HEM O . -19.91 -22.58 3.81
CGA HEM O . -20.67 -21.50 3.12
O1A HEM O . -20.47 -21.42 1.90
O2A HEM O . -21.44 -20.74 3.76
C1B HEM O . -15.38 -26.88 6.07
C2B HEM O . -14.08 -26.98 6.70
C3B HEM O . -14.17 -27.80 7.74
C4B HEM O . -15.55 -28.26 7.82
CMB HEM O . -12.78 -26.27 6.26
CAB HEM O . -12.96 -28.12 8.64
CBB HEM O . -12.98 -29.01 9.63
C1C HEM O . -17.38 -29.63 8.72
C2C HEM O . -18.04 -30.46 9.72
C3C HEM O . -19.29 -30.70 9.28
C4C HEM O . -19.44 -30.07 7.98
CMC HEM O . -17.38 -30.91 11.04
CAC HEM O . -20.43 -31.55 9.91
CBC HEM O . -20.21 -32.57 10.73
C1D HEM O . -21.02 -29.13 6.33
C2D HEM O . -22.38 -28.95 5.92
C3D HEM O . -22.37 -27.74 5.00
C4D HEM O . -21.00 -27.29 4.94
CMD HEM O . -23.59 -29.80 6.33
CAD HEM O . -23.58 -27.13 4.30
CBD HEM O . -23.95 -25.95 5.19
CGD HEM O . -25.05 -25.21 4.51
O1D HEM O . -25.60 -25.76 3.52
O2D HEM O . -25.36 -24.07 4.94
NA HEM O . -18.15 -26.48 4.76
NB HEM O . -16.25 -27.68 6.78
NC HEM O . -18.26 -29.42 7.68
ND HEM O . -20.24 -28.13 5.73
FE HEM O . -18.19 -28.10 6.01
N1 H4B P . -20.99 -21.15 -2.55
C2 H4B P . -20.71 -21.21 -1.22
N2 H4B P . -19.70 -22.01 -0.77
N3 H4B P . -21.46 -20.50 -0.35
C4 H4B P . -22.48 -19.71 -0.77
O4 H4B P . -23.15 -19.06 0.08
C4A H4B P . -22.77 -19.64 -2.12
C8A H4B P . -21.99 -20.36 -3.03
N5 H4B P . -23.77 -18.86 -2.58
N8 H4B P . -22.25 -20.31 -4.37
C6 H4B P . -24.36 -19.24 -3.87
C7 H4B P . -23.26 -19.43 -4.93
C9 H4B P . -25.49 -18.28 -4.25
O9 H4B P . -25.11 -16.92 -3.95
C10 H4B P . -25.93 -18.41 -5.70
C11 H4B P . -27.33 -17.83 -5.87
O10 H4B P . -25.96 -19.77 -6.13
N25 9OJ Q . -30.97 -18.16 4.08
C24 9OJ Q . -29.89 -18.60 4.08
C23 9OJ Q . -28.72 -19.15 4.08
C02 9OJ Q . -28.58 -20.51 3.86
C01 9OJ Q . -29.79 -21.38 3.64
C22 9OJ Q . -27.59 -18.38 4.27
C21 9OJ Q . -26.32 -18.98 4.26
C04 9OJ Q . -26.21 -20.36 4.05
C03 9OJ Q . -27.34 -21.12 3.86
C05 9OJ Q . -24.86 -21.05 4.05
C06 9OJ Q . -24.29 -20.96 5.47
N07 9OJ Q . -23.43 -22.13 5.76
C08 9OJ Q . -22.57 -21.71 6.86
C09 9OJ Q . -21.60 -22.75 7.32
C20 9OJ Q . -20.24 -22.52 7.17
C19 9OJ Q . -19.34 -23.48 7.62
C12 9OJ Q . -19.80 -24.65 8.23
C11 9OJ Q . -21.16 -24.89 8.39
C10 9OJ Q . -22.04 -23.92 7.93
N18 9OJ Q . -18.04 -23.25 7.48
C16 9OJ Q . -17.12 -24.13 7.89
N17 9OJ Q . -15.82 -23.83 7.69
C15 9OJ Q . -17.51 -25.32 8.51
C13 9OJ Q . -18.88 -25.58 8.68
C14 9OJ Q . -19.37 -26.84 9.33
C1 BTB R . 8.39 -1.57 5.94
O1 BTB R . 8.75 -1.74 7.34
C2 BTB R . 6.88 -1.74 5.73
C3 BTB R . 6.33 -2.66 6.84
O3 BTB R . 4.90 -2.65 6.78
C4 BTB R . 6.58 -2.43 4.40
O4 BTB R . 5.16 -2.56 4.19
N BTB R . 6.22 -0.40 5.76
C5 BTB R . 6.45 0.39 6.99
C6 BTB R . 5.27 0.33 7.96
O6 BTB R . 4.08 0.91 7.39
C7 BTB R . 6.59 0.38 4.59
C8 BTB R . 5.42 0.68 3.66
O8 BTB R . 4.46 1.51 4.31
C1 BTB S . -45.11 -24.23 31.84
O1 BTB S . -45.75 -25.47 31.47
C2 BTB S . -43.83 -23.99 31.06
C3 BTB S . -43.57 -22.50 31.00
O3 BTB S . -44.67 -21.81 31.61
C4 BTB S . -44.01 -24.47 29.62
O4 BTB S . -44.89 -25.59 29.54
N BTB S . -42.68 -24.64 31.74
C5 BTB S . -42.73 -24.21 33.14
C6 BTB S . -41.58 -23.32 33.55
O6 BTB S . -40.80 -24.00 34.54
C7 BTB S . -42.84 -26.10 31.71
C8 BTB S . -41.51 -26.83 31.90
O8 BTB S . -41.00 -26.67 33.23
CL CL T . -20.01 -17.54 8.80
GD GD U . 3.47 -0.89 5.49
C1 BTB V . -8.89 3.27 8.65
O1 BTB V . -8.59 2.67 9.92
C2 BTB V . -9.99 4.32 8.77
C3 BTB V . -9.75 5.29 7.60
O3 BTB V . -10.79 6.27 7.43
C4 BTB V . -9.89 5.01 10.14
O4 BTB V . -11.08 5.69 10.52
N BTB V . -11.33 3.69 8.61
C5 BTB V . -11.38 3.03 7.28
C6 BTB V . -12.82 2.77 6.84
O6 BTB V . -13.12 3.55 5.67
C7 BTB V . -11.63 2.72 9.68
C8 BTB V . -12.91 3.06 10.43
O8 BTB V . -12.76 4.32 11.12
CHA HEM W . 21.86 13.82 22.65
CHB HEM W . 18.01 15.48 25.17
CHC HEM W . 20.20 13.87 29.21
CHD HEM W . 24.44 13.65 26.78
C1A HEM W . 20.59 14.28 22.97
C2A HEM W . 19.50 14.53 22.04
C3A HEM W . 18.44 14.98 22.73
C4A HEM W . 18.82 15.06 24.12
CMA HEM W . 17.08 15.37 22.13
CAA HEM W . 19.52 14.27 20.51
CBA HEM W . 19.86 12.78 20.34
CGA HEM W . 19.40 12.20 19.03
O1A HEM W . 18.51 12.79 18.38
O2A HEM W . 19.92 11.12 18.65
C1B HEM W . 18.22 15.16 26.51
C2B HEM W . 17.30 15.36 27.62
C3B HEM W . 17.90 14.93 28.74
C4B HEM W . 19.22 14.43 28.39
CMB HEM W . 15.88 15.96 27.55
CAB HEM W . 17.21 14.98 30.13
CBB HEM W . 17.86 14.65 31.27
C1C HEM W . 21.53 13.63 28.87
C2C HEM W . 22.52 13.01 29.75
C3C HEM W . 23.70 12.94 29.08
C4C HEM W . 23.49 13.53 27.77
CMC HEM W . 22.18 12.52 31.17
CAC HEM W . 25.07 12.38 29.52
CBC HEM W . 25.36 11.81 30.69
C1D HEM W . 24.17 13.53 25.43
C2D HEM W . 25.08 13.09 24.39
C3D HEM W . 24.26 13.14 23.10
C4D HEM W . 22.94 13.62 23.50
CMD HEM W . 26.55 12.64 24.51
CAD HEM W . 24.78 12.77 21.69
CBD HEM W . 23.95 11.58 21.21
CGD HEM W . 24.73 10.78 20.21
O1D HEM W . 25.73 11.32 19.68
O2D HEM W . 24.33 9.61 19.94
NA HEM W . 20.15 14.64 24.24
NB HEM W . 19.37 14.61 27.03
NC HEM W . 22.18 13.94 27.68
ND HEM W . 22.94 13.83 24.86
FE HEM W . 21.30 14.53 25.98
N1 H4B X . 19.74 15.73 14.99
C2 H4B X . 19.44 14.81 15.93
N2 H4B X . 19.06 15.25 17.15
N3 H4B X . 19.53 13.49 15.65
C4 H4B X . 19.93 13.08 14.41
O4 H4B X . 20.01 11.85 14.13
C4A H4B X . 20.24 14.02 13.44
C8A H4B X . 20.13 15.36 13.75
N5 H4B X . 20.63 13.67 12.21
N8 H4B X . 20.42 16.32 12.84
C6 H4B X . 21.45 14.60 11.49
C7 H4B X . 20.80 15.99 11.48
C9 H4B X . 21.73 14.12 10.07
O9 H4B X . 20.52 13.99 9.34
C10 H4B X . 22.62 15.14 9.37
C11 H4B X . 23.19 14.58 8.07
O10 H4B X . 23.68 15.52 10.26
N25 9OJ Y . 24.95 5.01 13.35
C24 9OJ Y . 24.49 5.81 14.05
C23 9OJ Y . 24.08 6.71 14.84
C02 9OJ Y . 24.93 7.56 15.49
C01 9OJ Y . 26.43 7.46 15.26
C22 9OJ Y . 22.72 6.78 15.04
C21 9OJ Y . 22.21 7.72 15.89
C04 9OJ Y . 23.06 8.61 16.54
C03 9OJ Y . 24.43 8.53 16.37
C05 9OJ Y . 22.45 9.60 17.50
C06 9OJ Y . 21.72 8.76 18.54
N07 9OJ Y . 21.69 9.46 19.85
C08 9OJ Y . 21.11 8.51 20.83
C09 9OJ Y . 20.84 9.15 22.17
C20 9OJ Y . 19.66 9.84 22.40
C19 9OJ Y . 19.40 10.42 23.64
C12 9OJ Y . 20.34 10.30 24.67
C11 9OJ Y . 21.53 9.61 24.44
C10 9OJ Y . 21.77 9.04 23.20
N18 9OJ Y . 18.24 11.08 23.86
C16 9OJ Y . 17.97 11.66 25.05
N17 9OJ Y . 16.80 12.32 25.23
C15 9OJ Y . 18.89 11.56 26.10
C13 9OJ Y . 20.08 10.87 25.90
C14 9OJ Y . 21.07 10.76 27.02
C1 BTB Z . 1.08 4.27 -2.19
O1 BTB Z . 2.36 3.65 -2.09
C2 BTB Z . 1.30 5.68 -2.67
C3 BTB Z . 2.62 5.68 -3.45
O3 BTB Z . 3.72 5.56 -2.54
C4 BTB Z . 1.34 6.67 -1.51
O4 BTB Z . 2.56 6.54 -0.77
N BTB Z . 0.19 6.07 -3.55
C5 BTB Z . 0.20 7.54 -3.65
C6 BTB Z . -0.41 8.08 -4.94
O6 BTB Z . -1.64 8.76 -4.66
C7 BTB Z . 0.36 5.43 -4.86
C8 BTB Z . -0.91 4.73 -5.33
O8 BTB Z . -1.42 3.93 -4.25
C1 BTB AA . 37.28 -17.18 32.78
O1 BTB AA . 37.86 -16.85 34.06
C2 BTB AA . 38.39 -17.62 31.81
C3 BTB AA . 38.97 -18.96 32.24
O3 BTB AA . 38.96 -19.04 33.67
C4 BTB AA . 39.50 -16.57 31.80
O4 BTB AA . 40.48 -16.83 32.80
N BTB AA . 37.81 -17.75 30.44
C5 BTB AA . 38.88 -18.07 29.49
C6 BTB AA . 39.03 -16.99 28.42
O6 BTB AA . 40.25 -17.17 27.71
C7 BTB AA . 36.87 -18.89 30.41
C8 BTB AA . 35.45 -18.45 30.09
O8 BTB AA . 35.33 -18.23 28.68
C1 BTB BA . 43.36 10.28 24.35
O1 BTB BA . 42.74 10.44 25.63
C2 BTB BA . 42.31 10.33 23.27
C3 BTB BA . 40.94 10.37 23.93
O3 BTB BA . 40.48 9.02 24.04
C4 BTB BA . 42.39 9.01 22.50
O4 BTB BA . 42.71 7.98 23.45
N BTB BA . 42.49 11.51 22.37
C5 BTB BA . 42.85 12.74 23.13
C6 BTB BA . 41.65 13.58 23.60
O6 BTB BA . 42.11 14.82 24.15
C7 BTB BA . 43.56 11.21 21.40
C8 BTB BA . 43.91 12.42 20.53
O8 BTB BA . 45.11 13.02 21.03
ZN ZN CA . 32.05 23.75 9.64
C1 GOL DA . 31.85 3.60 47.04
O1 GOL DA . 31.82 3.71 45.63
C2 GOL DA . 31.28 4.85 47.69
O2 GOL DA . 30.94 5.81 46.71
C3 GOL DA . 32.31 5.47 48.62
O3 GOL DA . 31.90 6.79 48.90
CL CL EA . 15.96 6.53 20.44
GD GD FA . -13.22 5.82 8.24
CHA HEM GA . 18.21 30.70 -1.75
CHB HEM GA . 14.39 28.30 -3.56
CHC HEM GA . 15.27 30.03 -8.03
CHD HEM GA . 19.62 31.36 -6.37
C1A HEM GA . 17.02 30.01 -1.84
C2A HEM GA . 16.19 29.63 -0.71
C3A HEM GA . 15.12 28.98 -1.21
C4A HEM GA . 15.26 28.90 -2.66
CMA HEM GA . 13.96 28.39 -0.39
CAA HEM GA . 16.49 30.01 0.75
CBA HEM GA . 15.88 31.41 0.87
CGA HEM GA . 15.58 31.86 2.28
O1A HEM GA . 15.61 31.01 3.21
O2A HEM GA . 15.30 33.07 2.49
C1B HEM GA . 14.26 28.56 -4.92
C2B HEM GA . 13.18 28.13 -5.79
C3B HEM GA . 13.42 28.58 -7.03
C4B HEM GA . 14.64 29.36 -6.99
CMB HEM GA . 11.97 27.26 -5.38
CAB HEM GA . 12.47 28.31 -8.23
CBB HEM GA . 12.75 28.56 -9.51
C1C HEM GA . 16.52 30.62 -7.98
C2C HEM GA . 17.18 31.42 -9.00
C3C HEM GA . 18.38 31.80 -8.53
C4C HEM GA . 18.53 31.24 -7.20
CMC HEM GA . 16.53 31.75 -10.37
CAC HEM GA . 19.52 32.63 -9.19
CBC HEM GA . 19.59 32.94 -10.48
C1D HEM GA . 19.63 31.44 -4.98
C2D HEM GA . 20.63 32.10 -4.17
C3D HEM GA . 20.18 31.87 -2.73
C4D HEM GA . 18.96 31.12 -2.81
CMD HEM GA . 21.89 32.86 -4.63
CAD HEM GA . 20.89 32.42 -1.47
CBD HEM GA . 19.97 33.57 -1.09
CGD HEM GA . 20.48 34.40 0.05
O1D HEM GA . 21.41 33.92 0.74
O2D HEM GA . 19.96 35.54 0.26
NA HEM GA . 16.43 29.54 -3.00
NB HEM GA . 15.13 29.31 -5.68
NC HEM GA . 17.39 30.54 -6.91
ND HEM GA . 18.67 30.87 -4.14
FE HEM GA . 17.06 29.86 -4.91
N1 H4B HA . 17.68 28.45 6.35
C2 H4B HA . 17.02 29.15 5.39
N2 H4B HA . 16.70 28.52 4.25
N3 H4B HA . 16.70 30.45 5.57
C4 H4B HA . 17.03 31.10 6.71
O4 H4B HA . 16.71 32.31 6.85
C4A H4B HA . 17.70 30.38 7.70
C8A H4B HA . 18.03 29.04 7.50
N5 H4B HA . 18.06 30.94 8.87
N8 H4B HA . 18.70 28.32 8.43
C6 H4B HA . 19.25 30.40 9.50
C7 H4B HA . 19.12 28.89 9.69
C9 H4B HA . 19.52 31.14 10.80
O9 H4B HA . 18.29 31.19 11.53
C10 H4B HA . 20.61 30.41 11.59
C11 H4B HA . 21.02 31.19 12.83
O10 H4B HA . 21.71 30.14 10.72
N25 9OJ IA . 20.88 40.29 7.23
C24 9OJ IA . 20.34 39.46 6.60
C23 9OJ IA . 19.80 38.53 5.90
C02 9OJ IA . 20.60 37.69 5.18
C01 9OJ IA . 22.11 37.81 5.23
C22 9OJ IA . 18.41 38.41 5.83
C21 9OJ IA . 17.87 37.40 5.01
C04 9OJ IA . 18.69 36.54 4.29
C03 9OJ IA . 20.06 36.69 4.38
C05 9OJ IA . 18.12 35.46 3.42
C06 9OJ IA . 17.16 36.07 2.42
N07 9OJ IA . 17.13 35.25 1.20
C08 9OJ IA . 15.95 35.72 0.48
C09 9OJ IA . 15.79 34.99 -0.82
C20 9OJ IA . 14.69 34.17 -0.99
C19 9OJ IA . 14.51 33.50 -2.20
C12 9OJ IA . 15.43 33.68 -3.24
C11 9OJ IA . 16.53 34.50 -3.07
C10 9OJ IA . 16.71 35.18 -1.86
N18 9OJ IA . 13.45 32.68 -2.36
C16 9OJ IA . 13.24 32.02 -3.50
N17 9OJ IA . 12.15 31.22 -3.61
C15 9OJ IA . 14.13 32.18 -4.57
C13 9OJ IA . 15.23 33.01 -4.44
C14 9OJ IA . 16.21 33.18 -5.58
C1 BTB JA . -18.09 21.77 5.61
O1 BTB JA . -17.68 21.00 4.47
C2 BTB JA . -16.97 22.74 6.02
C3 BTB JA . -16.45 23.48 4.79
O3 BTB JA . -15.77 24.66 5.21
C4 BTB JA . -15.80 21.97 6.63
O4 BTB JA . -14.62 22.79 6.74
N BTB JA . -17.52 23.74 6.98
C5 BTB JA . -18.74 24.40 6.49
C6 BTB JA . -18.45 25.89 6.22
O6 BTB JA . -17.44 26.40 7.11
C7 BTB JA . -17.73 23.16 8.34
C8 BTB JA . -17.88 24.30 9.34
O8 BTB JA . -16.67 24.55 10.09
C1 BTB KA . 24.27 64.50 -8.58
O1 BTB KA . 24.38 65.63 -7.72
C2 BTB KA . 24.88 64.87 -9.90
C3 BTB KA . 26.03 63.88 -10.09
O3 BTB KA . 26.23 63.50 -11.46
C4 BTB KA . 25.43 66.29 -9.80
O4 BTB KA . 26.76 66.41 -10.32
N BTB KA . 23.87 64.84 -10.98
C5 BTB KA . 22.57 65.29 -10.42
C6 BTB KA . 21.83 66.34 -11.26
O6 BTB KA . 21.06 65.68 -12.26
C7 BTB KA . 24.26 65.73 -12.10
C8 BTB KA . 24.29 64.97 -13.41
O8 BTB KA . 23.54 63.77 -13.23
GD GD LA . -15.15 25.15 7.80
CL CL MA . 10.80 36.53 1.16
#